data_2JMO
#
_entry.id   2JMO
#
_cell.length_a   1.000
_cell.length_b   1.000
_cell.length_c   1.000
_cell.angle_alpha   90.00
_cell.angle_beta   90.00
_cell.angle_gamma   90.00
#
_symmetry.space_group_name_H-M   'P 1'
#
loop_
_entity.id
_entity.type
_entity.pdbx_description
1 polymer Parkin
2 non-polymer 'ZINC ION'
#
_entity_poly.entity_id   1
_entity_poly.type   'polypeptide(L)'
_entity_poly.pdbx_seq_one_letter_code
;GHMGEEQYNRYQQYGAEECVLQMGGVLCPRPGCGAGLLPEPDQRKVTCEGGNGLGCGFAFCRECKEAYHEGECSAVFEAS
;
_entity_poly.pdbx_strand_id   A
#
# COMPACT_ATOMS: atom_id res chain seq x y z
N GLY A 1 -40.74 0.98 -5.99
CA GLY A 1 -39.63 1.04 -5.06
C GLY A 1 -39.37 -0.28 -4.37
N HIS A 2 -38.74 -1.21 -5.08
CA HIS A 2 -38.43 -2.53 -4.53
C HIS A 2 -37.07 -2.53 -3.85
N MET A 3 -36.11 -1.83 -4.46
CA MET A 3 -34.77 -1.76 -3.91
C MET A 3 -34.79 -1.32 -2.45
N GLY A 4 -33.66 -1.47 -1.77
CA GLY A 4 -33.57 -1.09 -0.38
C GLY A 4 -32.69 -2.01 0.43
N GLU A 5 -31.42 -1.64 0.58
CA GLU A 5 -30.46 -2.45 1.32
C GLU A 5 -29.67 -1.59 2.31
N GLU A 6 -28.82 -2.23 3.09
CA GLU A 6 -28.00 -1.53 4.07
C GLU A 6 -26.59 -2.13 4.15
N GLN A 7 -25.64 -1.33 4.62
CA GLN A 7 -24.26 -1.79 4.73
C GLN A 7 -23.67 -1.37 6.07
N TYR A 8 -22.49 -1.90 6.38
CA TYR A 8 -21.82 -1.59 7.64
C TYR A 8 -21.63 -0.08 7.80
N ASN A 9 -22.45 0.52 8.66
CA ASN A 9 -22.37 1.95 8.90
C ASN A 9 -21.54 2.25 10.16
N ARG A 10 -21.12 3.51 10.29
CA ARG A 10 -20.31 3.93 11.43
C ARG A 10 -19.11 3.00 11.62
N TYR A 11 -18.60 2.48 10.51
CA TYR A 11 -17.45 1.56 10.56
C TYR A 11 -16.36 2.13 11.45
N GLN A 12 -16.18 3.44 11.41
CA GLN A 12 -15.16 4.11 12.22
C GLN A 12 -15.65 4.33 13.65
N GLN A 13 -14.95 3.77 14.62
CA GLN A 13 -15.33 3.90 16.02
C GLN A 13 -14.12 3.69 16.92
N TYR A 14 -14.32 3.85 18.23
CA TYR A 14 -13.26 3.68 19.19
C TYR A 14 -12.83 2.22 19.29
N GLY A 15 -13.82 1.34 19.40
CA GLY A 15 -13.53 -0.09 19.49
C GLY A 15 -12.48 -0.54 18.50
N ALA A 16 -12.70 -0.24 17.23
CA ALA A 16 -11.76 -0.61 16.18
C ALA A 16 -10.46 0.18 16.29
N GLU A 17 -9.35 -0.50 16.09
CA GLU A 17 -8.03 0.13 16.17
C GLU A 17 -7.23 -0.10 14.90
N GLU A 18 -6.61 0.97 14.40
CA GLU A 18 -5.81 0.89 13.18
C GLU A 18 -4.62 1.85 13.25
N CYS A 19 -3.42 1.30 13.15
CA CYS A 19 -2.20 2.09 13.20
C CYS A 19 -1.33 1.82 11.98
N VAL A 20 -1.22 2.82 11.10
CA VAL A 20 -0.42 2.68 9.89
C VAL A 20 -0.92 1.55 9.01
N LEU A 21 -2.23 1.51 8.79
CA LEU A 21 -2.84 0.48 7.97
C LEU A 21 -3.76 1.09 6.91
N GLN A 22 -3.28 1.15 5.68
CA GLN A 22 -4.06 1.72 4.59
C GLN A 22 -3.55 1.21 3.24
N MET A 23 -4.27 1.56 2.17
CA MET A 23 -3.90 1.14 0.83
C MET A 23 -3.67 2.35 -0.08
N GLY A 24 -3.25 2.09 -1.31
CA GLY A 24 -3.01 3.18 -2.25
C GLY A 24 -1.84 4.04 -1.84
N GLY A 25 -1.03 4.45 -2.83
CA GLY A 25 0.13 5.28 -2.54
C GLY A 25 1.15 4.58 -1.67
N VAL A 26 1.33 3.29 -1.89
CA VAL A 26 2.29 2.50 -1.12
C VAL A 26 3.55 2.21 -1.93
N LEU A 27 4.63 1.89 -1.23
CA LEU A 27 5.90 1.59 -1.89
C LEU A 27 6.43 0.24 -1.45
N CYS A 28 7.44 -0.25 -2.16
CA CYS A 28 8.02 -1.54 -1.83
C CYS A 28 8.59 -1.47 -0.42
N PRO A 29 8.00 -2.29 0.48
CA PRO A 29 8.41 -2.35 1.88
C PRO A 29 9.79 -2.98 2.05
N ARG A 30 10.39 -3.39 0.95
CA ARG A 30 11.71 -4.02 0.97
C ARG A 30 12.79 -2.98 1.22
N PRO A 31 13.93 -3.42 1.80
CA PRO A 31 15.06 -2.54 2.09
C PRO A 31 15.78 -2.07 0.83
N GLY A 32 16.00 -0.77 0.73
CA GLY A 32 16.67 -0.21 -0.43
C GLY A 32 15.73 0.02 -1.59
N CYS A 33 15.01 -1.02 -1.98
CA CYS A 33 14.07 -0.92 -3.09
C CYS A 33 12.93 0.00 -2.66
N GLY A 34 12.95 1.22 -3.17
CA GLY A 34 11.92 2.19 -2.84
C GLY A 34 10.94 2.40 -3.99
N ALA A 35 10.37 1.31 -4.47
CA ALA A 35 9.41 1.37 -5.58
C ALA A 35 8.10 2.03 -5.12
N GLY A 36 7.93 3.30 -5.48
CA GLY A 36 6.73 4.01 -5.10
C GLY A 36 5.71 4.07 -6.23
N LEU A 37 5.71 3.05 -7.08
CA LEU A 37 4.79 2.99 -8.21
C LEU A 37 3.36 2.73 -7.72
N LEU A 38 2.43 3.59 -8.14
CA LEU A 38 1.04 3.46 -7.76
C LEU A 38 0.47 2.13 -8.25
N PRO A 39 0.17 1.23 -7.29
CA PRO A 39 -0.39 -0.10 -7.60
C PRO A 39 -1.82 -0.02 -8.12
N GLU A 40 -2.18 -0.95 -8.98
CA GLU A 40 -3.53 -0.99 -9.55
C GLU A 40 -4.59 -0.94 -8.46
N PRO A 41 -5.82 -0.56 -8.83
CA PRO A 41 -6.94 -0.46 -7.90
C PRO A 41 -7.40 -1.83 -7.40
N ASP A 42 -6.64 -2.87 -7.74
CA ASP A 42 -6.98 -4.23 -7.34
C ASP A 42 -5.74 -4.96 -6.83
N GLN A 43 -5.70 -5.21 -5.52
CA GLN A 43 -4.57 -5.91 -4.92
C GLN A 43 -4.43 -7.33 -5.47
N ARG A 44 -5.43 -7.73 -6.26
CA ARG A 44 -5.41 -9.07 -6.86
C ARG A 44 -4.00 -9.48 -7.25
N LYS A 45 -3.29 -8.58 -7.92
CA LYS A 45 -1.92 -8.86 -8.35
C LYS A 45 -1.17 -7.56 -8.60
N VAL A 46 -0.23 -7.24 -7.70
CA VAL A 46 0.56 -6.03 -7.83
C VAL A 46 2.06 -6.34 -7.75
N THR A 47 2.76 -6.09 -8.84
CA THR A 47 4.20 -6.34 -8.91
C THR A 47 4.99 -5.07 -8.73
N CYS A 48 5.92 -5.07 -7.78
CA CYS A 48 6.74 -3.90 -7.52
C CYS A 48 7.64 -3.66 -8.74
N GLU A 49 7.62 -4.63 -9.65
CA GLU A 49 8.42 -4.55 -10.86
C GLU A 49 8.52 -3.11 -11.36
N GLY A 50 7.40 -2.58 -11.82
CA GLY A 50 7.36 -1.21 -12.31
C GLY A 50 8.11 -1.06 -13.63
N GLY A 51 9.43 -0.98 -13.55
CA GLY A 51 10.23 -0.82 -14.75
C GLY A 51 11.71 -0.70 -14.45
N ASN A 52 12.05 0.18 -13.50
CA ASN A 52 13.44 0.39 -13.12
C ASN A 52 14.03 -0.86 -12.46
N GLY A 53 15.30 -0.78 -12.10
CA GLY A 53 15.95 -1.91 -11.47
C GLY A 53 15.55 -2.08 -10.02
N LEU A 54 14.25 -2.02 -9.76
CA LEU A 54 13.73 -2.15 -8.40
C LEU A 54 12.90 -3.43 -8.27
N GLY A 55 12.24 -3.82 -9.35
CA GLY A 55 11.43 -5.02 -9.34
C GLY A 55 12.02 -6.11 -8.47
N CYS A 56 11.27 -6.56 -7.49
CA CYS A 56 11.74 -7.61 -6.59
C CYS A 56 11.38 -8.96 -7.21
N GLY A 57 10.21 -9.01 -7.84
CA GLY A 57 9.75 -10.22 -8.47
C GLY A 57 8.62 -10.88 -7.70
N PHE A 58 8.29 -10.33 -6.54
CA PHE A 58 7.23 -10.87 -5.70
C PHE A 58 6.15 -9.82 -5.46
N ALA A 59 4.95 -10.08 -5.99
CA ALA A 59 3.83 -9.17 -5.83
C ALA A 59 3.41 -9.05 -4.38
N PHE A 60 2.81 -7.93 -4.02
CA PHE A 60 2.35 -7.70 -2.65
C PHE A 60 0.87 -7.34 -2.62
N CYS A 61 0.33 -7.19 -1.42
CA CYS A 61 -1.08 -6.85 -1.27
C CYS A 61 -1.18 -5.36 -0.95
N ARG A 62 -1.67 -4.61 -1.93
CA ARG A 62 -1.84 -3.16 -1.79
C ARG A 62 -2.80 -2.83 -0.65
N GLU A 63 -3.72 -3.76 -0.39
CA GLU A 63 -4.70 -3.56 0.67
C GLU A 63 -4.03 -3.40 2.03
N CYS A 64 -3.12 -4.32 2.35
CA CYS A 64 -2.41 -4.26 3.61
C CYS A 64 -0.97 -3.86 3.33
N LYS A 65 -0.72 -3.50 2.07
CA LYS A 65 0.61 -3.08 1.65
C LYS A 65 1.68 -4.01 2.23
N GLU A 66 1.33 -5.27 2.39
CA GLU A 66 2.26 -6.26 2.93
C GLU A 66 2.42 -7.43 1.98
N ALA A 67 3.25 -8.40 2.37
CA ALA A 67 3.50 -9.58 1.56
C ALA A 67 2.18 -10.24 1.14
N TYR A 68 2.04 -10.48 -0.16
CA TYR A 68 0.83 -11.11 -0.69
C TYR A 68 0.50 -12.39 0.06
N HIS A 69 -0.66 -12.41 0.70
CA HIS A 69 -1.10 -13.59 1.45
C HIS A 69 -2.23 -14.31 0.73
N GLU A 70 -2.25 -15.63 0.87
CA GLU A 70 -3.28 -16.45 0.22
C GLU A 70 -4.57 -16.44 1.05
N GLY A 71 -4.69 -15.47 1.95
CA GLY A 71 -5.87 -15.38 2.79
C GLY A 71 -6.55 -14.04 2.67
N GLU A 72 -6.67 -13.34 3.80
CA GLU A 72 -7.31 -12.03 3.83
C GLU A 72 -6.55 -11.07 4.74
N CYS A 73 -6.75 -9.77 4.52
CA CYS A 73 -6.07 -8.77 5.33
C CYS A 73 -6.68 -8.81 6.73
N SER A 74 -7.93 -8.38 6.82
CA SER A 74 -8.66 -8.34 8.09
C SER A 74 -9.54 -9.58 8.24
N ALA A 75 -10.43 -9.78 7.28
CA ALA A 75 -11.34 -10.92 7.30
C ALA A 75 -11.76 -11.32 5.90
N VAL A 76 -12.13 -12.59 5.73
CA VAL A 76 -12.55 -13.09 4.43
C VAL A 76 -13.81 -12.39 3.95
N PHE A 77 -14.19 -12.66 2.70
CA PHE A 77 -15.39 -12.06 2.12
C PHE A 77 -16.43 -13.12 1.81
N GLU A 78 -17.63 -12.66 1.44
CA GLU A 78 -18.72 -13.57 1.12
C GLU A 78 -19.77 -12.88 0.26
N ALA A 79 -20.49 -13.65 -0.55
CA ALA A 79 -21.52 -13.11 -1.42
C ALA A 79 -22.60 -12.40 -0.60
N SER A 80 -22.99 -13.01 0.51
CA SER A 80 -24.02 -12.43 1.37
C SER A 80 -23.61 -11.04 1.84
N GLY A 1 -27.72 12.36 -0.92
CA GLY A 1 -28.92 12.89 -1.57
C GLY A 1 -28.60 13.91 -2.64
N HIS A 2 -27.78 14.90 -2.29
CA HIS A 2 -27.40 15.94 -3.24
C HIS A 2 -25.93 15.80 -3.64
N MET A 3 -25.63 16.13 -4.89
CA MET A 3 -24.26 16.04 -5.39
C MET A 3 -23.29 16.77 -4.47
N GLY A 4 -23.67 17.98 -4.06
CA GLY A 4 -22.83 18.77 -3.18
C GLY A 4 -22.50 20.13 -3.76
N GLU A 5 -23.37 21.11 -3.50
CA GLU A 5 -23.16 22.46 -4.00
C GLU A 5 -21.84 23.04 -3.50
N GLU A 6 -20.91 23.27 -4.42
CA GLU A 6 -19.61 23.82 -4.08
C GLU A 6 -18.90 24.37 -5.31
N GLN A 7 -17.77 25.03 -5.09
CA GLN A 7 -16.99 25.60 -6.19
C GLN A 7 -15.51 25.25 -6.05
N TYR A 8 -14.74 25.57 -7.09
CA TYR A 8 -13.31 25.28 -7.09
C TYR A 8 -12.50 26.56 -6.91
N ASN A 9 -11.75 26.63 -5.83
CA ASN A 9 -10.92 27.81 -5.54
C ASN A 9 -9.44 27.46 -5.62
N ARG A 10 -9.09 26.27 -5.15
CA ARG A 10 -7.70 25.81 -5.17
C ARG A 10 -7.17 25.75 -6.60
N TYR A 11 -6.19 26.59 -6.89
CA TYR A 11 -5.59 26.64 -8.22
C TYR A 11 -4.43 25.66 -8.33
N GLN A 12 -3.90 25.50 -9.54
CA GLN A 12 -2.79 24.60 -9.78
C GLN A 12 -3.16 23.16 -9.44
N GLN A 13 -4.37 22.76 -9.82
CA GLN A 13 -4.85 21.41 -9.55
C GLN A 13 -3.95 20.37 -10.20
N TYR A 14 -3.93 19.17 -9.64
CA TYR A 14 -3.10 18.10 -10.17
C TYR A 14 -3.98 16.95 -10.68
N GLY A 15 -5.06 16.67 -9.96
CA GLY A 15 -5.95 15.60 -10.36
C GLY A 15 -6.44 14.79 -9.17
N ALA A 16 -5.50 14.27 -8.39
CA ALA A 16 -5.84 13.47 -7.22
C ALA A 16 -5.08 13.94 -5.98
N GLU A 17 -5.80 14.13 -4.88
CA GLU A 17 -5.19 14.59 -3.64
C GLU A 17 -5.28 13.51 -2.56
N GLU A 18 -4.13 13.07 -2.07
CA GLU A 18 -4.08 12.04 -1.04
C GLU A 18 -4.47 12.62 0.32
N CYS A 19 -5.66 12.25 0.80
CA CYS A 19 -6.15 12.73 2.08
C CYS A 19 -6.52 11.56 3.00
N VAL A 20 -5.64 11.27 3.95
CA VAL A 20 -5.87 10.18 4.89
C VAL A 20 -6.18 8.88 4.16
N LEU A 21 -5.36 8.56 3.15
CA LEU A 21 -5.53 7.35 2.38
C LEU A 21 -4.99 6.14 3.11
N GLN A 22 -5.55 4.97 2.84
CA GLN A 22 -5.12 3.73 3.48
C GLN A 22 -4.09 3.00 2.62
N MET A 23 -4.50 2.62 1.42
CA MET A 23 -3.61 1.91 0.51
C MET A 23 -3.01 2.87 -0.51
N GLY A 24 -3.76 3.92 -0.84
CA GLY A 24 -3.28 4.89 -1.81
C GLY A 24 -1.87 5.36 -1.50
N GLY A 25 -0.90 4.84 -2.25
CA GLY A 25 0.49 5.22 -2.05
C GLY A 25 1.26 4.17 -1.28
N VAL A 26 2.20 3.51 -1.95
CA VAL A 26 3.01 2.48 -1.33
C VAL A 26 4.40 2.41 -1.97
N LEU A 27 5.40 2.12 -1.15
CA LEU A 27 6.78 2.02 -1.63
C LEU A 27 7.47 0.78 -1.08
N CYS A 28 8.57 0.40 -1.70
CA CYS A 28 9.30 -0.78 -1.26
C CYS A 28 10.26 -0.35 -0.15
N PRO A 29 10.11 -1.00 1.02
CA PRO A 29 10.94 -0.73 2.19
C PRO A 29 12.38 -1.20 2.01
N ARG A 30 12.61 -1.99 0.97
CA ARG A 30 13.94 -2.50 0.68
C ARG A 30 14.93 -1.36 0.45
N PRO A 31 16.14 -1.50 1.01
CA PRO A 31 17.21 -0.50 0.89
C PRO A 31 17.76 -0.42 -0.53
N GLY A 32 17.15 0.42 -1.36
CA GLY A 32 17.59 0.59 -2.72
C GLY A 32 16.47 0.43 -3.72
N CYS A 33 15.70 -0.65 -3.59
CA CYS A 33 14.60 -0.91 -4.49
C CYS A 33 13.87 0.41 -4.74
N GLY A 34 13.29 0.95 -3.68
CA GLY A 34 12.56 2.20 -3.78
C GLY A 34 11.54 2.20 -4.90
N ALA A 35 10.55 1.32 -4.79
CA ALA A 35 9.51 1.22 -5.81
C ALA A 35 8.66 2.48 -5.85
N GLY A 36 8.11 2.86 -4.70
CA GLY A 36 7.28 4.05 -4.63
C GLY A 36 6.39 4.21 -5.84
N LEU A 37 5.64 3.16 -6.18
CA LEU A 37 4.76 3.18 -7.33
C LEU A 37 3.33 2.84 -6.91
N LEU A 38 2.37 3.63 -7.37
CA LEU A 38 0.97 3.41 -7.07
C LEU A 38 0.54 2.00 -7.46
N PRO A 39 -0.09 1.28 -6.50
CA PRO A 39 -0.56 -0.09 -6.71
C PRO A 39 -1.74 -0.15 -7.68
N GLU A 40 -1.84 -1.24 -8.42
CA GLU A 40 -2.93 -1.42 -9.37
C GLU A 40 -4.29 -1.28 -8.69
N PRO A 41 -5.33 -1.02 -9.48
CA PRO A 41 -6.69 -0.86 -8.98
C PRO A 41 -7.28 -2.17 -8.46
N ASP A 42 -6.47 -3.23 -8.49
CA ASP A 42 -6.92 -4.54 -8.03
C ASP A 42 -5.81 -5.24 -7.25
N GLN A 43 -5.93 -5.24 -5.93
CA GLN A 43 -4.94 -5.89 -5.07
C GLN A 43 -4.72 -7.33 -5.49
N ARG A 44 -5.69 -7.90 -6.19
CA ARG A 44 -5.60 -9.28 -6.65
C ARG A 44 -4.17 -9.64 -7.02
N LYS A 45 -3.49 -8.72 -7.71
CA LYS A 45 -2.11 -8.94 -8.11
C LYS A 45 -1.39 -7.62 -8.33
N VAL A 46 -0.56 -7.24 -7.36
CA VAL A 46 0.20 -6.00 -7.45
C VAL A 46 1.70 -6.27 -7.51
N THR A 47 2.31 -5.91 -8.64
CA THR A 47 3.74 -6.12 -8.83
C THR A 47 4.53 -4.87 -8.45
N CYS A 48 5.57 -5.05 -7.66
CA CYS A 48 6.39 -3.94 -7.23
C CYS A 48 7.30 -3.54 -8.39
N GLU A 49 7.44 -4.47 -9.33
CA GLU A 49 8.28 -4.24 -10.51
C GLU A 49 7.62 -3.24 -11.46
N GLY A 50 6.44 -3.61 -11.97
CA GLY A 50 5.72 -2.75 -12.88
C GLY A 50 6.19 -2.91 -14.32
N GLY A 51 7.07 -2.01 -14.75
CA GLY A 51 7.58 -2.07 -16.11
C GLY A 51 8.50 -0.91 -16.43
N ASN A 52 9.18 -0.38 -15.42
CA ASN A 52 10.08 0.74 -15.60
C ASN A 52 11.52 0.26 -15.71
N GLY A 53 11.97 -0.49 -14.71
CA GLY A 53 13.33 -1.00 -14.72
C GLY A 53 13.57 -2.01 -13.62
N LEU A 54 13.30 -1.62 -12.38
CA LEU A 54 13.49 -2.49 -11.24
C LEU A 54 12.40 -3.56 -11.17
N GLY A 55 12.60 -4.57 -10.33
CA GLY A 55 11.63 -5.63 -10.19
C GLY A 55 11.97 -6.58 -9.06
N CYS A 56 11.19 -6.53 -7.99
CA CYS A 56 11.43 -7.39 -6.85
C CYS A 56 11.15 -8.84 -7.27
N GLY A 57 9.93 -9.04 -7.78
CA GLY A 57 9.53 -10.36 -8.23
C GLY A 57 8.49 -10.98 -7.32
N PHE A 58 8.09 -10.25 -6.28
CA PHE A 58 7.10 -10.75 -5.34
C PHE A 58 5.98 -9.73 -5.15
N ALA A 59 4.84 -9.98 -5.78
CA ALA A 59 3.69 -9.09 -5.68
C ALA A 59 3.17 -9.01 -4.25
N PHE A 60 2.51 -7.92 -3.92
CA PHE A 60 1.96 -7.72 -2.58
C PHE A 60 0.49 -7.34 -2.65
N CYS A 61 -0.13 -7.23 -1.47
CA CYS A 61 -1.54 -6.87 -1.41
C CYS A 61 -1.64 -5.37 -1.11
N ARG A 62 -2.23 -4.65 -2.05
CA ARG A 62 -2.41 -3.20 -1.91
C ARG A 62 -3.35 -2.88 -0.76
N GLU A 63 -4.37 -3.71 -0.59
CA GLU A 63 -5.35 -3.50 0.48
C GLU A 63 -4.64 -3.27 1.82
N CYS A 64 -3.71 -4.15 2.15
CA CYS A 64 -2.97 -4.02 3.39
C CYS A 64 -1.53 -3.61 3.07
N LYS A 65 -1.29 -3.38 1.79
CA LYS A 65 0.03 -2.98 1.31
C LYS A 65 1.12 -3.81 1.96
N GLU A 66 0.80 -5.07 2.27
CA GLU A 66 1.76 -5.97 2.89
C GLU A 66 2.03 -7.18 2.01
N ALA A 67 2.90 -8.07 2.48
CA ALA A 67 3.24 -9.27 1.73
C ALA A 67 2.00 -10.03 1.31
N TYR A 68 1.94 -10.39 0.03
CA TYR A 68 0.79 -11.12 -0.51
C TYR A 68 0.50 -12.37 0.33
N HIS A 69 -0.69 -12.40 0.92
CA HIS A 69 -1.10 -13.53 1.75
C HIS A 69 -2.02 -14.47 0.97
N GLU A 70 -1.89 -15.77 1.24
CA GLU A 70 -2.71 -16.76 0.56
C GLU A 70 -4.08 -16.88 1.23
N GLY A 71 -4.43 -15.88 2.04
CA GLY A 71 -5.70 -15.88 2.72
C GLY A 71 -6.50 -14.63 2.46
N GLU A 72 -6.31 -13.62 3.32
CA GLU A 72 -7.02 -12.35 3.17
C GLU A 72 -6.69 -11.40 4.31
N CYS A 73 -6.70 -10.11 4.02
CA CYS A 73 -6.38 -9.11 5.04
C CYS A 73 -7.01 -9.56 6.35
N SER A 74 -8.26 -10.01 6.26
CA SER A 74 -9.00 -10.46 7.44
C SER A 74 -8.38 -11.73 8.00
N ALA A 75 -8.06 -12.67 7.12
CA ALA A 75 -7.47 -13.94 7.53
C ALA A 75 -6.22 -13.71 8.38
N VAL A 76 -6.15 -14.37 9.52
CA VAL A 76 -5.01 -14.23 10.42
C VAL A 76 -3.90 -15.21 10.04
N PHE A 77 -2.71 -14.67 9.76
CA PHE A 77 -1.57 -15.50 9.38
C PHE A 77 -0.43 -15.33 10.37
N GLU A 78 0.40 -16.37 10.50
CA GLU A 78 1.53 -16.33 11.41
C GLU A 78 2.83 -16.70 10.69
N ALA A 79 3.95 -16.24 11.24
CA ALA A 79 5.25 -16.52 10.65
C ALA A 79 5.89 -17.76 11.28
N SER A 80 6.60 -18.52 10.47
CA SER A 80 7.25 -19.74 10.94
C SER A 80 8.07 -19.46 12.21
N GLY A 1 2.70 20.49 36.51
CA GLY A 1 3.18 19.68 35.40
C GLY A 1 4.57 19.12 35.64
N HIS A 2 4.64 18.01 36.36
CA HIS A 2 5.92 17.39 36.67
C HIS A 2 6.47 16.67 35.44
N MET A 3 7.74 16.27 35.52
CA MET A 3 8.40 15.57 34.42
C MET A 3 8.45 16.46 33.17
N GLY A 4 8.77 17.73 33.38
CA GLY A 4 8.86 18.66 32.27
C GLY A 4 10.20 18.60 31.57
N GLU A 5 10.18 18.40 30.25
CA GLU A 5 11.40 18.34 29.47
C GLU A 5 11.29 19.17 28.20
N GLU A 6 12.38 19.24 27.44
CA GLU A 6 12.40 20.01 26.20
C GLU A 6 12.93 19.16 25.04
N GLN A 7 12.34 19.34 23.87
CA GLN A 7 12.75 18.60 22.69
C GLN A 7 12.17 19.22 21.42
N TYR A 8 12.80 18.93 20.28
CA TYR A 8 12.34 19.46 19.00
C TYR A 8 11.05 18.79 18.56
N ASN A 9 10.26 19.51 17.76
CA ASN A 9 8.99 18.98 17.28
C ASN A 9 8.66 19.56 15.90
N ARG A 10 7.62 19.02 15.28
CA ARG A 10 7.19 19.49 13.96
C ARG A 10 5.67 19.44 13.83
N TYR A 11 5.04 20.59 13.95
CA TYR A 11 3.58 20.68 13.84
C TYR A 11 3.07 19.85 12.67
N GLN A 12 3.66 20.06 11.50
CA GLN A 12 3.27 19.33 10.30
C GLN A 12 2.90 17.89 10.64
N GLN A 13 3.80 17.19 11.32
CA GLN A 13 3.58 15.81 11.70
C GLN A 13 3.24 15.70 13.18
N TYR A 14 2.87 14.50 13.62
CA TYR A 14 2.53 14.27 15.02
C TYR A 14 3.62 13.47 15.72
N GLY A 15 3.58 13.46 17.04
CA GLY A 15 4.56 12.72 17.82
C GLY A 15 4.93 11.40 17.18
N ALA A 16 3.93 10.68 16.70
CA ALA A 16 4.15 9.38 16.06
C ALA A 16 4.59 9.56 14.61
N GLU A 17 5.05 8.46 14.00
CA GLU A 17 5.50 8.50 12.62
C GLU A 17 4.45 7.91 11.68
N GLU A 18 3.74 8.78 10.98
CA GLU A 18 2.70 8.34 10.06
C GLU A 18 2.67 9.23 8.81
N CYS A 19 3.07 8.65 7.68
CA CYS A 19 3.09 9.39 6.42
C CYS A 19 2.58 8.52 5.28
N VAL A 20 1.33 8.75 4.87
CA VAL A 20 0.73 7.99 3.78
C VAL A 20 0.83 6.48 4.04
N LEU A 21 0.47 6.08 5.25
CA LEU A 21 0.51 4.66 5.62
C LEU A 21 -0.71 3.92 5.10
N GLN A 22 -1.43 4.54 4.17
CA GLN A 22 -2.62 3.94 3.60
C GLN A 22 -2.29 3.22 2.30
N MET A 23 -3.25 2.44 1.79
CA MET A 23 -3.05 1.70 0.55
C MET A 23 -2.84 2.66 -0.63
N GLY A 24 -2.48 2.09 -1.77
CA GLY A 24 -2.26 2.90 -2.96
C GLY A 24 -0.87 3.52 -2.98
N GLY A 25 -0.77 4.77 -2.56
CA GLY A 25 0.50 5.47 -2.53
C GLY A 25 1.47 4.86 -1.55
N VAL A 26 2.09 3.74 -1.93
CA VAL A 26 3.04 3.06 -1.06
C VAL A 26 4.29 2.67 -1.82
N LEU A 27 5.25 2.08 -1.13
CA LEU A 27 6.50 1.65 -1.74
C LEU A 27 6.92 0.26 -1.25
N CYS A 28 7.81 -0.38 -1.98
CA CYS A 28 8.28 -1.71 -1.61
C CYS A 28 8.74 -1.66 -0.15
N PRO A 29 8.25 -2.62 0.63
CA PRO A 29 8.58 -2.74 2.05
C PRO A 29 10.02 -3.16 2.28
N ARG A 30 10.63 -3.76 1.25
CA ARG A 30 12.02 -4.22 1.34
C ARG A 30 12.95 -3.03 1.57
N PRO A 31 14.01 -3.26 2.38
CA PRO A 31 14.99 -2.23 2.70
C PRO A 31 15.87 -1.88 1.50
N GLY A 32 15.58 -0.74 0.87
CA GLY A 32 16.35 -0.31 -0.28
C GLY A 32 15.50 -0.11 -1.51
N CYS A 33 14.92 -1.19 -2.00
CA CYS A 33 14.07 -1.10 -3.19
C CYS A 33 12.93 -0.13 -2.89
N GLY A 34 13.05 1.06 -3.48
CA GLY A 34 12.04 2.08 -3.28
C GLY A 34 11.02 2.12 -4.40
N ALA A 35 10.48 0.95 -4.74
CA ALA A 35 9.48 0.85 -5.80
C ALA A 35 8.61 2.09 -5.85
N GLY A 36 7.92 2.38 -4.75
CA GLY A 36 7.06 3.55 -4.70
C GLY A 36 6.30 3.76 -6.00
N LEU A 37 5.27 2.97 -6.21
CA LEU A 37 4.46 3.08 -7.42
C LEU A 37 2.99 2.78 -7.13
N LEU A 38 2.11 3.69 -7.56
CA LEU A 38 0.68 3.52 -7.34
C LEU A 38 0.16 2.28 -8.07
N PRO A 39 -0.23 1.26 -7.29
CA PRO A 39 -0.76 0.01 -7.85
C PRO A 39 -2.14 0.19 -8.48
N GLU A 40 -2.68 -0.91 -9.00
CA GLU A 40 -4.00 -0.87 -9.64
C GLU A 40 -5.10 -0.93 -8.59
N PRO A 41 -6.34 -0.67 -9.02
CA PRO A 41 -7.52 -0.70 -8.14
C PRO A 41 -7.87 -2.11 -7.69
N ASP A 42 -7.03 -3.07 -8.06
CA ASP A 42 -7.26 -4.46 -7.69
C ASP A 42 -6.00 -5.08 -7.10
N GLN A 43 -5.96 -5.21 -5.78
CA GLN A 43 -4.81 -5.78 -5.10
C GLN A 43 -4.58 -7.22 -5.53
N ARG A 44 -5.59 -7.81 -6.16
CA ARG A 44 -5.50 -9.19 -6.63
C ARG A 44 -4.08 -9.52 -7.06
N LYS A 45 -3.44 -8.58 -7.74
CA LYS A 45 -2.07 -8.77 -8.22
C LYS A 45 -1.35 -7.44 -8.35
N VAL A 46 -0.43 -7.17 -7.42
CA VAL A 46 0.33 -5.93 -7.44
C VAL A 46 1.83 -6.20 -7.54
N THR A 47 2.43 -5.77 -8.64
CA THR A 47 3.86 -5.98 -8.86
C THR A 47 4.66 -4.76 -8.42
N CYS A 48 5.92 -4.97 -8.10
CA CYS A 48 6.79 -3.88 -7.67
C CYS A 48 7.74 -3.53 -8.81
N GLU A 49 7.90 -4.50 -9.72
CA GLU A 49 8.77 -4.31 -10.87
C GLU A 49 8.63 -2.91 -11.45
N GLY A 50 7.41 -2.41 -11.49
CA GLY A 50 7.16 -1.09 -12.02
C GLY A 50 8.29 -0.13 -11.75
N GLY A 51 9.24 -0.04 -12.69
CA GLY A 51 10.37 0.85 -12.53
C GLY A 51 11.62 0.33 -13.22
N ASN A 52 12.72 0.27 -12.49
CA ASN A 52 13.98 -0.21 -13.04
C ASN A 52 14.83 -0.87 -11.97
N GLY A 53 15.00 -2.19 -12.06
CA GLY A 53 15.79 -2.91 -11.08
C GLY A 53 15.04 -3.16 -9.79
N LEU A 54 14.37 -2.12 -9.29
CA LEU A 54 13.61 -2.22 -8.06
C LEU A 54 12.84 -3.55 -7.99
N GLY A 55 12.33 -3.97 -9.14
CA GLY A 55 11.58 -5.22 -9.20
C GLY A 55 12.22 -6.31 -8.36
N CYS A 56 11.51 -6.75 -7.33
CA CYS A 56 12.03 -7.80 -6.46
C CYS A 56 11.60 -9.15 -7.04
N GLY A 57 10.44 -9.14 -7.69
CA GLY A 57 9.92 -10.36 -8.28
C GLY A 57 8.85 -11.02 -7.43
N PHE A 58 8.37 -10.29 -6.42
CA PHE A 58 7.35 -10.82 -5.53
C PHE A 58 6.25 -9.78 -5.30
N ALA A 59 5.11 -9.98 -5.96
CA ALA A 59 3.99 -9.06 -5.83
C ALA A 59 3.51 -8.98 -4.38
N PHE A 60 2.82 -7.89 -4.05
CA PHE A 60 2.31 -7.69 -2.69
C PHE A 60 0.83 -7.33 -2.72
N CYS A 61 0.26 -7.13 -1.54
CA CYS A 61 -1.15 -6.78 -1.44
C CYS A 61 -1.25 -5.29 -1.12
N ARG A 62 -1.78 -4.54 -2.09
CA ARG A 62 -1.95 -3.11 -1.94
C ARG A 62 -2.87 -2.78 -0.78
N GLU A 63 -3.92 -3.59 -0.62
CA GLU A 63 -4.89 -3.38 0.45
C GLU A 63 -4.18 -3.20 1.79
N CYS A 64 -3.34 -4.17 2.14
CA CYS A 64 -2.61 -4.10 3.40
C CYS A 64 -1.18 -3.65 3.10
N LYS A 65 -0.93 -3.37 1.83
CA LYS A 65 0.38 -2.92 1.38
C LYS A 65 1.48 -3.78 2.00
N GLU A 66 1.18 -5.05 2.21
CA GLU A 66 2.15 -5.98 2.79
C GLU A 66 2.35 -7.20 1.89
N ALA A 67 3.24 -8.09 2.30
CA ALA A 67 3.54 -9.29 1.53
C ALA A 67 2.26 -10.04 1.18
N TYR A 68 2.14 -10.45 -0.08
CA TYR A 68 0.96 -11.17 -0.53
C TYR A 68 0.68 -12.38 0.36
N HIS A 69 -0.57 -12.51 0.79
CA HIS A 69 -0.97 -13.62 1.66
C HIS A 69 -1.96 -14.53 0.93
N GLU A 70 -1.90 -15.82 1.25
CA GLU A 70 -2.79 -16.80 0.64
C GLU A 70 -4.14 -16.82 1.35
N GLY A 71 -4.43 -15.77 2.10
CA GLY A 71 -5.69 -15.69 2.82
C GLY A 71 -6.43 -14.40 2.53
N GLU A 72 -6.35 -13.45 3.46
CA GLU A 72 -7.02 -12.16 3.30
C GLU A 72 -6.52 -11.15 4.33
N CYS A 73 -6.65 -9.88 4.00
CA CYS A 73 -6.20 -8.83 4.91
C CYS A 73 -6.85 -9.07 6.28
N SER A 74 -8.16 -9.32 6.24
CA SER A 74 -8.91 -9.56 7.47
C SER A 74 -8.80 -11.03 7.89
N ALA A 75 -7.79 -11.71 7.36
CA ALA A 75 -7.58 -13.11 7.69
C ALA A 75 -6.34 -13.27 8.57
N VAL A 76 -6.57 -13.61 9.84
CA VAL A 76 -5.49 -13.80 10.79
C VAL A 76 -4.52 -14.89 10.32
N PHE A 77 -3.48 -15.12 11.11
CA PHE A 77 -2.48 -16.14 10.76
C PHE A 77 -2.64 -17.37 11.65
N GLU A 78 -3.15 -18.46 11.06
CA GLU A 78 -3.36 -19.69 11.79
C GLU A 78 -2.53 -20.83 11.19
N ALA A 79 -2.24 -21.83 12.01
CA ALA A 79 -1.45 -22.97 11.56
C ALA A 79 -2.07 -23.62 10.32
N SER A 80 -1.23 -24.22 9.48
CA SER A 80 -1.71 -24.87 8.26
C SER A 80 -1.00 -26.20 8.04
N GLY A 1 -0.78 28.60 -34.00
CA GLY A 1 -1.45 29.68 -33.30
C GLY A 1 -2.92 29.77 -33.65
N HIS A 2 -3.64 28.67 -33.43
CA HIS A 2 -5.07 28.62 -33.73
C HIS A 2 -5.81 29.75 -33.01
N MET A 3 -5.64 29.83 -31.70
CA MET A 3 -6.29 30.87 -30.90
C MET A 3 -5.31 31.98 -30.56
N GLY A 4 -5.81 33.03 -29.93
CA GLY A 4 -4.97 34.16 -29.56
C GLY A 4 -5.69 35.17 -28.70
N GLU A 5 -6.22 34.70 -27.56
CA GLU A 5 -6.95 35.58 -26.65
C GLU A 5 -6.13 35.85 -25.38
N GLU A 6 -4.84 35.54 -25.45
CA GLU A 6 -3.95 35.74 -24.31
C GLU A 6 -4.36 34.87 -23.13
N GLN A 7 -4.76 33.63 -23.43
CA GLN A 7 -5.17 32.70 -22.41
C GLN A 7 -4.80 31.26 -22.78
N TYR A 8 -3.87 30.68 -22.03
CA TYR A 8 -3.42 29.32 -22.28
C TYR A 8 -2.61 28.79 -21.10
N ASN A 9 -2.48 27.47 -21.04
CA ASN A 9 -1.72 26.82 -19.96
C ASN A 9 -2.25 27.26 -18.60
N ARG A 10 -3.56 27.33 -18.48
CA ARG A 10 -4.20 27.73 -17.22
C ARG A 10 -5.38 26.83 -16.89
N TYR A 11 -5.17 25.90 -15.97
CA TYR A 11 -6.23 24.98 -15.57
C TYR A 11 -6.37 24.95 -14.05
N GLN A 12 -7.60 25.21 -13.58
CA GLN A 12 -7.88 25.21 -12.15
C GLN A 12 -8.43 23.87 -11.69
N GLN A 13 -7.88 23.35 -10.61
CA GLN A 13 -8.33 22.06 -10.06
C GLN A 13 -8.30 22.07 -8.54
N TYR A 14 -9.05 21.15 -7.94
CA TYR A 14 -9.11 21.06 -6.48
C TYR A 14 -9.46 19.64 -6.05
N GLY A 15 -9.31 19.37 -4.75
CA GLY A 15 -9.62 18.05 -4.23
C GLY A 15 -8.54 17.04 -4.56
N ALA A 16 -7.90 16.50 -3.53
CA ALA A 16 -6.85 15.50 -3.72
C ALA A 16 -7.44 14.11 -3.92
N GLU A 17 -6.75 13.30 -4.71
CA GLU A 17 -7.21 11.94 -4.98
C GLU A 17 -7.13 11.07 -3.73
N GLU A 18 -6.02 11.19 -3.00
CA GLU A 18 -5.83 10.43 -1.78
C GLU A 18 -5.99 11.30 -0.55
N CYS A 19 -6.76 10.82 0.42
CA CYS A 19 -7.01 11.56 1.64
C CYS A 19 -7.17 10.62 2.83
N VAL A 20 -6.23 10.69 3.78
CA VAL A 20 -6.26 9.84 4.96
C VAL A 20 -6.28 8.37 4.57
N LEU A 21 -5.39 7.99 3.67
CA LEU A 21 -5.30 6.61 3.22
C LEU A 21 -4.10 5.90 3.85
N GLN A 22 -4.11 4.57 3.79
CA GLN A 22 -3.03 3.78 4.36
C GLN A 22 -2.31 2.98 3.28
N MET A 23 -3.04 2.61 2.23
CA MET A 23 -2.48 1.85 1.13
C MET A 23 -1.92 2.77 0.05
N GLY A 24 -2.64 3.85 -0.23
CA GLY A 24 -2.21 4.79 -1.24
C GLY A 24 -0.71 5.02 -1.20
N GLY A 25 -0.03 4.63 -2.28
CA GLY A 25 1.40 4.81 -2.36
C GLY A 25 2.15 3.73 -1.59
N VAL A 26 1.93 2.48 -1.96
CA VAL A 26 2.59 1.36 -1.30
C VAL A 26 4.10 1.42 -1.48
N LEU A 27 4.79 1.87 -0.43
CA LEU A 27 6.24 1.98 -0.46
C LEU A 27 6.90 0.63 -0.19
N CYS A 28 7.69 0.16 -1.14
CA CYS A 28 8.38 -1.11 -0.98
C CYS A 28 9.28 -1.02 0.23
N PRO A 29 9.04 -1.93 1.20
CA PRO A 29 9.81 -1.99 2.44
C PRO A 29 11.25 -2.47 2.21
N ARG A 30 11.54 -2.88 0.98
CA ARG A 30 12.87 -3.35 0.64
C ARG A 30 13.90 -2.23 0.74
N PRO A 31 15.05 -2.53 1.36
CA PRO A 31 16.14 -1.57 1.54
C PRO A 31 16.82 -1.21 0.22
N GLY A 32 16.59 0.02 -0.24
CA GLY A 32 17.20 0.46 -1.48
C GLY A 32 16.20 0.54 -2.62
N CYS A 33 15.22 -0.36 -2.61
CA CYS A 33 14.21 -0.38 -3.65
C CYS A 33 13.15 0.68 -3.31
N GLY A 34 13.11 1.72 -4.13
CA GLY A 34 12.17 2.79 -3.93
C GLY A 34 11.00 2.73 -4.90
N ALA A 35 10.47 1.52 -5.10
CA ALA A 35 9.35 1.32 -6.01
C ALA A 35 8.42 2.53 -6.00
N GLY A 36 7.80 2.79 -4.84
CA GLY A 36 6.89 3.91 -4.72
C GLY A 36 5.94 4.01 -5.90
N LEU A 37 5.61 2.87 -6.49
CA LEU A 37 4.71 2.84 -7.64
C LEU A 37 3.26 2.61 -7.19
N LEU A 38 2.32 3.27 -7.87
CA LEU A 38 0.91 3.13 -7.53
C LEU A 38 0.32 1.88 -8.16
N PRO A 39 -0.07 0.91 -7.31
CA PRO A 39 -0.66 -0.34 -7.76
C PRO A 39 -2.06 -0.16 -8.34
N GLU A 40 -2.50 -1.12 -9.14
CA GLU A 40 -3.82 -1.06 -9.75
C GLU A 40 -4.91 -0.96 -8.70
N PRO A 41 -6.14 -0.67 -9.14
CA PRO A 41 -7.30 -0.53 -8.24
C PRO A 41 -7.72 -1.87 -7.64
N ASP A 42 -6.94 -2.91 -7.92
CA ASP A 42 -7.24 -4.25 -7.40
C ASP A 42 -6.00 -4.88 -6.80
N GLN A 43 -6.10 -5.27 -5.53
CA GLN A 43 -4.98 -5.90 -4.83
C GLN A 43 -4.88 -7.37 -5.18
N ARG A 44 -5.56 -7.78 -6.24
CA ARG A 44 -5.54 -9.17 -6.68
C ARG A 44 -4.14 -9.57 -7.15
N LYS A 45 -3.43 -8.63 -7.75
CA LYS A 45 -2.08 -8.89 -8.25
C LYS A 45 -1.30 -7.60 -8.39
N VAL A 46 -0.41 -7.33 -7.43
CA VAL A 46 0.40 -6.13 -7.45
C VAL A 46 1.89 -6.47 -7.54
N THR A 47 2.52 -6.02 -8.62
CA THR A 47 3.94 -6.27 -8.82
C THR A 47 4.78 -5.03 -8.52
N CYS A 48 6.02 -5.26 -8.11
CA CYS A 48 6.91 -4.15 -7.79
C CYS A 48 7.74 -3.82 -9.02
N GLU A 49 7.71 -4.75 -9.98
CA GLU A 49 8.45 -4.59 -11.23
C GLU A 49 7.53 -4.11 -12.35
N GLY A 50 6.30 -4.62 -12.37
CA GLY A 50 5.35 -4.23 -13.39
C GLY A 50 6.00 -4.02 -14.74
N GLY A 51 6.06 -2.75 -15.16
CA GLY A 51 6.66 -2.43 -16.45
C GLY A 51 7.70 -1.33 -16.33
N ASN A 52 8.65 -1.50 -15.42
CA ASN A 52 9.70 -0.52 -15.21
C ASN A 52 10.99 -1.19 -14.74
N GLY A 53 12.12 -0.55 -15.05
CA GLY A 53 13.41 -1.10 -14.65
C GLY A 53 13.34 -1.82 -13.31
N LEU A 54 12.81 -1.15 -12.30
CA LEU A 54 12.69 -1.74 -10.97
C LEU A 54 11.99 -3.09 -11.04
N GLY A 55 11.88 -3.76 -9.88
CA GLY A 55 11.23 -5.05 -9.83
C GLY A 55 11.82 -5.95 -8.77
N CYS A 56 11.03 -6.27 -7.75
CA CYS A 56 11.50 -7.12 -6.67
C CYS A 56 11.38 -8.58 -7.13
N GLY A 57 10.23 -8.88 -7.73
CA GLY A 57 9.98 -10.24 -8.20
C GLY A 57 8.93 -10.95 -7.39
N PHE A 58 8.41 -10.29 -6.37
CA PHE A 58 7.39 -10.87 -5.50
C PHE A 58 6.26 -9.88 -5.25
N ALA A 59 5.14 -10.09 -5.93
CA ALA A 59 3.98 -9.23 -5.79
C ALA A 59 3.54 -9.14 -4.33
N PHE A 60 2.73 -8.14 -4.02
CA PHE A 60 2.23 -7.94 -2.66
C PHE A 60 0.77 -7.52 -2.66
N CYS A 61 0.21 -7.33 -1.48
CA CYS A 61 -1.17 -6.93 -1.36
C CYS A 61 -1.21 -5.42 -1.09
N ARG A 62 -1.80 -4.69 -2.03
CA ARG A 62 -1.92 -3.24 -1.91
C ARG A 62 -2.84 -2.85 -0.76
N GLU A 63 -3.88 -3.66 -0.55
CA GLU A 63 -4.84 -3.40 0.52
C GLU A 63 -4.12 -3.18 1.85
N CYS A 64 -3.18 -4.07 2.16
CA CYS A 64 -2.44 -3.97 3.40
C CYS A 64 -0.98 -3.63 3.06
N LYS A 65 -0.75 -3.40 1.77
CA LYS A 65 0.59 -3.07 1.27
C LYS A 65 1.63 -3.98 1.91
N GLU A 66 1.25 -5.22 2.20
CA GLU A 66 2.16 -6.18 2.81
C GLU A 66 2.36 -7.38 1.90
N ALA A 67 3.22 -8.31 2.33
CA ALA A 67 3.49 -9.51 1.55
C ALA A 67 2.21 -10.22 1.16
N TYR A 68 2.14 -10.66 -0.10
CA TYR A 68 0.97 -11.35 -0.60
C TYR A 68 0.58 -12.51 0.31
N HIS A 69 -0.47 -12.32 1.10
CA HIS A 69 -0.93 -13.35 2.02
C HIS A 69 -2.12 -14.11 1.42
N GLU A 70 -1.98 -15.43 1.31
CA GLU A 70 -3.03 -16.26 0.76
C GLU A 70 -4.26 -16.25 1.67
N GLY A 71 -5.27 -15.48 1.27
CA GLY A 71 -6.49 -15.39 2.07
C GLY A 71 -7.12 -14.01 2.01
N GLU A 72 -6.79 -13.18 2.99
CA GLU A 72 -7.33 -11.82 3.05
C GLU A 72 -6.75 -11.06 4.23
N CYS A 73 -6.78 -9.73 4.13
CA CYS A 73 -6.24 -8.90 5.19
C CYS A 73 -7.01 -9.19 6.48
N SER A 74 -8.32 -9.00 6.42
CA SER A 74 -9.19 -9.24 7.56
C SER A 74 -8.79 -10.52 8.29
N ALA A 75 -8.54 -11.57 7.52
CA ALA A 75 -8.14 -12.85 8.09
C ALA A 75 -6.67 -12.84 8.50
N VAL A 76 -6.43 -12.86 9.81
CA VAL A 76 -5.06 -12.86 10.33
C VAL A 76 -4.51 -14.28 10.42
N PHE A 77 -5.38 -15.27 10.25
CA PHE A 77 -4.99 -16.67 10.32
C PHE A 77 -4.13 -17.06 9.12
N GLU A 78 -2.83 -17.15 9.32
CA GLU A 78 -1.90 -17.51 8.26
C GLU A 78 -2.01 -18.99 7.92
N ALA A 79 -1.54 -19.36 6.73
CA ALA A 79 -1.59 -20.74 6.28
C ALA A 79 -1.19 -21.70 7.41
N SER A 80 -0.03 -21.44 8.01
CA SER A 80 0.46 -22.28 9.10
C SER A 80 0.85 -21.43 10.30
N GLY A 1 4.23 29.50 16.50
CA GLY A 1 2.96 30.15 16.75
C GLY A 1 1.80 29.17 16.78
N HIS A 2 1.80 28.23 15.84
CA HIS A 2 0.74 27.23 15.78
C HIS A 2 1.31 25.85 15.47
N MET A 3 0.79 24.84 16.14
CA MET A 3 1.24 23.47 15.94
C MET A 3 0.09 22.48 16.08
N GLY A 4 0.27 21.28 15.55
CA GLY A 4 -0.76 20.26 15.62
C GLY A 4 -0.22 18.87 15.36
N GLU A 5 -0.59 17.93 16.22
CA GLU A 5 -0.14 16.55 16.08
C GLU A 5 -1.10 15.58 16.76
N GLU A 6 -0.86 14.29 16.60
CA GLU A 6 -1.71 13.27 17.19
C GLU A 6 -0.94 11.97 17.39
N GLN A 7 -0.73 11.58 18.64
CA GLN A 7 0.00 10.36 18.96
C GLN A 7 -0.87 9.14 18.71
N TYR A 8 -0.23 7.98 18.60
CA TYR A 8 -0.95 6.73 18.36
C TYR A 8 -0.99 5.87 19.61
N ASN A 9 -2.16 5.33 19.91
CA ASN A 9 -2.34 4.48 21.10
C ASN A 9 -3.54 3.56 20.93
N ARG A 10 -3.35 2.29 21.27
CA ARG A 10 -4.42 1.30 21.16
C ARG A 10 -4.93 1.22 19.73
N TYR A 11 -4.03 1.34 18.77
CA TYR A 11 -4.39 1.29 17.36
C TYR A 11 -5.51 0.27 17.12
N GLN A 12 -5.32 -0.93 17.65
CA GLN A 12 -6.31 -2.00 17.50
C GLN A 12 -7.69 -1.53 17.97
N GLN A 13 -8.64 -1.50 17.04
CA GLN A 13 -10.00 -1.06 17.36
C GLN A 13 -11.02 -2.06 16.82
N TYR A 14 -12.25 -1.94 17.28
CA TYR A 14 -13.34 -2.83 16.85
C TYR A 14 -14.64 -2.06 16.68
N GLY A 15 -15.03 -1.86 15.42
CA GLY A 15 -16.26 -1.14 15.13
C GLY A 15 -16.03 0.09 14.28
N ALA A 16 -15.15 -0.03 13.30
CA ALA A 16 -14.83 1.07 12.41
C ALA A 16 -15.27 0.77 10.98
N GLU A 17 -16.25 1.52 10.50
CA GLU A 17 -16.77 1.33 9.14
C GLU A 17 -15.63 1.07 8.16
N GLU A 18 -14.65 1.96 8.15
CA GLU A 18 -13.50 1.83 7.25
C GLU A 18 -12.31 1.23 7.99
N CYS A 19 -11.46 0.52 7.25
CA CYS A 19 -10.29 -0.11 7.83
C CYS A 19 -9.22 -0.37 6.76
N VAL A 20 -8.08 0.28 6.90
CA VAL A 20 -6.98 0.12 5.96
C VAL A 20 -7.51 -0.03 4.53
N LEU A 21 -8.63 0.62 4.25
CA LEU A 21 -9.25 0.55 2.93
C LEU A 21 -8.85 1.76 2.08
N GLN A 22 -9.13 1.69 0.79
CA GLN A 22 -8.80 2.78 -0.12
C GLN A 22 -7.32 3.10 -0.08
N MET A 23 -6.49 2.06 0.02
CA MET A 23 -5.04 2.23 0.07
C MET A 23 -4.47 2.40 -1.33
N GLY A 24 -3.43 3.23 -1.44
CA GLY A 24 -2.80 3.47 -2.72
C GLY A 24 -1.29 3.60 -2.62
N GLY A 25 -0.80 4.83 -2.68
CA GLY A 25 0.63 5.07 -2.59
C GLY A 25 1.30 4.16 -1.57
N VAL A 26 2.23 3.33 -2.05
CA VAL A 26 2.95 2.41 -1.18
C VAL A 26 4.32 2.08 -1.75
N LEU A 27 5.29 1.84 -0.86
CA LEU A 27 6.65 1.51 -1.28
C LEU A 27 6.94 0.04 -1.03
N CYS A 28 7.98 -0.46 -1.70
CA CYS A 28 8.35 -1.87 -1.55
C CYS A 28 9.33 -1.97 -0.39
N PRO A 29 8.94 -2.78 0.61
CA PRO A 29 9.75 -3.01 1.81
C PRO A 29 11.01 -3.82 1.51
N ARG A 30 11.03 -4.46 0.35
CA ARG A 30 12.18 -5.26 -0.06
C ARG A 30 13.47 -4.47 0.05
N PRO A 31 14.60 -5.19 0.12
CA PRO A 31 15.92 -4.56 0.23
C PRO A 31 16.34 -3.87 -1.06
N GLY A 32 16.97 -2.70 -0.92
CA GLY A 32 17.41 -1.94 -2.09
C GLY A 32 16.35 -1.89 -3.17
N CYS A 33 15.09 -1.93 -2.77
CA CYS A 33 14.00 -1.89 -3.72
C CYS A 33 13.16 -0.65 -3.44
N GLY A 34 13.37 0.38 -4.26
CA GLY A 34 12.64 1.63 -4.09
C GLY A 34 11.50 1.77 -5.09
N ALA A 35 10.72 0.70 -5.24
CA ALA A 35 9.60 0.72 -6.18
C ALA A 35 8.81 2.02 -6.07
N GLY A 36 8.26 2.28 -4.89
CA GLY A 36 7.48 3.49 -4.68
C GLY A 36 6.62 3.85 -5.88
N LEU A 37 5.45 3.22 -5.97
CA LEU A 37 4.54 3.47 -7.07
C LEU A 37 3.10 3.23 -6.65
N LEU A 38 2.15 3.57 -7.53
CA LEU A 38 0.73 3.37 -7.25
C LEU A 38 0.29 1.95 -7.60
N PRO A 39 -0.23 1.24 -6.60
CA PRO A 39 -0.71 -0.14 -6.78
C PRO A 39 -1.97 -0.21 -7.63
N GLU A 40 -2.12 -1.31 -8.36
CA GLU A 40 -3.28 -1.50 -9.22
C GLU A 40 -4.57 -1.35 -8.43
N PRO A 41 -5.70 -1.23 -9.15
CA PRO A 41 -7.02 -1.08 -8.54
C PRO A 41 -7.49 -2.35 -7.84
N ASP A 42 -6.64 -3.37 -7.85
CA ASP A 42 -6.96 -4.65 -7.22
C ASP A 42 -5.72 -5.28 -6.61
N GLN A 43 -5.83 -5.71 -5.36
CA GLN A 43 -4.72 -6.33 -4.66
C GLN A 43 -4.49 -7.76 -5.15
N ARG A 44 -5.53 -8.34 -5.75
CA ARG A 44 -5.44 -9.70 -6.27
C ARG A 44 -4.06 -9.98 -6.82
N LYS A 45 -3.49 -9.02 -7.53
CA LYS A 45 -2.17 -9.16 -8.12
C LYS A 45 -1.52 -7.81 -8.36
N VAL A 46 -0.61 -7.42 -7.49
CA VAL A 46 0.08 -6.14 -7.60
C VAL A 46 1.59 -6.34 -7.69
N THR A 47 2.18 -5.89 -8.79
CA THR A 47 3.61 -6.01 -9.00
C THR A 47 4.34 -4.72 -8.63
N CYS A 48 5.36 -4.84 -7.79
CA CYS A 48 6.11 -3.67 -7.37
C CYS A 48 7.01 -3.25 -8.54
N GLU A 49 6.95 -4.03 -9.61
CA GLU A 49 7.74 -3.75 -10.80
C GLU A 49 7.19 -2.55 -11.56
N GLY A 50 5.92 -2.63 -11.92
CA GLY A 50 5.29 -1.54 -12.65
C GLY A 50 5.80 -1.41 -14.07
N GLY A 51 6.60 -0.37 -14.31
CA GLY A 51 7.16 -0.15 -15.64
C GLY A 51 8.34 0.79 -15.63
N ASN A 52 8.27 1.80 -14.77
CA ASN A 52 9.35 2.78 -14.66
C ASN A 52 10.71 2.12 -14.91
N GLY A 53 11.12 1.26 -13.99
CA GLY A 53 12.40 0.59 -14.13
C GLY A 53 12.80 -0.16 -12.87
N LEU A 54 11.81 -0.64 -12.13
CA LEU A 54 12.06 -1.37 -10.90
C LEU A 54 11.24 -2.65 -10.85
N GLY A 55 11.42 -3.43 -9.79
CA GLY A 55 10.68 -4.67 -9.64
C GLY A 55 11.55 -5.81 -9.15
N CYS A 56 11.58 -6.00 -7.84
CA CYS A 56 12.39 -7.07 -7.25
C CYS A 56 11.82 -8.41 -7.74
N GLY A 57 10.50 -8.46 -7.86
CA GLY A 57 9.84 -9.66 -8.32
C GLY A 57 8.99 -10.29 -7.23
N PHE A 58 8.35 -9.46 -6.42
CA PHE A 58 7.51 -9.95 -5.33
C PHE A 58 6.26 -9.07 -5.19
N ALA A 59 5.14 -9.57 -5.70
CA ALA A 59 3.87 -8.83 -5.61
C ALA A 59 3.43 -8.66 -4.17
N PHE A 60 2.65 -7.61 -3.91
CA PHE A 60 2.16 -7.34 -2.57
C PHE A 60 0.66 -7.06 -2.59
N CYS A 61 0.09 -6.84 -1.41
CA CYS A 61 -1.33 -6.57 -1.31
C CYS A 61 -1.52 -5.06 -1.10
N ARG A 62 -2.12 -4.43 -2.10
CA ARG A 62 -2.37 -2.99 -2.05
C ARG A 62 -3.41 -2.65 -0.99
N GLU A 63 -4.20 -3.65 -0.60
CA GLU A 63 -5.24 -3.46 0.41
C GLU A 63 -4.63 -3.23 1.79
N CYS A 64 -3.61 -4.02 2.11
CA CYS A 64 -2.95 -3.89 3.40
C CYS A 64 -1.51 -3.45 3.15
N LYS A 65 -1.23 -3.11 1.90
CA LYS A 65 0.10 -2.66 1.50
C LYS A 65 1.18 -3.53 2.16
N GLU A 66 0.87 -4.80 2.37
CA GLU A 66 1.81 -5.73 2.99
C GLU A 66 2.13 -6.88 2.04
N ALA A 67 3.07 -7.73 2.45
CA ALA A 67 3.48 -8.87 1.65
C ALA A 67 2.27 -9.69 1.21
N TYR A 68 2.30 -10.15 -0.03
CA TYR A 68 1.20 -10.95 -0.58
C TYR A 68 0.89 -12.14 0.32
N HIS A 69 -0.19 -12.04 1.08
CA HIS A 69 -0.59 -13.11 1.98
C HIS A 69 -1.67 -13.98 1.35
N GLU A 70 -1.52 -15.30 1.51
CA GLU A 70 -2.48 -16.25 0.94
C GLU A 70 -3.80 -16.20 1.71
N GLY A 71 -4.86 -15.76 1.04
CA GLY A 71 -6.15 -15.67 1.68
C GLY A 71 -6.80 -14.32 1.50
N GLU A 72 -6.64 -13.45 2.50
CA GLU A 72 -7.21 -12.12 2.45
C GLU A 72 -6.90 -11.33 3.73
N CYS A 73 -6.89 -10.02 3.61
CA CYS A 73 -6.60 -9.18 4.77
C CYS A 73 -7.41 -9.69 5.95
N SER A 74 -8.69 -9.94 5.70
CA SER A 74 -9.59 -10.43 6.73
C SER A 74 -9.41 -11.93 6.94
N ALA A 75 -9.59 -12.71 5.87
CA ALA A 75 -9.44 -14.15 5.94
C ALA A 75 -7.97 -14.55 6.07
N VAL A 76 -7.64 -15.18 7.20
CA VAL A 76 -6.27 -15.61 7.45
C VAL A 76 -6.16 -17.13 7.42
N PHE A 77 -5.03 -17.62 6.91
CA PHE A 77 -4.81 -19.06 6.81
C PHE A 77 -4.20 -19.60 8.10
N GLU A 78 -4.82 -20.64 8.65
CA GLU A 78 -4.34 -21.24 9.89
C GLU A 78 -3.67 -22.59 9.61
N ALA A 79 -2.57 -22.86 10.32
CA ALA A 79 -1.85 -24.10 10.15
C ALA A 79 -2.79 -25.30 10.17
N SER A 80 -3.64 -25.37 11.19
CA SER A 80 -4.59 -26.47 11.33
C SER A 80 -5.78 -26.28 10.39
N GLY A 1 -30.95 30.57 17.39
CA GLY A 1 -32.15 31.39 17.41
C GLY A 1 -32.01 32.65 16.60
N HIS A 2 -31.13 33.54 17.03
CA HIS A 2 -30.91 34.80 16.34
C HIS A 2 -29.92 34.62 15.18
N MET A 3 -30.31 35.10 14.01
CA MET A 3 -29.46 34.99 12.82
C MET A 3 -28.00 35.24 13.17
N GLY A 4 -27.74 36.39 13.80
CA GLY A 4 -26.38 36.74 14.17
C GLY A 4 -25.58 35.54 14.63
N GLU A 5 -24.49 35.25 13.93
CA GLU A 5 -23.65 34.11 14.27
C GLU A 5 -22.17 34.52 14.30
N GLU A 6 -21.34 33.65 14.86
CA GLU A 6 -19.91 33.93 14.96
C GLU A 6 -19.27 33.95 13.57
N GLN A 7 -18.23 34.76 13.41
CA GLN A 7 -17.54 34.87 12.13
C GLN A 7 -16.72 33.61 11.84
N TYR A 8 -15.99 33.14 12.85
CA TYR A 8 -15.18 31.94 12.70
C TYR A 8 -16.02 30.76 12.22
N ASN A 9 -15.35 29.70 11.80
CA ASN A 9 -16.03 28.50 11.32
C ASN A 9 -15.72 27.30 12.21
N ARG A 10 -16.76 26.72 12.80
CA ARG A 10 -16.60 25.56 13.67
C ARG A 10 -16.13 24.35 12.88
N TYR A 11 -15.65 23.34 13.60
CA TYR A 11 -15.17 22.11 12.96
C TYR A 11 -15.52 20.88 13.80
N GLN A 12 -15.99 19.84 13.14
CA GLN A 12 -16.35 18.60 13.82
C GLN A 12 -15.25 18.15 14.77
N GLN A 13 -14.01 18.22 14.29
CA GLN A 13 -12.86 17.82 15.10
C GLN A 13 -13.00 16.38 15.57
N TYR A 14 -13.58 15.54 14.72
CA TYR A 14 -13.78 14.14 15.06
C TYR A 14 -12.48 13.48 15.50
N GLY A 15 -11.49 13.50 14.61
CA GLY A 15 -10.20 12.91 14.92
C GLY A 15 -9.05 13.68 14.32
N ALA A 16 -8.38 13.09 13.33
CA ALA A 16 -7.25 13.74 12.67
C ALA A 16 -7.05 13.19 11.26
N GLU A 17 -6.08 13.74 10.55
CA GLU A 17 -5.79 13.30 9.18
C GLU A 17 -4.98 12.01 9.19
N GLU A 18 -4.92 11.35 8.03
CA GLU A 18 -4.18 10.10 7.91
C GLU A 18 -2.82 10.33 7.25
N CYS A 19 -1.78 9.77 7.85
CA CYS A 19 -0.43 9.92 7.33
C CYS A 19 0.11 8.58 6.83
N VAL A 20 0.41 8.51 5.54
CA VAL A 20 0.93 7.28 4.95
C VAL A 20 0.12 6.06 5.39
N LEU A 21 -1.18 6.27 5.62
CA LEU A 21 -2.06 5.19 6.04
C LEU A 21 -2.89 4.68 4.87
N GLN A 22 -3.31 5.58 4.00
CA GLN A 22 -4.11 5.23 2.84
C GLN A 22 -3.35 4.25 1.94
N MET A 23 -3.99 3.14 1.60
CA MET A 23 -3.37 2.13 0.75
C MET A 23 -2.96 2.73 -0.60
N GLY A 24 -3.81 3.63 -1.13
CA GLY A 24 -3.51 4.26 -2.39
C GLY A 24 -2.04 4.47 -2.61
N GLY A 25 -1.36 5.01 -1.59
CA GLY A 25 0.07 5.26 -1.70
C GLY A 25 0.89 4.13 -1.13
N VAL A 26 1.01 3.04 -1.88
CA VAL A 26 1.79 1.89 -1.44
C VAL A 26 3.22 1.94 -1.97
N LEU A 27 4.16 1.48 -1.16
CA LEU A 27 5.56 1.49 -1.55
C LEU A 27 6.31 0.32 -0.90
N CYS A 28 7.40 -0.10 -1.53
CA CYS A 28 8.18 -1.19 -1.00
C CYS A 28 8.86 -0.73 0.29
N PRO A 29 8.77 -1.60 1.31
CA PRO A 29 9.36 -1.33 2.62
C PRO A 29 10.88 -1.35 2.60
N ARG A 30 11.44 -2.22 1.77
CA ARG A 30 12.88 -2.35 1.65
C ARG A 30 13.50 -1.06 1.11
N PRO A 31 14.64 -0.66 1.70
CA PRO A 31 15.35 0.57 1.29
C PRO A 31 15.99 0.42 -0.09
N GLY A 32 16.75 -0.65 -0.28
CA GLY A 32 17.40 -0.88 -1.56
C GLY A 32 16.46 -0.72 -2.74
N CYS A 33 15.29 -1.36 -2.65
CA CYS A 33 14.32 -1.28 -3.71
C CYS A 33 13.63 0.09 -3.62
N GLY A 34 13.00 0.33 -2.48
CA GLY A 34 12.29 1.58 -2.27
C GLY A 34 11.45 1.98 -3.45
N ALA A 35 10.37 1.24 -3.69
CA ALA A 35 9.48 1.53 -4.80
C ALA A 35 8.29 2.37 -4.35
N GLY A 36 7.57 2.95 -5.31
CA GLY A 36 6.43 3.78 -4.99
C GLY A 36 5.36 3.72 -6.07
N LEU A 37 5.52 2.81 -7.02
CA LEU A 37 4.57 2.67 -8.10
C LEU A 37 3.18 2.29 -7.58
N LEU A 38 2.23 3.20 -7.75
CA LEU A 38 0.86 2.97 -7.29
C LEU A 38 0.29 1.69 -7.89
N PRO A 39 -0.12 0.76 -7.03
CA PRO A 39 -0.69 -0.53 -7.46
C PRO A 39 -2.07 -0.37 -8.08
N GLU A 40 -2.43 -1.30 -8.95
CA GLU A 40 -3.73 -1.25 -9.62
C GLU A 40 -4.86 -1.15 -8.60
N PRO A 41 -6.08 -0.88 -9.10
CA PRO A 41 -7.27 -0.75 -8.26
C PRO A 41 -7.70 -2.07 -7.64
N ASP A 42 -6.88 -3.11 -7.84
CA ASP A 42 -7.17 -4.43 -7.31
C ASP A 42 -5.90 -5.12 -6.83
N GLN A 43 -5.80 -5.32 -5.51
CA GLN A 43 -4.63 -5.97 -4.93
C GLN A 43 -4.47 -7.39 -5.47
N ARG A 44 -5.47 -7.85 -6.22
CA ARG A 44 -5.43 -9.19 -6.78
C ARG A 44 -4.00 -9.60 -7.12
N LYS A 45 -3.28 -8.72 -7.81
CA LYS A 45 -1.90 -9.00 -8.20
C LYS A 45 -1.16 -7.70 -8.49
N VAL A 46 -0.27 -7.32 -7.58
CA VAL A 46 0.52 -6.10 -7.74
C VAL A 46 2.01 -6.41 -7.86
N THR A 47 2.56 -6.23 -9.05
CA THR A 47 3.97 -6.49 -9.29
C THR A 47 4.81 -5.25 -9.02
N CYS A 48 5.79 -5.39 -8.15
CA CYS A 48 6.66 -4.27 -7.81
C CYS A 48 7.45 -3.89 -9.06
N GLU A 49 7.50 -4.83 -10.01
CA GLU A 49 8.21 -4.60 -11.26
C GLU A 49 7.47 -3.60 -12.14
N GLY A 50 6.22 -3.91 -12.45
CA GLY A 50 5.42 -3.02 -13.28
C GLY A 50 6.21 -2.43 -14.43
N GLY A 51 6.24 -1.10 -14.52
CA GLY A 51 6.96 -0.44 -15.59
C GLY A 51 7.60 0.86 -15.14
N ASN A 52 8.09 0.87 -13.90
CA ASN A 52 8.72 2.07 -13.35
C ASN A 52 10.24 1.99 -13.47
N GLY A 53 10.81 0.88 -12.99
CA GLY A 53 12.25 0.69 -13.06
C GLY A 53 12.73 -0.40 -12.13
N LEU A 54 12.00 -0.62 -11.04
CA LEU A 54 12.36 -1.64 -10.07
C LEU A 54 11.78 -3.00 -10.47
N GLY A 55 12.12 -4.04 -9.70
CA GLY A 55 11.62 -5.37 -9.99
C GLY A 55 11.96 -6.36 -8.88
N CYS A 56 11.14 -6.36 -7.84
CA CYS A 56 11.38 -7.27 -6.73
C CYS A 56 11.16 -8.71 -7.23
N GLY A 57 10.06 -8.89 -7.96
CA GLY A 57 9.74 -10.19 -8.50
C GLY A 57 8.66 -10.90 -7.70
N PHE A 58 8.31 -10.33 -6.55
CA PHE A 58 7.29 -10.91 -5.69
C PHE A 58 6.15 -9.93 -5.46
N ALA A 59 5.00 -10.20 -6.09
CA ALA A 59 3.84 -9.35 -5.96
C ALA A 59 3.42 -9.20 -4.50
N PHE A 60 2.84 -8.05 -4.17
CA PHE A 60 2.39 -7.79 -2.81
C PHE A 60 0.93 -7.38 -2.78
N CYS A 61 0.41 -7.13 -1.58
CA CYS A 61 -0.99 -6.73 -1.44
C CYS A 61 -1.02 -5.23 -1.19
N ARG A 62 -1.63 -4.51 -2.12
CA ARG A 62 -1.75 -3.06 -2.04
C ARG A 62 -2.70 -2.67 -0.90
N GLU A 63 -3.59 -3.57 -0.54
CA GLU A 63 -4.56 -3.32 0.53
C GLU A 63 -3.84 -3.11 1.86
N CYS A 64 -2.88 -3.98 2.15
CA CYS A 64 -2.13 -3.88 3.39
C CYS A 64 -0.68 -3.55 3.06
N LYS A 65 -0.45 -3.29 1.77
CA LYS A 65 0.88 -2.94 1.29
C LYS A 65 1.93 -3.86 1.89
N GLU A 66 1.55 -5.10 2.15
CA GLU A 66 2.47 -6.08 2.74
C GLU A 66 2.56 -7.32 1.85
N ALA A 67 3.41 -8.26 2.25
CA ALA A 67 3.59 -9.50 1.51
C ALA A 67 2.27 -10.18 1.23
N TYR A 68 2.05 -10.59 -0.01
CA TYR A 68 0.81 -11.25 -0.41
C TYR A 68 0.52 -12.43 0.51
N HIS A 69 -0.42 -12.24 1.43
CA HIS A 69 -0.80 -13.28 2.37
C HIS A 69 -1.63 -14.36 1.68
N GLU A 70 -1.98 -14.12 0.41
CA GLU A 70 -2.76 -15.06 -0.36
C GLU A 70 -4.04 -15.45 0.40
N GLY A 71 -4.65 -14.46 1.05
CA GLY A 71 -5.87 -14.71 1.80
C GLY A 71 -6.67 -13.45 2.03
N GLU A 72 -6.50 -12.84 3.19
CA GLU A 72 -7.23 -11.63 3.54
C GLU A 72 -6.46 -10.79 4.57
N CYS A 73 -6.52 -9.48 4.42
CA CYS A 73 -5.83 -8.60 5.34
C CYS A 73 -6.45 -8.76 6.73
N SER A 74 -7.78 -8.83 6.74
CA SER A 74 -8.53 -8.99 7.99
C SER A 74 -8.03 -10.19 8.78
N ALA A 75 -7.61 -11.23 8.06
CA ALA A 75 -7.11 -12.44 8.69
C ALA A 75 -5.59 -12.42 8.79
N VAL A 76 -5.01 -11.23 8.65
CA VAL A 76 -3.56 -11.07 8.71
C VAL A 76 -2.99 -11.79 9.94
N PHE A 77 -3.79 -11.88 10.99
CA PHE A 77 -3.37 -12.53 12.22
C PHE A 77 -4.10 -13.86 12.42
N GLU A 78 -3.42 -14.81 13.04
CA GLU A 78 -4.01 -16.12 13.29
C GLU A 78 -4.19 -16.36 14.79
N ALA A 79 -5.38 -16.80 15.17
CA ALA A 79 -5.70 -17.06 16.57
C ALA A 79 -5.06 -18.38 17.02
N SER A 80 -5.18 -19.40 16.19
CA SER A 80 -4.63 -20.71 16.52
C SER A 80 -3.22 -20.86 15.95
N GLY A 1 6.23 -17.60 20.00
CA GLY A 1 5.84 -17.50 18.61
C GLY A 1 7.01 -17.17 17.70
N HIS A 2 7.84 -18.17 17.41
CA HIS A 2 9.00 -17.97 16.55
C HIS A 2 8.60 -18.07 15.09
N MET A 3 9.52 -17.69 14.20
CA MET A 3 9.27 -17.73 12.76
C MET A 3 10.23 -18.70 12.08
N GLY A 4 9.91 -19.06 10.84
CA GLY A 4 10.75 -19.97 10.09
C GLY A 4 11.89 -19.27 9.39
N GLU A 5 11.56 -18.38 8.45
CA GLU A 5 12.58 -17.64 7.71
C GLU A 5 12.18 -16.18 7.58
N GLU A 6 12.97 -15.31 8.19
CA GLU A 6 12.71 -13.87 8.14
C GLU A 6 13.99 -13.07 8.30
N GLN A 7 13.99 -11.83 7.82
CA GLN A 7 15.15 -10.97 7.92
C GLN A 7 15.42 -10.57 9.36
N TYR A 8 16.70 -10.53 9.75
CA TYR A 8 17.08 -10.16 11.09
C TYR A 8 17.60 -8.73 11.15
N ASN A 9 17.58 -8.15 12.35
CA ASN A 9 18.04 -6.78 12.53
C ASN A 9 18.51 -6.56 13.96
N ARG A 10 19.76 -6.14 14.12
CA ARG A 10 20.33 -5.89 15.44
C ARG A 10 21.18 -4.61 15.43
N TYR A 11 21.19 -3.92 16.55
CA TYR A 11 21.96 -2.68 16.68
C TYR A 11 21.56 -1.68 15.60
N GLN A 12 20.26 -1.57 15.36
CA GLN A 12 19.74 -0.66 14.35
C GLN A 12 18.27 -0.34 14.61
N GLN A 13 17.75 0.64 13.87
CA GLN A 13 16.35 1.03 14.01
C GLN A 13 15.85 1.72 12.75
N TYR A 14 14.54 1.98 12.70
CA TYR A 14 13.93 2.62 11.55
C TYR A 14 12.61 3.30 11.93
N GLY A 15 12.43 4.53 11.46
CA GLY A 15 11.21 5.27 11.77
C GLY A 15 10.07 4.88 10.85
N ALA A 16 8.90 4.60 11.44
CA ALA A 16 7.73 4.22 10.67
C ALA A 16 6.87 5.44 10.35
N GLU A 17 6.88 5.86 9.10
CA GLU A 17 6.10 7.01 8.66
C GLU A 17 4.69 6.59 8.27
N GLU A 18 4.58 5.50 7.54
CA GLU A 18 3.28 5.00 7.10
C GLU A 18 2.73 3.97 8.08
N CYS A 19 1.68 4.36 8.80
CA CYS A 19 1.07 3.47 9.78
C CYS A 19 -0.45 3.65 9.80
N VAL A 20 -1.17 2.55 9.59
CA VAL A 20 -2.63 2.58 9.58
C VAL A 20 -3.15 3.63 8.61
N LEU A 21 -2.59 3.65 7.40
CA LEU A 21 -2.99 4.61 6.38
C LEU A 21 -3.90 3.95 5.34
N GLN A 22 -4.56 4.77 4.54
CA GLN A 22 -5.45 4.26 3.50
C GLN A 22 -4.67 3.48 2.45
N MET A 23 -5.27 2.39 1.97
CA MET A 23 -4.64 1.55 0.96
C MET A 23 -4.19 2.39 -0.24
N GLY A 24 -3.26 1.86 -1.01
CA GLY A 24 -2.77 2.56 -2.18
C GLY A 24 -1.29 2.93 -2.06
N GLY A 25 -1.03 4.19 -1.71
CA GLY A 25 0.33 4.64 -1.57
C GLY A 25 1.22 3.63 -0.87
N VAL A 26 2.07 2.96 -1.64
CA VAL A 26 2.97 1.96 -1.10
C VAL A 26 4.35 2.03 -1.74
N LEU A 27 5.39 1.87 -0.94
CA LEU A 27 6.77 1.92 -1.44
C LEU A 27 7.58 0.75 -0.91
N CYS A 28 8.60 0.35 -1.65
CA CYS A 28 9.45 -0.75 -1.24
C CYS A 28 10.47 -0.22 -0.23
N PRO A 29 10.49 -0.87 0.94
CA PRO A 29 11.40 -0.50 2.03
C PRO A 29 12.85 -0.84 1.72
N ARG A 30 13.05 -1.72 0.74
CA ARG A 30 14.38 -2.13 0.34
C ARG A 30 15.24 -0.91 0.01
N PRO A 31 16.53 -0.97 0.39
CA PRO A 31 17.48 0.12 0.15
C PRO A 31 17.83 0.26 -1.34
N GLY A 32 17.15 1.16 -2.02
CA GLY A 32 17.41 1.38 -3.43
C GLY A 32 16.17 1.15 -4.28
N CYS A 33 15.58 -0.02 -4.14
CA CYS A 33 14.39 -0.35 -4.92
C CYS A 33 13.52 0.90 -5.02
N GLY A 34 13.21 1.46 -3.86
CA GLY A 34 12.38 2.66 -3.81
C GLY A 34 11.25 2.63 -4.81
N ALA A 35 10.53 1.50 -4.84
CA ALA A 35 9.40 1.34 -5.76
C ALA A 35 8.51 2.58 -5.74
N GLY A 36 8.01 2.93 -4.56
CA GLY A 36 7.15 4.08 -4.43
C GLY A 36 6.26 4.29 -5.65
N LEU A 37 5.56 3.22 -6.05
CA LEU A 37 4.68 3.28 -7.21
C LEU A 37 3.24 2.94 -6.81
N LEU A 38 2.29 3.48 -7.56
CA LEU A 38 0.87 3.23 -7.30
C LEU A 38 0.34 2.12 -8.20
N PRO A 39 0.19 0.92 -7.63
CA PRO A 39 -0.31 -0.25 -8.37
C PRO A 39 -1.80 -0.12 -8.69
N GLU A 40 -2.32 -1.08 -9.45
CA GLU A 40 -3.71 -1.07 -9.85
C GLU A 40 -4.62 -1.18 -8.63
N PRO A 41 -5.88 -0.75 -8.78
CA PRO A 41 -6.87 -0.79 -7.69
C PRO A 41 -7.29 -2.21 -7.34
N ASP A 42 -6.57 -3.19 -7.88
CA ASP A 42 -6.87 -4.59 -7.64
C ASP A 42 -5.65 -5.32 -7.07
N GLN A 43 -5.65 -5.54 -5.76
CA GLN A 43 -4.55 -6.22 -5.10
C GLN A 43 -4.34 -7.62 -5.68
N ARG A 44 -5.37 -8.13 -6.34
CA ARG A 44 -5.30 -9.46 -6.93
C ARG A 44 -3.88 -9.77 -7.41
N LYS A 45 -3.29 -8.83 -8.13
CA LYS A 45 -1.93 -9.00 -8.64
C LYS A 45 -1.21 -7.65 -8.71
N VAL A 46 -0.34 -7.40 -7.75
CA VAL A 46 0.42 -6.15 -7.71
C VAL A 46 1.93 -6.43 -7.68
N THR A 47 2.60 -6.11 -8.78
CA THR A 47 4.03 -6.31 -8.89
C THR A 47 4.80 -5.01 -8.68
N CYS A 48 5.75 -5.02 -7.76
CA CYS A 48 6.54 -3.83 -7.48
C CYS A 48 7.43 -3.56 -8.70
N GLU A 49 7.56 -4.57 -9.54
CA GLU A 49 8.38 -4.47 -10.74
C GLU A 49 7.61 -3.77 -11.86
N GLY A 50 8.34 -3.03 -12.68
CA GLY A 50 7.70 -2.31 -13.79
C GLY A 50 8.65 -2.11 -14.96
N GLY A 51 8.16 -1.42 -16.00
CA GLY A 51 8.98 -1.17 -17.16
C GLY A 51 9.92 0.01 -16.97
N ASN A 52 10.26 0.30 -15.72
CA ASN A 52 11.15 1.41 -15.41
C ASN A 52 12.58 0.91 -15.20
N GLY A 53 12.71 -0.15 -14.42
CA GLY A 53 14.02 -0.71 -14.15
C GLY A 53 14.04 -1.60 -12.92
N LEU A 54 13.42 -1.13 -11.85
CA LEU A 54 13.35 -1.89 -10.60
C LEU A 54 12.49 -3.14 -10.77
N GLY A 55 12.51 -4.00 -9.75
CA GLY A 55 11.72 -5.22 -9.81
C GLY A 55 12.15 -6.23 -8.75
N CYS A 56 11.39 -6.31 -7.68
CA CYS A 56 11.70 -7.24 -6.61
C CYS A 56 11.44 -8.67 -7.12
N GLY A 57 10.20 -8.91 -7.53
CA GLY A 57 9.82 -10.21 -8.04
C GLY A 57 8.80 -10.89 -7.16
N PHE A 58 8.27 -10.16 -6.19
CA PHE A 58 7.28 -10.71 -5.27
C PHE A 58 6.12 -9.74 -5.09
N ALA A 59 4.98 -10.04 -5.71
CA ALA A 59 3.80 -9.20 -5.61
C ALA A 59 3.32 -9.09 -4.16
N PHE A 60 2.53 -8.07 -3.88
CA PHE A 60 2.01 -7.84 -2.54
C PHE A 60 0.54 -7.41 -2.58
N CYS A 61 -0.05 -7.26 -1.42
CA CYS A 61 -1.45 -6.85 -1.34
C CYS A 61 -1.49 -5.34 -1.06
N ARG A 62 -2.09 -4.61 -2.00
CA ARG A 62 -2.21 -3.17 -1.88
C ARG A 62 -3.17 -2.79 -0.76
N GLU A 63 -4.10 -3.69 -0.45
CA GLU A 63 -5.08 -3.44 0.60
C GLU A 63 -4.38 -3.28 1.94
N CYS A 64 -3.39 -4.12 2.21
CA CYS A 64 -2.67 -4.05 3.46
C CYS A 64 -1.21 -3.73 3.16
N LYS A 65 -0.96 -3.44 1.88
CA LYS A 65 0.39 -3.10 1.42
C LYS A 65 1.43 -4.02 2.07
N GLU A 66 1.03 -5.26 2.34
CA GLU A 66 1.93 -6.23 2.96
C GLU A 66 2.12 -7.44 2.05
N ALA A 67 2.94 -8.39 2.50
CA ALA A 67 3.21 -9.60 1.73
C ALA A 67 1.91 -10.27 1.30
N TYR A 68 1.83 -10.64 0.03
CA TYR A 68 0.65 -11.29 -0.51
C TYR A 68 0.25 -12.50 0.34
N HIS A 69 -1.00 -12.53 0.77
CA HIS A 69 -1.50 -13.63 1.59
C HIS A 69 -2.57 -14.43 0.84
N GLU A 70 -2.56 -15.74 1.03
CA GLU A 70 -3.53 -16.62 0.37
C GLU A 70 -4.86 -16.59 1.10
N GLY A 71 -5.05 -15.59 1.96
CA GLY A 71 -6.29 -15.47 2.71
C GLY A 71 -6.95 -14.12 2.53
N GLU A 72 -6.81 -13.26 3.53
CA GLU A 72 -7.40 -11.93 3.49
C GLU A 72 -6.74 -11.00 4.51
N CYS A 73 -6.94 -9.70 4.34
CA CYS A 73 -6.37 -8.73 5.26
C CYS A 73 -6.94 -9.00 6.66
N SER A 74 -8.26 -9.10 6.71
CA SER A 74 -8.96 -9.34 7.97
C SER A 74 -8.77 -10.79 8.43
N ALA A 75 -8.80 -11.70 7.46
CA ALA A 75 -8.63 -13.12 7.76
C ALA A 75 -7.15 -13.49 7.86
N VAL A 76 -6.29 -12.48 8.04
CA VAL A 76 -4.86 -12.69 8.15
C VAL A 76 -4.54 -13.73 9.22
N PHE A 77 -3.51 -14.54 8.98
CA PHE A 77 -3.11 -15.57 9.92
C PHE A 77 -4.27 -16.49 10.26
N GLU A 78 -5.01 -16.89 9.23
CA GLU A 78 -6.16 -17.77 9.42
C GLU A 78 -5.73 -19.09 10.07
N ALA A 79 -4.51 -19.53 9.77
CA ALA A 79 -3.99 -20.76 10.33
C ALA A 79 -3.71 -20.62 11.81
N SER A 80 -3.62 -21.75 12.51
CA SER A 80 -3.37 -21.76 13.94
C SER A 80 -1.88 -21.97 14.22
N GLY A 1 -17.22 34.39 -21.68
CA GLY A 1 -17.12 34.97 -20.35
C GLY A 1 -16.65 33.97 -19.32
N HIS A 2 -17.16 34.08 -18.10
CA HIS A 2 -16.78 33.18 -17.02
C HIS A 2 -15.31 33.40 -16.64
N MET A 3 -14.87 34.65 -16.66
CA MET A 3 -13.49 34.98 -16.31
C MET A 3 -13.42 35.62 -14.93
N GLY A 4 -12.48 35.14 -14.11
CA GLY A 4 -12.33 35.67 -12.77
C GLY A 4 -12.93 34.77 -11.71
N GLU A 5 -12.77 33.47 -11.88
CA GLU A 5 -13.30 32.50 -10.93
C GLU A 5 -12.18 31.86 -10.11
N GLU A 6 -11.05 31.61 -10.76
CA GLU A 6 -9.91 31.00 -10.09
C GLU A 6 -9.49 31.82 -8.88
N GLN A 7 -8.69 31.22 -8.01
CA GLN A 7 -8.21 31.89 -6.81
C GLN A 7 -6.87 32.56 -7.05
N TYR A 8 -6.42 33.36 -6.09
CA TYR A 8 -5.15 34.06 -6.21
C TYR A 8 -3.98 33.10 -6.07
N ASN A 9 -2.78 33.60 -6.32
CA ASN A 9 -1.57 32.78 -6.22
C ASN A 9 -1.06 32.73 -4.78
N ARG A 10 -0.46 31.60 -4.41
CA ARG A 10 0.07 31.43 -3.06
C ARG A 10 1.27 30.49 -3.07
N TYR A 11 1.89 30.33 -1.91
CA TYR A 11 3.06 29.47 -1.78
C TYR A 11 2.67 28.00 -1.95
N GLN A 12 3.67 27.15 -2.13
CA GLN A 12 3.43 25.72 -2.31
C GLN A 12 3.95 24.93 -1.10
N GLN A 13 3.08 24.11 -0.52
CA GLN A 13 3.45 23.30 0.63
C GLN A 13 2.52 22.10 0.77
N TYR A 14 2.87 21.20 1.68
CA TYR A 14 2.07 20.00 1.91
C TYR A 14 2.51 19.29 3.19
N GLY A 15 1.80 18.22 3.54
CA GLY A 15 2.12 17.46 4.73
C GLY A 15 1.09 16.41 5.05
N ALA A 16 1.51 15.15 5.04
CA ALA A 16 0.61 14.03 5.33
C ALA A 16 1.38 12.85 5.90
N GLU A 17 0.95 12.36 7.05
CA GLU A 17 1.60 11.22 7.70
C GLU A 17 1.93 10.14 6.68
N GLU A 18 0.90 9.64 5.99
CA GLU A 18 1.08 8.60 4.99
C GLU A 18 1.64 7.33 5.62
N CYS A 19 1.07 6.94 6.76
CA CYS A 19 1.52 5.74 7.46
C CYS A 19 0.34 4.84 7.80
N VAL A 20 0.34 3.63 7.23
CA VAL A 20 -0.73 2.67 7.47
C VAL A 20 -2.09 3.35 7.45
N LEU A 21 -2.22 4.40 6.65
CA LEU A 21 -3.47 5.15 6.55
C LEU A 21 -4.40 4.51 5.53
N GLN A 22 -3.93 4.41 4.28
CA GLN A 22 -4.73 3.82 3.21
C GLN A 22 -3.87 2.87 2.36
N MET A 23 -4.53 2.11 1.51
CA MET A 23 -3.83 1.16 0.64
C MET A 23 -3.24 1.88 -0.57
N GLY A 24 -3.25 3.21 -0.53
CA GLY A 24 -2.71 3.99 -1.64
C GLY A 24 -1.36 4.60 -1.31
N GLY A 25 -0.47 4.61 -2.30
CA GLY A 25 0.85 5.17 -2.08
C GLY A 25 1.77 4.23 -1.34
N VAL A 26 1.86 2.99 -1.81
CA VAL A 26 2.70 1.99 -1.19
C VAL A 26 4.06 1.91 -1.87
N LEU A 27 5.08 1.57 -1.10
CA LEU A 27 6.44 1.46 -1.63
C LEU A 27 7.11 0.18 -1.15
N CYS A 28 8.07 -0.31 -1.94
CA CYS A 28 8.77 -1.53 -1.59
C CYS A 28 9.59 -1.26 -0.32
N PRO A 29 9.42 -2.17 0.66
CA PRO A 29 10.12 -2.07 1.95
C PRO A 29 11.61 -2.34 1.82
N ARG A 30 12.02 -2.88 0.66
CA ARG A 30 13.42 -3.18 0.42
C ARG A 30 14.24 -1.91 0.30
N PRO A 31 15.44 -1.92 0.88
CA PRO A 31 16.35 -0.77 0.84
C PRO A 31 16.92 -0.51 -0.54
N GLY A 32 16.50 0.60 -1.15
CA GLY A 32 16.97 0.94 -2.48
C GLY A 32 15.91 0.76 -3.54
N CYS A 33 15.22 -0.38 -3.51
CA CYS A 33 14.17 -0.66 -4.48
C CYS A 33 13.14 0.47 -4.40
N GLY A 34 12.54 0.59 -3.21
CA GLY A 34 11.53 1.62 -3.00
C GLY A 34 10.57 1.73 -4.15
N ALA A 35 9.97 0.61 -4.53
CA ALA A 35 9.01 0.59 -5.64
C ALA A 35 8.25 1.91 -5.72
N GLY A 36 7.75 2.38 -4.58
CA GLY A 36 7.01 3.62 -4.54
C GLY A 36 6.25 3.87 -5.83
N LEU A 37 5.54 2.86 -6.32
CA LEU A 37 4.78 2.97 -7.55
C LEU A 37 3.33 2.56 -7.32
N LEU A 38 2.41 3.42 -7.74
CA LEU A 38 0.98 3.15 -7.59
C LEU A 38 0.55 1.98 -8.47
N PRO A 39 0.19 0.85 -7.82
CA PRO A 39 -0.24 -0.35 -8.53
C PRO A 39 -1.61 -0.19 -9.17
N GLU A 40 -2.13 -1.27 -9.74
CA GLU A 40 -3.44 -1.23 -10.39
C GLU A 40 -4.55 -1.06 -9.37
N PRO A 41 -5.74 -0.67 -9.85
CA PRO A 41 -6.92 -0.45 -8.99
C PRO A 41 -7.46 -1.74 -8.41
N ASP A 42 -6.76 -2.85 -8.68
CA ASP A 42 -7.17 -4.15 -8.18
C ASP A 42 -6.09 -4.77 -7.30
N GLN A 43 -6.29 -4.71 -5.98
CA GLN A 43 -5.33 -5.26 -5.04
C GLN A 43 -5.09 -6.74 -5.31
N ARG A 44 -5.93 -7.33 -6.15
CA ARG A 44 -5.81 -8.74 -6.48
C ARG A 44 -4.35 -9.14 -6.59
N LYS A 45 -3.60 -8.42 -7.41
CA LYS A 45 -2.18 -8.70 -7.61
C LYS A 45 -1.43 -7.44 -8.03
N VAL A 46 -0.37 -7.11 -7.29
CA VAL A 46 0.43 -5.93 -7.60
C VAL A 46 1.92 -6.26 -7.56
N THR A 47 2.63 -5.88 -8.63
CA THR A 47 4.06 -6.13 -8.71
C THR A 47 4.87 -4.90 -8.32
N CYS A 48 5.75 -5.06 -7.35
CA CYS A 48 6.57 -3.95 -6.89
C CYS A 48 7.37 -3.43 -8.08
N GLU A 49 7.42 -4.24 -9.13
CA GLU A 49 8.15 -3.90 -10.34
C GLU A 49 7.34 -2.92 -11.19
N GLY A 50 8.00 -1.88 -11.69
CA GLY A 50 7.34 -0.89 -12.51
C GLY A 50 8.13 -0.54 -13.76
N GLY A 51 9.11 0.36 -13.60
CA GLY A 51 9.92 0.76 -14.73
C GLY A 51 11.40 0.71 -14.42
N ASN A 52 11.84 -0.39 -13.82
CA ASN A 52 13.25 -0.55 -13.47
C ASN A 52 13.55 -2.01 -13.12
N GLY A 53 14.81 -2.39 -13.25
CA GLY A 53 15.21 -3.75 -12.93
C GLY A 53 14.95 -4.11 -11.49
N LEU A 54 14.93 -3.11 -10.62
CA LEU A 54 14.68 -3.34 -9.20
C LEU A 54 13.58 -4.37 -8.99
N GLY A 55 12.72 -4.51 -9.99
CA GLY A 55 11.63 -5.48 -9.90
C GLY A 55 12.00 -6.68 -9.05
N CYS A 56 11.58 -6.66 -7.79
CA CYS A 56 11.87 -7.76 -6.89
C CYS A 56 11.26 -9.03 -7.47
N GLY A 57 9.99 -8.92 -7.85
CA GLY A 57 9.29 -10.06 -8.42
C GLY A 57 8.25 -10.64 -7.47
N PHE A 58 8.20 -10.09 -6.26
CA PHE A 58 7.24 -10.56 -5.26
C PHE A 58 6.11 -9.55 -5.07
N ALA A 59 4.93 -9.89 -5.58
CA ALA A 59 3.77 -9.01 -5.46
C ALA A 59 3.32 -8.89 -4.00
N PHE A 60 2.61 -7.80 -3.70
CA PHE A 60 2.12 -7.57 -2.35
C PHE A 60 0.61 -7.34 -2.35
N CYS A 61 0.02 -7.31 -1.17
CA CYS A 61 -1.41 -7.09 -1.05
C CYS A 61 -1.66 -5.62 -0.72
N ARG A 62 -2.11 -4.88 -1.73
CA ARG A 62 -2.38 -3.47 -1.59
C ARG A 62 -3.22 -3.20 -0.33
N GLU A 63 -4.33 -3.93 -0.21
CA GLU A 63 -5.22 -3.77 0.94
C GLU A 63 -4.42 -3.51 2.22
N CYS A 64 -3.61 -4.48 2.61
CA CYS A 64 -2.80 -4.34 3.81
C CYS A 64 -1.43 -3.79 3.39
N LYS A 65 -1.28 -3.55 2.10
CA LYS A 65 -0.04 -3.02 1.55
C LYS A 65 1.17 -3.76 2.13
N GLU A 66 0.98 -5.04 2.42
CA GLU A 66 2.05 -5.86 2.98
C GLU A 66 2.30 -7.09 2.12
N ALA A 67 3.25 -7.92 2.54
CA ALA A 67 3.59 -9.13 1.81
C ALA A 67 2.34 -9.97 1.53
N TYR A 68 2.14 -10.31 0.27
CA TYR A 68 0.98 -11.11 -0.13
C TYR A 68 0.87 -12.38 0.72
N HIS A 69 -0.13 -12.41 1.60
CA HIS A 69 -0.34 -13.56 2.48
C HIS A 69 -1.07 -14.66 1.73
N GLU A 70 -1.34 -14.44 0.45
CA GLU A 70 -2.03 -15.43 -0.36
C GLU A 70 -3.33 -15.86 0.29
N GLY A 71 -4.07 -14.89 0.83
CA GLY A 71 -5.34 -15.18 1.49
C GLY A 71 -6.20 -13.96 1.65
N GLU A 72 -6.14 -13.33 2.82
CA GLU A 72 -6.93 -12.14 3.10
C GLU A 72 -6.40 -11.42 4.34
N CYS A 73 -6.75 -10.15 4.47
CA CYS A 73 -6.31 -9.36 5.61
C CYS A 73 -7.29 -9.60 6.76
N SER A 74 -6.85 -10.41 7.72
CA SER A 74 -7.67 -10.73 8.88
C SER A 74 -7.55 -9.64 9.95
N ALA A 75 -7.02 -8.49 9.55
CA ALA A 75 -6.87 -7.37 10.46
C ALA A 75 -7.22 -6.04 9.77
N VAL A 76 -7.61 -5.05 10.57
CA VAL A 76 -7.97 -3.74 10.04
C VAL A 76 -6.95 -2.68 10.46
N PHE A 77 -6.63 -1.79 9.54
CA PHE A 77 -5.67 -0.73 9.81
C PHE A 77 -6.19 0.22 10.89
N GLU A 78 -5.28 0.92 11.54
CA GLU A 78 -5.65 1.85 12.59
C GLU A 78 -6.62 2.90 12.08
N ALA A 79 -6.49 3.25 10.81
CA ALA A 79 -7.36 4.24 10.19
C ALA A 79 -8.78 3.73 10.08
N SER A 80 -9.75 4.63 10.22
CA SER A 80 -11.16 4.27 10.14
C SER A 80 -11.66 4.36 8.71
N GLY A 1 -31.46 34.15 -9.32
CA GLY A 1 -30.60 35.31 -9.22
C GLY A 1 -29.74 35.30 -7.97
N HIS A 2 -29.25 36.47 -7.57
CA HIS A 2 -28.41 36.58 -6.40
C HIS A 2 -29.19 37.18 -5.22
N MET A 3 -28.86 36.73 -4.01
CA MET A 3 -29.53 37.21 -2.82
C MET A 3 -28.67 38.24 -2.08
N GLY A 4 -29.32 39.29 -1.59
CA GLY A 4 -28.60 40.34 -0.88
C GLY A 4 -27.31 40.73 -1.57
N GLU A 5 -26.41 41.36 -0.83
CA GLU A 5 -25.13 41.79 -1.39
C GLU A 5 -24.14 40.62 -1.44
N GLU A 6 -22.95 40.89 -1.97
CA GLU A 6 -21.92 39.87 -2.08
C GLU A 6 -21.43 39.44 -0.71
N GLN A 7 -21.25 38.13 -0.54
CA GLN A 7 -20.79 37.58 0.73
C GLN A 7 -19.45 36.88 0.57
N TYR A 8 -19.29 36.18 -0.56
CA TYR A 8 -18.06 35.45 -0.85
C TYR A 8 -17.76 34.44 0.26
N ASN A 9 -18.81 33.77 0.74
CA ASN A 9 -18.65 32.79 1.80
C ASN A 9 -18.08 31.48 1.25
N ARG A 10 -18.50 31.12 0.04
CA ARG A 10 -18.02 29.90 -0.60
C ARG A 10 -16.50 29.85 -0.62
N TYR A 11 -15.94 28.74 -0.15
CA TYR A 11 -14.49 28.57 -0.10
C TYR A 11 -14.12 27.09 -0.01
N GLN A 12 -12.86 26.79 -0.32
CA GLN A 12 -12.38 25.41 -0.27
C GLN A 12 -11.26 25.27 0.74
N GLN A 13 -11.30 24.20 1.53
CA GLN A 13 -10.29 23.94 2.55
C GLN A 13 -9.76 22.52 2.43
N TYR A 14 -8.69 22.24 3.17
CA TYR A 14 -8.08 20.91 3.15
C TYR A 14 -7.58 20.56 1.75
N GLY A 15 -7.04 21.56 1.05
CA GLY A 15 -6.53 21.34 -0.29
C GLY A 15 -5.16 20.69 -0.29
N ALA A 16 -5.14 19.35 -0.36
CA ALA A 16 -3.88 18.62 -0.37
C ALA A 16 -3.87 17.58 -1.49
N GLU A 17 -2.73 16.94 -1.68
CA GLU A 17 -2.58 15.91 -2.71
C GLU A 17 -2.99 14.54 -2.18
N GLU A 18 -2.56 14.23 -0.97
CA GLU A 18 -2.87 12.95 -0.35
C GLU A 18 -3.86 13.12 0.79
N CYS A 19 -4.82 12.20 0.88
CA CYS A 19 -5.83 12.26 1.93
C CYS A 19 -6.39 10.88 2.21
N VAL A 20 -6.07 10.32 3.39
CA VAL A 20 -6.54 9.01 3.77
C VAL A 20 -6.22 7.97 2.71
N LEU A 21 -4.96 7.97 2.26
CA LEU A 21 -4.52 7.03 1.24
C LEU A 21 -3.64 5.94 1.84
N GLN A 22 -4.22 4.76 2.03
CA GLN A 22 -3.49 3.63 2.61
C GLN A 22 -2.91 2.74 1.51
N MET A 23 -3.78 2.07 0.78
CA MET A 23 -3.35 1.19 -0.30
C MET A 23 -2.98 1.99 -1.54
N GLY A 24 -3.67 3.09 -1.77
CA GLY A 24 -3.40 3.92 -2.92
C GLY A 24 -1.91 4.01 -3.22
N GLY A 25 -1.22 4.92 -2.55
CA GLY A 25 0.21 5.08 -2.77
C GLY A 25 1.05 4.33 -1.75
N VAL A 26 2.00 3.54 -2.24
CA VAL A 26 2.87 2.77 -1.37
C VAL A 26 4.20 2.46 -2.04
N LEU A 27 5.28 2.59 -1.29
CA LEU A 27 6.62 2.33 -1.82
C LEU A 27 7.27 1.15 -1.09
N CYS A 28 8.13 0.44 -1.79
CA CYS A 28 8.81 -0.70 -1.20
C CYS A 28 9.47 -0.24 0.10
N PRO A 29 9.36 -1.10 1.13
CA PRO A 29 9.92 -0.83 2.46
C PRO A 29 11.45 -0.88 2.46
N ARG A 30 12.03 -1.14 1.29
CA ARG A 30 13.48 -1.22 1.16
C ARG A 30 14.07 0.16 0.86
N PRO A 31 15.07 0.55 1.66
CA PRO A 31 15.74 1.85 1.50
C PRO A 31 16.59 1.91 0.23
N GLY A 32 16.41 0.93 -0.64
CA GLY A 32 17.17 0.89 -1.88
C GLY A 32 16.28 0.72 -3.10
N CYS A 33 15.30 -0.16 -3.00
CA CYS A 33 14.39 -0.41 -4.10
C CYS A 33 13.58 0.87 -4.35
N GLY A 34 12.84 1.28 -3.32
CA GLY A 34 12.03 2.47 -3.43
C GLY A 34 11.19 2.49 -4.68
N ALA A 35 10.39 1.44 -4.88
CA ALA A 35 9.53 1.35 -6.05
C ALA A 35 8.57 2.52 -6.13
N GLY A 36 7.85 2.77 -5.04
CA GLY A 36 6.90 3.87 -5.01
C GLY A 36 6.02 3.91 -6.24
N LEU A 37 5.74 2.74 -6.81
CA LEU A 37 4.91 2.65 -8.00
C LEU A 37 3.47 2.26 -7.63
N LEU A 38 2.53 3.13 -7.95
CA LEU A 38 1.12 2.87 -7.66
C LEU A 38 0.59 1.73 -8.51
N PRO A 39 0.31 0.59 -7.86
CA PRO A 39 -0.22 -0.61 -8.54
C PRO A 39 -1.65 -0.41 -9.03
N GLU A 40 -2.16 -1.39 -9.77
CA GLU A 40 -3.52 -1.33 -10.30
C GLU A 40 -4.52 -1.02 -9.19
N PRO A 41 -5.73 -0.60 -9.58
CA PRO A 41 -6.80 -0.27 -8.64
C PRO A 41 -7.35 -1.49 -7.92
N ASP A 42 -6.65 -2.62 -8.06
CA ASP A 42 -7.07 -3.86 -7.43
C ASP A 42 -5.88 -4.56 -6.77
N GLN A 43 -5.96 -4.76 -5.46
CA GLN A 43 -4.90 -5.42 -4.72
C GLN A 43 -4.80 -6.90 -5.08
N ARG A 44 -5.82 -7.39 -5.79
CA ARG A 44 -5.86 -8.79 -6.19
C ARG A 44 -4.48 -9.25 -6.67
N LYS A 45 -3.78 -8.37 -7.36
CA LYS A 45 -2.44 -8.69 -7.88
C LYS A 45 -1.60 -7.42 -8.02
N VAL A 46 -0.70 -7.21 -7.07
CA VAL A 46 0.18 -6.04 -7.09
C VAL A 46 1.64 -6.46 -7.16
N THR A 47 2.30 -6.08 -8.26
CA THR A 47 3.71 -6.40 -8.45
C THR A 47 4.59 -5.19 -8.23
N CYS A 48 5.84 -5.43 -7.85
CA CYS A 48 6.77 -4.34 -7.62
C CYS A 48 7.43 -3.98 -8.95
N GLU A 49 7.26 -4.86 -9.93
CA GLU A 49 7.84 -4.67 -11.25
C GLU A 49 7.30 -3.39 -11.89
N GLY A 50 7.84 -3.05 -13.05
CA GLY A 50 7.40 -1.86 -13.75
C GLY A 50 8.56 -0.99 -14.20
N GLY A 51 9.21 -1.41 -15.29
CA GLY A 51 10.34 -0.65 -15.81
C GLY A 51 11.67 -1.29 -15.47
N ASN A 52 12.76 -0.59 -15.76
CA ASN A 52 14.10 -1.09 -15.49
C ASN A 52 14.59 -0.62 -14.12
N GLY A 53 15.46 -1.41 -13.50
CA GLY A 53 15.98 -1.06 -12.20
C GLY A 53 15.01 -1.35 -11.07
N LEU A 54 13.74 -1.49 -11.42
CA LEU A 54 12.70 -1.77 -10.44
C LEU A 54 12.08 -3.15 -10.66
N GLY A 55 11.60 -3.76 -9.59
CA GLY A 55 10.99 -5.07 -9.70
C GLY A 55 11.61 -6.07 -8.74
N CYS A 56 11.09 -6.11 -7.52
CA CYS A 56 11.61 -7.04 -6.52
C CYS A 56 11.35 -8.47 -7.00
N GLY A 57 10.17 -8.66 -7.56
CA GLY A 57 9.79 -9.97 -8.06
C GLY A 57 8.80 -10.68 -7.16
N PHE A 58 8.38 -10.01 -6.10
CA PHE A 58 7.44 -10.58 -5.15
C PHE A 58 6.23 -9.67 -4.97
N ALA A 59 5.12 -10.02 -5.60
CA ALA A 59 3.89 -9.24 -5.50
C ALA A 59 3.40 -9.17 -4.06
N PHE A 60 2.77 -8.05 -3.70
CA PHE A 60 2.25 -7.86 -2.36
C PHE A 60 0.79 -7.42 -2.40
N CYS A 61 0.21 -7.21 -1.22
CA CYS A 61 -1.17 -6.79 -1.14
C CYS A 61 -1.21 -5.32 -0.75
N ARG A 62 -1.68 -4.50 -1.69
CA ARG A 62 -1.77 -3.06 -1.47
C ARG A 62 -2.78 -2.73 -0.37
N GLU A 63 -3.70 -3.66 -0.13
CA GLU A 63 -4.72 -3.48 0.90
C GLU A 63 -4.08 -3.39 2.28
N CYS A 64 -3.16 -4.30 2.55
CA CYS A 64 -2.49 -4.34 3.84
C CYS A 64 -1.00 -4.03 3.62
N LYS A 65 -0.69 -3.68 2.38
CA LYS A 65 0.68 -3.35 2.00
C LYS A 65 1.67 -4.34 2.61
N GLU A 66 1.22 -5.58 2.76
CA GLU A 66 2.07 -6.63 3.34
C GLU A 66 2.28 -7.77 2.34
N ALA A 67 3.07 -8.76 2.74
CA ALA A 67 3.34 -9.90 1.88
C ALA A 67 2.05 -10.53 1.37
N TYR A 68 2.00 -10.79 0.06
CA TYR A 68 0.83 -11.38 -0.55
C TYR A 68 0.41 -12.65 0.18
N HIS A 69 -0.83 -12.67 0.66
CA HIS A 69 -1.36 -13.82 1.38
C HIS A 69 -2.37 -14.58 0.52
N GLU A 70 -2.36 -15.91 0.65
CA GLU A 70 -3.27 -16.75 -0.11
C GLU A 70 -4.65 -16.81 0.55
N GLY A 71 -4.91 -15.85 1.44
CA GLY A 71 -6.18 -15.82 2.14
C GLY A 71 -6.87 -14.47 2.02
N GLU A 72 -6.67 -13.62 3.00
CA GLU A 72 -7.27 -12.29 3.00
C GLU A 72 -6.77 -11.46 4.18
N CYS A 73 -6.77 -10.15 4.02
CA CYS A 73 -6.32 -9.26 5.07
C CYS A 73 -6.99 -9.69 6.38
N SER A 74 -8.32 -9.64 6.38
CA SER A 74 -9.10 -10.02 7.55
C SER A 74 -8.61 -9.28 8.80
N ALA A 75 -8.20 -8.03 8.60
CA ALA A 75 -7.72 -7.21 9.70
C ALA A 75 -8.61 -5.99 9.91
N VAL A 76 -9.82 -6.05 9.38
CA VAL A 76 -10.78 -4.95 9.51
C VAL A 76 -10.83 -4.44 10.94
N PHE A 77 -10.63 -5.35 11.89
CA PHE A 77 -10.67 -5.00 13.31
C PHE A 77 -11.95 -4.26 13.66
N GLU A 78 -13.05 -4.67 13.03
CA GLU A 78 -14.34 -4.04 13.27
C GLU A 78 -15.34 -5.04 13.85
N ALA A 79 -15.21 -6.30 13.44
CA ALA A 79 -16.09 -7.35 13.92
C ALA A 79 -16.50 -7.10 15.37
N SER A 80 -15.51 -6.87 16.23
CA SER A 80 -15.78 -6.63 17.65
C SER A 80 -15.84 -5.13 17.93
N GLY A 1 2.89 45.26 -36.85
CA GLY A 1 3.24 43.88 -36.52
C GLY A 1 3.55 43.71 -35.05
N HIS A 2 2.63 44.12 -34.19
CA HIS A 2 2.81 44.01 -32.75
C HIS A 2 2.04 42.81 -32.20
N MET A 3 1.66 41.90 -33.09
CA MET A 3 0.93 40.70 -32.69
C MET A 3 1.79 39.80 -31.82
N GLY A 4 1.20 38.70 -31.34
CA GLY A 4 1.92 37.77 -30.50
C GLY A 4 1.01 36.81 -29.78
N GLU A 5 1.59 35.74 -29.23
CA GLU A 5 0.82 34.73 -28.51
C GLU A 5 1.20 34.71 -27.04
N GLU A 6 0.21 34.87 -26.17
CA GLU A 6 0.44 34.86 -24.73
C GLU A 6 -0.16 33.62 -24.08
N GLN A 7 -0.45 32.62 -24.91
CA GLN A 7 -1.03 31.37 -24.42
C GLN A 7 -0.01 30.59 -23.59
N TYR A 8 -0.51 29.63 -22.82
CA TYR A 8 0.35 28.80 -21.98
C TYR A 8 0.12 27.32 -22.24
N ASN A 9 1.17 26.53 -22.08
CA ASN A 9 1.08 25.09 -22.30
C ASN A 9 0.03 24.46 -21.39
N ARG A 10 -0.76 23.56 -21.95
CA ARG A 10 -1.81 22.88 -21.19
C ARG A 10 -1.24 22.24 -19.93
N TYR A 11 -2.11 21.94 -18.97
CA TYR A 11 -1.69 21.32 -17.72
C TYR A 11 -0.88 20.06 -17.98
N GLN A 12 0.15 19.84 -17.17
CA GLN A 12 1.01 18.67 -17.31
C GLN A 12 0.27 17.41 -16.89
N GLN A 13 -0.45 17.48 -15.77
CA GLN A 13 -1.20 16.34 -15.27
C GLN A 13 -2.13 15.79 -16.33
N TYR A 14 -2.46 14.51 -16.22
CA TYR A 14 -3.35 13.86 -17.18
C TYR A 14 -4.79 13.89 -16.70
N GLY A 15 -4.99 13.55 -15.42
CA GLY A 15 -6.33 13.55 -14.85
C GLY A 15 -6.84 12.15 -14.60
N ALA A 16 -6.05 11.35 -13.90
CA ALA A 16 -6.43 9.98 -13.58
C ALA A 16 -7.55 9.94 -12.55
N GLU A 17 -8.42 8.95 -12.66
CA GLU A 17 -9.53 8.80 -11.73
C GLU A 17 -9.42 7.50 -10.94
N GLU A 18 -8.98 7.62 -9.68
CA GLU A 18 -8.83 6.45 -8.82
C GLU A 18 -10.14 5.68 -8.69
N CYS A 19 -10.09 4.39 -8.93
CA CYS A 19 -11.28 3.54 -8.84
C CYS A 19 -11.07 2.42 -7.84
N VAL A 20 -11.76 2.52 -6.70
CA VAL A 20 -11.66 1.52 -5.65
C VAL A 20 -10.25 1.49 -5.06
N LEU A 21 -9.68 2.66 -4.83
CA LEU A 21 -8.34 2.76 -4.27
C LEU A 21 -8.38 3.37 -2.87
N GLN A 22 -8.14 2.54 -1.86
CA GLN A 22 -8.14 2.98 -0.48
C GLN A 22 -6.72 3.18 0.04
N MET A 23 -5.82 2.29 -0.37
CA MET A 23 -4.43 2.37 0.05
C MET A 23 -3.50 2.58 -1.15
N GLY A 24 -4.09 3.01 -2.26
CA GLY A 24 -3.30 3.24 -3.47
C GLY A 24 -1.93 3.80 -3.16
N GLY A 25 -0.89 3.01 -3.46
CA GLY A 25 0.47 3.45 -3.21
C GLY A 25 1.14 2.65 -2.10
N VAL A 26 2.21 1.95 -2.45
CA VAL A 26 2.94 1.14 -1.48
C VAL A 26 4.45 1.29 -1.66
N LEU A 27 5.13 1.72 -0.61
CA LEU A 27 6.58 1.90 -0.66
C LEU A 27 7.30 0.60 -0.34
N CYS A 28 7.95 0.03 -1.35
CA CYS A 28 8.68 -1.22 -1.16
C CYS A 28 9.61 -1.05 0.05
N PRO A 29 9.56 -2.04 0.95
CA PRO A 29 10.38 -2.05 2.17
C PRO A 29 11.86 -2.28 1.86
N ARG A 30 12.16 -2.56 0.60
CA ARG A 30 13.54 -2.80 0.18
C ARG A 30 14.42 -1.60 0.49
N PRO A 31 15.72 -1.85 0.68
CA PRO A 31 16.70 -0.79 0.98
C PRO A 31 16.95 0.13 -0.21
N GLY A 32 17.21 -0.49 -1.37
CA GLY A 32 17.47 0.29 -2.57
C GLY A 32 16.20 0.56 -3.37
N CYS A 33 15.32 -0.43 -3.41
CA CYS A 33 14.08 -0.28 -4.15
C CYS A 33 13.03 0.35 -3.22
N GLY A 34 12.07 1.03 -3.84
CA GLY A 34 11.02 1.67 -3.07
C GLY A 34 9.66 1.45 -3.68
N ALA A 35 9.62 0.88 -4.88
CA ALA A 35 8.37 0.61 -5.57
C ALA A 35 7.32 1.68 -5.24
N GLY A 36 7.78 2.90 -5.03
CA GLY A 36 6.88 3.99 -4.71
C GLY A 36 5.76 4.14 -5.72
N LEU A 37 5.86 3.41 -6.83
CA LEU A 37 4.85 3.45 -7.87
C LEU A 37 3.46 3.21 -7.30
N LEU A 38 2.45 3.37 -8.13
CA LEU A 38 1.06 3.17 -7.71
C LEU A 38 0.50 1.87 -8.28
N PRO A 39 0.24 0.90 -7.39
CA PRO A 39 -0.30 -0.40 -7.78
C PRO A 39 -1.75 -0.30 -8.25
N GLU A 40 -2.16 -1.26 -9.08
CA GLU A 40 -3.53 -1.29 -9.60
C GLU A 40 -4.55 -1.18 -8.46
N PRO A 41 -5.77 -0.74 -8.80
CA PRO A 41 -6.85 -0.58 -7.83
C PRO A 41 -7.36 -1.92 -7.32
N ASP A 42 -6.63 -2.98 -7.60
CA ASP A 42 -7.01 -4.32 -7.16
C ASP A 42 -5.80 -5.09 -6.66
N GLN A 43 -5.68 -5.19 -5.33
CA GLN A 43 -4.57 -5.90 -4.71
C GLN A 43 -4.45 -7.31 -5.28
N ARG A 44 -5.50 -7.77 -5.94
CA ARG A 44 -5.50 -9.11 -6.53
C ARG A 44 -4.10 -9.51 -6.98
N LYS A 45 -3.45 -8.64 -7.74
CA LYS A 45 -2.11 -8.91 -8.24
C LYS A 45 -1.38 -7.61 -8.54
N VAL A 46 -0.34 -7.31 -7.78
CA VAL A 46 0.45 -6.10 -7.97
C VAL A 46 1.94 -6.39 -7.89
N THR A 47 2.65 -6.17 -9.00
CA THR A 47 4.07 -6.42 -9.06
C THR A 47 4.85 -5.14 -8.77
N CYS A 48 5.71 -5.20 -7.75
CA CYS A 48 6.52 -4.04 -7.39
C CYS A 48 7.30 -3.59 -8.62
N GLU A 49 7.38 -4.49 -9.59
CA GLU A 49 8.10 -4.20 -10.83
C GLU A 49 7.51 -2.99 -11.53
N GLY A 50 8.12 -2.60 -12.65
CA GLY A 50 7.64 -1.44 -13.39
C GLY A 50 8.23 -0.14 -12.88
N GLY A 51 7.44 0.92 -12.95
CA GLY A 51 7.91 2.23 -12.50
C GLY A 51 9.14 2.68 -13.23
N ASN A 52 10.02 3.40 -12.53
CA ASN A 52 11.25 3.91 -13.12
C ASN A 52 12.10 2.76 -13.67
N GLY A 53 12.44 1.82 -12.80
CA GLY A 53 13.25 0.68 -13.20
C GLY A 53 13.53 -0.27 -12.06
N LEU A 54 12.51 -0.54 -11.25
CA LEU A 54 12.66 -1.44 -10.12
C LEU A 54 11.95 -2.76 -10.37
N GLY A 55 12.27 -3.77 -9.57
CA GLY A 55 11.65 -5.07 -9.72
C GLY A 55 12.15 -6.08 -8.71
N CYS A 56 11.33 -6.34 -7.70
CA CYS A 56 11.72 -7.30 -6.66
C CYS A 56 11.38 -8.71 -7.15
N GLY A 57 10.19 -8.82 -7.75
CA GLY A 57 9.74 -10.10 -8.26
C GLY A 57 8.73 -10.77 -7.35
N PHE A 58 8.28 -10.05 -6.33
CA PHE A 58 7.31 -10.57 -5.38
C PHE A 58 6.16 -9.59 -5.18
N ALA A 59 5.01 -9.91 -5.77
CA ALA A 59 3.83 -9.06 -5.66
C ALA A 59 3.46 -8.82 -4.20
N PHE A 60 2.64 -7.81 -3.96
CA PHE A 60 2.22 -7.46 -2.60
C PHE A 60 0.73 -7.16 -2.56
N CYS A 61 0.23 -6.84 -1.37
CA CYS A 61 -1.17 -6.53 -1.21
C CYS A 61 -1.31 -5.03 -0.96
N ARG A 62 -1.83 -4.33 -1.97
CA ARG A 62 -2.03 -2.88 -1.89
C ARG A 62 -3.03 -2.53 -0.80
N GLU A 63 -3.83 -3.53 -0.39
CA GLU A 63 -4.83 -3.32 0.64
C GLU A 63 -4.18 -3.15 2.00
N CYS A 64 -3.19 -3.99 2.29
CA CYS A 64 -2.50 -3.93 3.56
C CYS A 64 -1.03 -3.59 3.29
N LYS A 65 -0.76 -3.19 2.05
CA LYS A 65 0.59 -2.82 1.64
C LYS A 65 1.61 -3.77 2.25
N GLU A 66 1.21 -5.03 2.45
CA GLU A 66 2.10 -6.03 3.03
C GLU A 66 2.27 -7.21 2.08
N ALA A 67 3.18 -8.12 2.44
CA ALA A 67 3.44 -9.30 1.62
C ALA A 67 2.14 -10.05 1.32
N TYR A 68 1.98 -10.47 0.07
CA TYR A 68 0.79 -11.20 -0.35
C TYR A 68 0.53 -12.39 0.57
N HIS A 69 -0.57 -12.34 1.30
CA HIS A 69 -0.93 -13.42 2.21
C HIS A 69 -1.67 -14.54 1.47
N GLU A 70 -2.23 -14.20 0.32
CA GLU A 70 -2.95 -15.18 -0.48
C GLU A 70 -4.16 -15.72 0.27
N GLY A 71 -4.93 -14.82 0.86
CA GLY A 71 -6.10 -15.23 1.62
C GLY A 71 -7.00 -14.06 1.99
N GLU A 72 -6.49 -13.19 2.85
CA GLU A 72 -7.25 -12.02 3.29
C GLU A 72 -6.46 -11.21 4.31
N CYS A 73 -6.55 -9.89 4.20
CA CYS A 73 -5.85 -9.02 5.12
C CYS A 73 -6.19 -9.44 6.55
N SER A 74 -7.32 -10.13 6.67
CA SER A 74 -7.78 -10.61 7.97
C SER A 74 -7.01 -11.84 8.41
N ALA A 75 -5.94 -12.15 7.69
CA ALA A 75 -5.11 -13.31 8.00
C ALA A 75 -3.68 -12.90 8.32
N VAL A 76 -3.13 -13.43 9.41
CA VAL A 76 -1.78 -13.12 9.82
C VAL A 76 -0.84 -14.30 9.58
N PHE A 77 0.37 -14.00 9.14
CA PHE A 77 1.36 -15.05 8.88
C PHE A 77 1.78 -15.75 10.16
N GLU A 78 1.26 -16.96 10.37
CA GLU A 78 1.57 -17.74 11.56
C GLU A 78 2.86 -18.53 11.36
N ALA A 79 3.87 -18.20 12.17
CA ALA A 79 5.16 -18.88 12.09
C ALA A 79 5.14 -20.19 12.87
N SER A 80 5.78 -21.21 12.32
CA SER A 80 5.84 -22.52 12.96
C SER A 80 6.74 -22.49 14.18
N GLY A 1 7.03 -8.80 25.92
CA GLY A 1 6.70 -8.26 24.62
C GLY A 1 7.28 -6.87 24.41
N HIS A 2 7.81 -6.62 23.22
CA HIS A 2 8.40 -5.33 22.89
C HIS A 2 7.41 -4.20 23.15
N MET A 3 7.69 -3.40 24.16
CA MET A 3 6.82 -2.27 24.52
C MET A 3 7.62 -1.00 24.69
N GLY A 4 7.13 0.09 24.12
CA GLY A 4 7.83 1.36 24.22
C GLY A 4 8.43 1.59 25.59
N GLU A 5 9.72 1.85 25.64
CA GLU A 5 10.41 2.09 26.90
C GLU A 5 10.34 3.57 27.28
N GLU A 6 10.80 3.87 28.50
CA GLU A 6 10.80 5.24 29.00
C GLU A 6 11.28 6.21 27.92
N GLN A 7 12.51 6.02 27.46
CA GLN A 7 13.09 6.88 26.44
C GLN A 7 13.05 6.20 25.07
N TYR A 8 12.28 6.77 24.15
CA TYR A 8 12.16 6.22 22.81
C TYR A 8 11.61 7.26 21.84
N ASN A 9 11.72 6.98 20.55
CA ASN A 9 11.25 7.89 19.52
C ASN A 9 11.89 9.27 19.67
N ARG A 10 13.19 9.27 19.93
CA ARG A 10 13.93 10.52 20.10
C ARG A 10 13.97 11.31 18.80
N TYR A 11 13.33 12.46 18.79
CA TYR A 11 13.30 13.31 17.60
C TYR A 11 13.09 14.78 17.98
N GLN A 12 13.63 15.67 17.17
CA GLN A 12 13.50 17.11 17.42
C GLN A 12 12.15 17.63 16.94
N GLN A 13 11.76 17.22 15.74
CA GLN A 13 10.49 17.64 15.16
C GLN A 13 9.39 16.63 15.46
N TYR A 14 8.17 16.94 15.03
CA TYR A 14 7.03 16.06 15.26
C TYR A 14 6.96 14.97 14.19
N GLY A 15 6.83 13.72 14.62
CA GLY A 15 6.74 12.62 13.69
C GLY A 15 5.56 12.74 12.75
N ALA A 16 4.65 11.77 12.81
CA ALA A 16 3.47 11.78 11.96
C ALA A 16 2.30 11.07 12.65
N GLU A 17 1.15 11.73 12.68
CA GLU A 17 -0.04 11.17 13.31
C GLU A 17 -0.71 10.16 12.39
N GLU A 18 -0.80 10.51 11.10
CA GLU A 18 -1.43 9.64 10.12
C GLU A 18 -0.64 8.35 9.96
N CYS A 19 -1.32 7.22 10.17
CA CYS A 19 -0.68 5.91 10.05
C CYS A 19 -1.68 4.86 9.62
N VAL A 20 -1.45 4.26 8.45
CA VAL A 20 -2.34 3.24 7.92
C VAL A 20 -3.77 3.74 7.83
N LEU A 21 -3.94 4.95 7.29
CA LEU A 21 -5.26 5.54 7.15
C LEU A 21 -5.91 5.13 5.83
N GLN A 22 -5.12 5.15 4.76
CA GLN A 22 -5.61 4.78 3.44
C GLN A 22 -4.61 3.88 2.72
N MET A 23 -5.03 2.66 2.41
CA MET A 23 -4.17 1.70 1.73
C MET A 23 -3.56 2.33 0.47
N GLY A 24 -4.32 3.21 -0.17
CA GLY A 24 -3.84 3.86 -1.37
C GLY A 24 -2.45 4.43 -1.21
N GLY A 25 -1.73 4.58 -2.31
CA GLY A 25 -0.38 5.12 -2.26
C GLY A 25 0.58 4.21 -1.50
N VAL A 26 0.97 3.11 -2.13
CA VAL A 26 1.88 2.17 -1.50
C VAL A 26 3.23 2.16 -2.20
N LEU A 27 4.28 1.89 -1.45
CA LEU A 27 5.64 1.85 -2.01
C LEU A 27 6.42 0.68 -1.43
N CYS A 28 7.45 0.26 -2.16
CA CYS A 28 8.28 -0.85 -1.71
C CYS A 28 9.09 -0.39 -0.50
N PRO A 29 9.01 -1.19 0.57
CA PRO A 29 9.72 -0.91 1.82
C PRO A 29 11.22 -1.09 1.68
N ARG A 30 11.67 -1.39 0.47
CA ARG A 30 13.09 -1.59 0.20
C ARG A 30 13.84 -0.27 0.32
N PRO A 31 15.04 -0.32 0.95
CA PRO A 31 15.88 0.86 1.14
C PRO A 31 16.49 1.36 -0.18
N GLY A 32 16.92 0.43 -1.01
CA GLY A 32 17.51 0.79 -2.29
C GLY A 32 16.52 0.68 -3.44
N CYS A 33 15.71 -0.36 -3.40
CA CYS A 33 14.73 -0.58 -4.46
C CYS A 33 13.69 0.55 -4.37
N GLY A 34 13.23 0.80 -3.16
CA GLY A 34 12.23 1.83 -2.94
C GLY A 34 11.39 2.09 -4.17
N ALA A 35 10.80 1.04 -4.72
CA ALA A 35 9.96 1.16 -5.91
C ALA A 35 9.18 2.47 -5.90
N GLY A 36 8.25 2.60 -4.96
CA GLY A 36 7.45 3.80 -4.86
C GLY A 36 6.55 3.99 -6.07
N LEU A 37 5.74 2.98 -6.37
CA LEU A 37 4.83 3.04 -7.50
C LEU A 37 3.41 2.66 -7.07
N LEU A 38 2.43 3.30 -7.70
CA LEU A 38 1.03 3.03 -7.39
C LEU A 38 0.41 2.07 -8.41
N PRO A 39 0.28 0.79 -8.01
CA PRO A 39 -0.28 -0.25 -8.86
C PRO A 39 -1.78 -0.07 -9.09
N GLU A 40 -2.43 -1.10 -9.61
CA GLU A 40 -3.86 -1.06 -9.87
C GLU A 40 -4.66 -0.98 -8.57
N PRO A 41 -5.89 -0.46 -8.65
CA PRO A 41 -6.77 -0.32 -7.49
C PRO A 41 -7.27 -1.66 -6.97
N ASP A 42 -6.67 -2.74 -7.47
CA ASP A 42 -7.05 -4.09 -7.07
C ASP A 42 -5.84 -4.86 -6.54
N GLN A 43 -5.80 -5.08 -5.23
CA GLN A 43 -4.70 -5.81 -4.62
C GLN A 43 -4.59 -7.22 -5.20
N ARG A 44 -5.58 -7.62 -5.97
CA ARG A 44 -5.60 -8.95 -6.58
C ARG A 44 -4.18 -9.39 -6.93
N LYS A 45 -3.43 -8.50 -7.57
CA LYS A 45 -2.06 -8.80 -7.97
C LYS A 45 -1.25 -7.52 -8.17
N VAL A 46 -0.35 -7.24 -7.24
CA VAL A 46 0.49 -6.05 -7.32
C VAL A 46 1.96 -6.42 -7.36
N THR A 47 2.61 -6.11 -8.48
CA THR A 47 4.02 -6.40 -8.65
C THR A 47 4.88 -5.16 -8.43
N CYS A 48 5.87 -5.28 -7.56
CA CYS A 48 6.75 -4.15 -7.28
C CYS A 48 7.40 -3.71 -8.58
N GLU A 49 7.33 -4.60 -9.57
CA GLU A 49 7.91 -4.33 -10.89
C GLU A 49 7.40 -3.00 -11.45
N GLY A 50 8.06 -2.51 -12.48
CA GLY A 50 7.66 -1.24 -13.09
C GLY A 50 8.50 -0.90 -14.30
N GLY A 51 8.59 0.39 -14.61
CA GLY A 51 9.36 0.83 -15.77
C GLY A 51 10.80 0.36 -15.70
N ASN A 52 11.46 0.62 -14.58
CA ASN A 52 12.85 0.23 -14.41
C ASN A 52 12.95 -1.23 -13.95
N GLY A 53 14.12 -1.82 -14.13
CA GLY A 53 14.33 -3.20 -13.73
C GLY A 53 14.53 -3.34 -12.24
N LEU A 54 13.71 -2.65 -11.46
CA LEU A 54 13.82 -2.71 -10.00
C LEU A 54 12.90 -3.78 -9.43
N GLY A 55 11.94 -4.23 -10.24
CA GLY A 55 11.01 -5.26 -9.80
C GLY A 55 11.67 -6.27 -8.87
N CYS A 56 11.21 -6.31 -7.63
CA CYS A 56 11.77 -7.23 -6.66
C CYS A 56 11.55 -8.65 -7.17
N GLY A 57 10.33 -8.91 -7.64
CA GLY A 57 9.99 -10.21 -8.16
C GLY A 57 8.91 -10.90 -7.35
N PHE A 58 8.46 -10.25 -6.28
CA PHE A 58 7.42 -10.80 -5.42
C PHE A 58 6.30 -9.79 -5.22
N ALA A 59 5.14 -10.09 -5.82
CA ALA A 59 3.98 -9.21 -5.70
C ALA A 59 3.52 -9.10 -4.25
N PHE A 60 2.87 -7.99 -3.93
CA PHE A 60 2.37 -7.76 -2.58
C PHE A 60 0.91 -7.36 -2.60
N CYS A 61 0.34 -7.14 -1.41
CA CYS A 61 -1.05 -6.75 -1.31
C CYS A 61 -1.12 -5.28 -0.92
N ARG A 62 -1.71 -4.49 -1.81
CA ARG A 62 -1.86 -3.05 -1.60
C ARG A 62 -2.87 -2.77 -0.49
N GLU A 63 -3.86 -3.65 -0.37
CA GLU A 63 -4.89 -3.49 0.64
C GLU A 63 -4.29 -3.44 2.05
N CYS A 64 -3.27 -4.26 2.27
CA CYS A 64 -2.60 -4.29 3.56
C CYS A 64 -1.14 -3.88 3.37
N LYS A 65 -0.83 -3.53 2.13
CA LYS A 65 0.53 -3.12 1.77
C LYS A 65 1.56 -4.05 2.40
N GLU A 66 1.21 -5.33 2.52
CA GLU A 66 2.11 -6.31 3.11
C GLU A 66 2.32 -7.47 2.15
N ALA A 67 3.16 -8.42 2.55
CA ALA A 67 3.46 -9.59 1.72
C ALA A 67 2.17 -10.28 1.26
N TYR A 68 2.10 -10.60 -0.02
CA TYR A 68 0.93 -11.26 -0.59
C TYR A 68 0.56 -12.50 0.22
N HIS A 69 -0.69 -12.57 0.66
CA HIS A 69 -1.17 -13.70 1.45
C HIS A 69 -2.20 -14.51 0.66
N GLU A 70 -2.24 -15.81 0.92
CA GLU A 70 -3.18 -16.69 0.22
C GLU A 70 -4.56 -16.65 0.87
N GLY A 71 -4.79 -15.61 1.67
CA GLY A 71 -6.07 -15.46 2.34
C GLY A 71 -6.69 -14.10 2.12
N GLU A 72 -6.87 -13.35 3.21
CA GLU A 72 -7.46 -12.02 3.12
C GLU A 72 -6.81 -11.07 4.13
N CYS A 73 -6.98 -9.77 3.90
CA CYS A 73 -6.41 -8.78 4.80
C CYS A 73 -7.01 -8.97 6.18
N SER A 74 -8.31 -8.68 6.27
CA SER A 74 -9.04 -8.80 7.54
C SER A 74 -8.34 -8.01 8.64
N ALA A 75 -7.83 -6.84 8.28
CA ALA A 75 -7.15 -5.98 9.25
C ALA A 75 -7.87 -4.65 9.41
N VAL A 76 -9.13 -4.62 9.00
CA VAL A 76 -9.94 -3.41 9.10
C VAL A 76 -11.43 -3.74 9.15
N PHE A 77 -12.20 -2.88 9.80
CA PHE A 77 -13.65 -3.08 9.91
C PHE A 77 -14.36 -2.67 8.63
N GLU A 78 -15.51 -3.29 8.38
CA GLU A 78 -16.28 -2.99 7.18
C GLU A 78 -15.44 -3.17 5.92
N ALA A 79 -14.74 -4.30 5.85
CA ALA A 79 -13.90 -4.60 4.69
C ALA A 79 -14.31 -5.92 4.04
N SER A 80 -14.22 -5.97 2.71
CA SER A 80 -14.60 -7.16 1.97
C SER A 80 -13.71 -8.34 2.37
N GLY A 1 -14.92 51.41 7.61
CA GLY A 1 -15.23 50.44 8.65
C GLY A 1 -16.67 49.98 8.60
N HIS A 2 -16.99 48.98 9.42
CA HIS A 2 -18.34 48.44 9.46
C HIS A 2 -18.69 47.94 10.86
N MET A 3 -19.95 47.54 11.06
CA MET A 3 -20.40 47.04 12.35
C MET A 3 -20.19 45.54 12.45
N GLY A 4 -20.05 45.06 13.68
CA GLY A 4 -19.84 43.63 13.89
C GLY A 4 -21.01 42.79 13.41
N GLU A 5 -20.70 41.71 12.70
CA GLU A 5 -21.73 40.82 12.18
C GLU A 5 -21.47 39.38 12.59
N GLU A 6 -22.53 38.57 12.60
CA GLU A 6 -22.41 37.17 12.97
C GLU A 6 -22.25 36.28 11.74
N GLN A 7 -21.88 35.03 11.96
CA GLN A 7 -21.68 34.08 10.87
C GLN A 7 -22.35 32.74 11.17
N TYR A 8 -23.20 32.29 10.25
CA TYR A 8 -23.91 31.02 10.42
C TYR A 8 -23.46 30.01 9.38
N ASN A 9 -22.32 30.27 8.76
CA ASN A 9 -21.78 29.37 7.74
C ASN A 9 -20.73 28.44 8.34
N ARG A 10 -20.89 27.14 8.10
CA ARG A 10 -19.95 26.15 8.61
C ARG A 10 -18.66 26.17 7.81
N TYR A 11 -17.54 25.93 8.49
CA TYR A 11 -16.23 25.91 7.83
C TYR A 11 -15.83 24.50 7.45
N GLN A 12 -15.99 23.57 8.39
CA GLN A 12 -15.64 22.17 8.15
C GLN A 12 -16.86 21.28 8.30
N GLN A 13 -17.25 20.62 7.21
CA GLN A 13 -18.40 19.72 7.23
C GLN A 13 -18.04 18.35 6.68
N TYR A 14 -18.75 17.33 7.14
CA TYR A 14 -18.50 15.96 6.70
C TYR A 14 -19.62 15.03 7.15
N GLY A 15 -19.82 13.95 6.40
CA GLY A 15 -20.86 12.99 6.73
C GLY A 15 -20.35 11.56 6.76
N ALA A 16 -20.29 10.93 5.59
CA ALA A 16 -19.83 9.56 5.49
C ALA A 16 -18.40 9.43 6.03
N GLU A 17 -18.26 8.71 7.13
CA GLU A 17 -16.95 8.51 7.74
C GLU A 17 -16.05 7.67 6.85
N GLU A 18 -14.93 8.25 6.43
CA GLU A 18 -13.99 7.55 5.56
C GLU A 18 -12.56 8.07 5.78
N CYS A 19 -11.65 7.15 6.04
CA CYS A 19 -10.25 7.50 6.27
C CYS A 19 -9.33 6.35 5.90
N VAL A 20 -8.31 6.64 5.09
CA VAL A 20 -7.35 5.63 4.66
C VAL A 20 -8.03 4.28 4.51
N LEU A 21 -9.30 4.29 4.12
CA LEU A 21 -10.05 3.07 3.91
C LEU A 21 -9.40 2.18 2.86
N GLN A 22 -8.89 2.79 1.80
CA GLN A 22 -8.24 2.06 0.73
C GLN A 22 -6.76 2.44 0.64
N MET A 23 -5.92 1.45 0.35
CA MET A 23 -4.48 1.69 0.24
C MET A 23 -4.11 2.09 -1.18
N GLY A 24 -3.02 2.85 -1.31
CA GLY A 24 -2.59 3.29 -2.62
C GLY A 24 -1.09 3.17 -2.80
N GLY A 25 -0.39 4.30 -2.67
CA GLY A 25 1.06 4.30 -2.83
C GLY A 25 1.75 3.54 -1.71
N VAL A 26 2.62 2.60 -2.09
CA VAL A 26 3.35 1.81 -1.11
C VAL A 26 4.84 1.81 -1.41
N LEU A 27 5.59 2.58 -0.61
CA LEU A 27 7.04 2.67 -0.79
C LEU A 27 7.73 1.39 -0.34
N CYS A 28 8.44 0.75 -1.25
CA CYS A 28 9.14 -0.48 -0.94
C CYS A 28 10.16 -0.19 0.16
N PRO A 29 10.00 -0.90 1.29
CA PRO A 29 10.88 -0.76 2.45
C PRO A 29 12.27 -1.30 2.19
N ARG A 30 12.50 -1.81 0.98
CA ARG A 30 13.80 -2.35 0.62
C ARG A 30 14.92 -1.36 0.90
N PRO A 31 16.16 -1.84 0.89
CA PRO A 31 17.34 -1.00 1.14
C PRO A 31 17.60 -0.01 0.01
N GLY A 32 17.17 -0.37 -1.20
CA GLY A 32 17.37 0.49 -2.34
C GLY A 32 16.45 0.15 -3.49
N CYS A 33 15.16 0.08 -3.21
CA CYS A 33 14.18 -0.23 -4.23
C CYS A 33 13.57 1.07 -4.75
N GLY A 34 12.96 1.81 -3.82
CA GLY A 34 12.34 3.07 -4.16
C GLY A 34 11.26 2.92 -5.20
N ALA A 35 10.60 1.76 -5.20
CA ALA A 35 9.53 1.50 -6.16
C ALA A 35 8.52 2.65 -6.19
N GLY A 36 8.01 3.02 -5.04
CA GLY A 36 7.05 4.11 -4.96
C GLY A 36 6.15 4.18 -6.18
N LEU A 37 5.66 3.02 -6.62
CA LEU A 37 4.79 2.95 -7.79
C LEU A 37 3.34 2.68 -7.38
N LEU A 38 2.41 3.14 -8.20
CA LEU A 38 0.99 2.94 -7.92
C LEU A 38 0.44 1.76 -8.71
N PRO A 39 0.25 0.63 -8.04
CA PRO A 39 -0.27 -0.59 -8.66
C PRO A 39 -1.75 -0.46 -9.03
N GLU A 40 -2.27 -1.48 -9.71
CA GLU A 40 -3.67 -1.47 -10.13
C GLU A 40 -4.58 -1.19 -8.94
N PRO A 41 -5.79 -0.67 -9.24
CA PRO A 41 -6.79 -0.34 -8.21
C PRO A 41 -7.37 -1.59 -7.56
N ASP A 42 -6.75 -2.73 -7.79
CA ASP A 42 -7.21 -3.99 -7.23
C ASP A 42 -6.05 -4.75 -6.58
N GLN A 43 -6.13 -4.92 -5.27
CA GLN A 43 -5.08 -5.63 -4.53
C GLN A 43 -5.02 -7.09 -4.95
N ARG A 44 -5.94 -7.50 -5.81
CA ARG A 44 -5.99 -8.87 -6.29
C ARG A 44 -4.59 -9.39 -6.58
N LYS A 45 -3.79 -8.58 -7.27
CA LYS A 45 -2.43 -8.95 -7.61
C LYS A 45 -1.57 -7.72 -7.89
N VAL A 46 -0.74 -7.36 -6.92
CA VAL A 46 0.13 -6.19 -7.06
C VAL A 46 1.59 -6.60 -7.06
N THR A 47 2.30 -6.27 -8.14
CA THR A 47 3.71 -6.60 -8.27
C THR A 47 4.58 -5.35 -8.22
N CYS A 48 5.82 -5.50 -7.76
CA CYS A 48 6.74 -4.38 -7.68
C CYS A 48 7.39 -4.20 -9.05
N GLU A 49 6.88 -4.93 -10.03
CA GLU A 49 7.40 -4.86 -11.39
C GLU A 49 6.47 -4.07 -12.29
N GLY A 50 6.87 -3.89 -13.55
CA GLY A 50 6.05 -3.15 -14.49
C GLY A 50 6.88 -2.30 -15.43
N GLY A 51 6.27 -1.24 -15.97
CA GLY A 51 6.96 -0.36 -16.88
C GLY A 51 8.41 -0.15 -16.48
N ASN A 52 8.62 0.39 -15.28
CA ASN A 52 9.96 0.65 -14.78
C ASN A 52 10.83 -0.62 -14.87
N GLY A 53 12.13 -0.42 -15.08
CA GLY A 53 13.03 -1.56 -15.17
C GLY A 53 13.25 -2.23 -13.83
N LEU A 54 12.55 -1.76 -12.81
CA LEU A 54 12.67 -2.33 -11.47
C LEU A 54 11.77 -3.55 -11.31
N GLY A 55 11.84 -4.18 -10.15
CA GLY A 55 11.03 -5.35 -9.88
C GLY A 55 11.58 -6.21 -8.76
N CYS A 56 10.94 -6.12 -7.60
CA CYS A 56 11.38 -6.90 -6.45
C CYS A 56 11.29 -8.39 -6.81
N GLY A 57 10.22 -8.72 -7.52
CA GLY A 57 10.00 -10.10 -7.92
C GLY A 57 8.99 -10.81 -7.04
N PHE A 58 8.26 -10.04 -6.24
CA PHE A 58 7.26 -10.61 -5.34
C PHE A 58 6.06 -9.68 -5.21
N ALA A 59 4.88 -10.19 -5.57
CA ALA A 59 3.66 -9.40 -5.50
C ALA A 59 3.13 -9.35 -4.07
N PHE A 60 2.61 -8.19 -3.68
CA PHE A 60 2.06 -8.01 -2.34
C PHE A 60 0.60 -7.59 -2.39
N CYS A 61 -0.04 -7.54 -1.23
CA CYS A 61 -1.44 -7.14 -1.16
C CYS A 61 -1.50 -5.66 -0.82
N ARG A 62 -1.87 -4.87 -1.83
CA ARG A 62 -1.97 -3.42 -1.67
C ARG A 62 -2.84 -3.08 -0.46
N GLU A 63 -3.97 -3.77 -0.34
CA GLU A 63 -4.89 -3.53 0.77
C GLU A 63 -4.13 -3.36 2.08
N CYS A 64 -3.45 -4.42 2.50
CA CYS A 64 -2.69 -4.37 3.75
C CYS A 64 -1.26 -3.97 3.42
N LYS A 65 -1.03 -3.72 2.13
CA LYS A 65 0.29 -3.32 1.65
C LYS A 65 1.38 -4.19 2.27
N GLU A 66 1.04 -5.45 2.52
CA GLU A 66 2.00 -6.39 3.10
C GLU A 66 2.14 -7.63 2.21
N ALA A 67 3.00 -8.56 2.65
CA ALA A 67 3.24 -9.78 1.90
C ALA A 67 1.92 -10.49 1.56
N TYR A 68 1.74 -10.81 0.29
CA TYR A 68 0.53 -11.49 -0.15
C TYR A 68 0.25 -12.73 0.68
N HIS A 69 -0.75 -12.64 1.55
CA HIS A 69 -1.12 -13.75 2.42
C HIS A 69 -1.83 -14.85 1.61
N GLU A 70 -1.94 -14.64 0.31
CA GLU A 70 -2.59 -15.61 -0.56
C GLU A 70 -3.99 -15.95 -0.06
N GLY A 71 -4.69 -14.93 0.41
CA GLY A 71 -6.04 -15.13 0.92
C GLY A 71 -6.79 -13.84 1.10
N GLU A 72 -6.77 -13.30 2.32
CA GLU A 72 -7.47 -12.05 2.61
C GLU A 72 -6.90 -11.40 3.87
N CYS A 73 -6.99 -10.09 3.94
CA CYS A 73 -6.48 -9.36 5.09
C CYS A 73 -7.19 -9.87 6.34
N SER A 74 -8.52 -9.94 6.24
CA SER A 74 -9.35 -10.40 7.35
C SER A 74 -9.17 -11.90 7.57
N ALA A 75 -9.57 -12.69 6.57
CA ALA A 75 -9.46 -14.14 6.66
C ALA A 75 -8.00 -14.57 6.79
N VAL A 76 -7.78 -15.65 7.52
CA VAL A 76 -6.42 -16.16 7.72
C VAL A 76 -6.26 -17.54 7.08
N PHE A 77 -5.07 -17.79 6.54
CA PHE A 77 -4.78 -19.07 5.90
C PHE A 77 -4.50 -20.15 6.93
N GLU A 78 -4.77 -21.40 6.57
CA GLU A 78 -4.55 -22.53 7.46
C GLU A 78 -5.42 -22.41 8.72
N ALA A 79 -6.67 -22.01 8.53
CA ALA A 79 -7.61 -21.86 9.63
C ALA A 79 -8.05 -23.22 10.16
N SER A 80 -8.58 -24.05 9.27
CA SER A 80 -9.04 -25.38 9.65
C SER A 80 -8.12 -26.01 10.69
N GLY A 1 -14.97 17.33 -18.74
CA GLY A 1 -15.14 18.18 -17.58
C GLY A 1 -15.94 19.42 -17.87
N HIS A 2 -16.29 20.16 -16.82
CA HIS A 2 -17.08 21.38 -16.97
C HIS A 2 -16.75 22.38 -15.86
N MET A 3 -16.02 23.44 -16.23
CA MET A 3 -15.63 24.46 -15.27
C MET A 3 -16.86 25.05 -14.58
N GLY A 4 -16.89 24.97 -13.26
CA GLY A 4 -18.01 25.51 -12.50
C GLY A 4 -17.88 26.99 -12.24
N GLU A 5 -16.69 27.42 -11.84
CA GLU A 5 -16.44 28.82 -11.54
C GLU A 5 -17.25 29.29 -10.34
N GLU A 6 -17.44 28.40 -9.38
CA GLU A 6 -18.21 28.71 -8.18
C GLU A 6 -17.38 28.47 -6.92
N GLN A 7 -17.79 29.08 -5.82
CA GLN A 7 -17.08 28.93 -4.55
C GLN A 7 -17.12 27.48 -4.07
N TYR A 8 -16.47 27.23 -2.95
CA TYR A 8 -16.42 25.88 -2.39
C TYR A 8 -16.72 25.89 -0.90
N ASN A 9 -17.89 25.36 -0.53
CA ASN A 9 -18.30 25.32 0.87
C ASN A 9 -18.31 23.88 1.39
N ARG A 10 -17.62 22.99 0.67
CA ARG A 10 -17.56 21.59 1.05
C ARG A 10 -16.85 21.43 2.40
N TYR A 11 -17.52 20.78 3.34
CA TYR A 11 -16.97 20.57 4.67
C TYR A 11 -16.03 19.36 4.68
N GLN A 12 -16.50 18.25 4.11
CA GLN A 12 -15.70 17.03 4.05
C GLN A 12 -15.49 16.45 5.45
N GLN A 13 -16.52 16.54 6.28
CA GLN A 13 -16.45 16.03 7.64
C GLN A 13 -16.05 14.56 7.64
N TYR A 14 -15.65 14.06 8.80
CA TYR A 14 -15.23 12.66 8.94
C TYR A 14 -16.34 11.73 8.49
N GLY A 15 -16.00 10.46 8.30
CA GLY A 15 -16.97 9.48 7.87
C GLY A 15 -16.42 8.06 7.86
N ALA A 16 -15.26 7.90 7.22
CA ALA A 16 -14.63 6.58 7.14
C ALA A 16 -13.57 6.42 8.22
N GLU A 17 -13.47 5.21 8.78
CA GLU A 17 -12.50 4.93 9.83
C GLU A 17 -11.14 4.57 9.23
N GLU A 18 -10.15 5.41 9.50
CA GLU A 18 -8.80 5.19 8.99
C GLU A 18 -7.76 5.80 9.92
N CYS A 19 -6.91 4.96 10.49
CA CYS A 19 -5.87 5.42 11.40
C CYS A 19 -4.50 5.40 10.72
N VAL A 20 -4.01 6.58 10.36
CA VAL A 20 -2.71 6.70 9.69
C VAL A 20 -2.45 5.50 8.79
N LEU A 21 -3.52 4.95 8.21
CA LEU A 21 -3.41 3.80 7.33
C LEU A 21 -3.73 4.19 5.88
N GLN A 22 -3.07 3.54 4.94
CA GLN A 22 -3.28 3.82 3.52
C GLN A 22 -2.86 2.63 2.66
N MET A 23 -3.67 2.33 1.64
CA MET A 23 -3.38 1.23 0.74
C MET A 23 -3.04 1.73 -0.65
N GLY A 24 -3.69 2.81 -1.06
CA GLY A 24 -3.43 3.38 -2.38
C GLY A 24 -1.96 3.40 -2.72
N GLY A 25 -1.28 4.47 -2.32
CA GLY A 25 0.14 4.59 -2.60
C GLY A 25 0.99 3.62 -1.80
N VAL A 26 1.64 2.70 -2.49
CA VAL A 26 2.48 1.70 -1.82
C VAL A 26 3.93 1.82 -2.28
N LEU A 27 4.85 1.42 -1.41
CA LEU A 27 6.27 1.47 -1.72
C LEU A 27 7.00 0.23 -1.20
N CYS A 28 8.21 0.02 -1.68
CA CYS A 28 9.00 -1.13 -1.25
C CYS A 28 9.88 -0.70 -0.06
N PRO A 29 9.67 -1.39 1.07
CA PRO A 29 10.42 -1.11 2.30
C PRO A 29 11.88 -1.53 2.20
N ARG A 30 12.26 -2.08 1.04
CA ARG A 30 13.62 -2.53 0.81
C ARG A 30 14.62 -1.41 1.12
N PRO A 31 15.87 -1.79 1.40
CA PRO A 31 16.94 -0.84 1.73
C PRO A 31 17.36 -0.02 0.51
N GLY A 32 16.91 -0.43 -0.67
CA GLY A 32 17.26 0.28 -1.89
C GLY A 32 16.37 -0.12 -3.06
N CYS A 33 15.07 0.03 -2.89
CA CYS A 33 14.13 -0.32 -3.94
C CYS A 33 13.38 0.95 -4.36
N GLY A 34 13.07 1.77 -3.36
CA GLY A 34 12.37 3.01 -3.61
C GLY A 34 11.34 2.87 -4.72
N ALA A 35 10.62 1.75 -4.73
CA ALA A 35 9.61 1.51 -5.75
C ALA A 35 8.54 2.60 -5.74
N GLY A 36 7.93 2.81 -4.59
CA GLY A 36 6.90 3.84 -4.47
C GLY A 36 6.12 4.02 -5.77
N LEU A 37 5.24 3.07 -6.06
CA LEU A 37 4.44 3.13 -7.28
C LEU A 37 2.98 2.76 -6.99
N LEU A 38 2.07 3.27 -7.80
CA LEU A 38 0.65 2.98 -7.64
C LEU A 38 0.20 1.86 -8.58
N PRO A 39 0.05 0.65 -8.01
CA PRO A 39 -0.37 -0.53 -8.78
C PRO A 39 -1.83 -0.44 -9.21
N GLU A 40 -2.32 -1.51 -9.83
CA GLU A 40 -3.71 -1.55 -10.29
C GLU A 40 -4.67 -1.27 -9.16
N PRO A 41 -5.91 -0.88 -9.50
CA PRO A 41 -6.95 -0.58 -8.52
C PRO A 41 -7.44 -1.82 -7.79
N ASP A 42 -6.78 -2.95 -8.05
CA ASP A 42 -7.16 -4.21 -7.42
C ASP A 42 -5.94 -4.90 -6.83
N GLN A 43 -5.80 -4.81 -5.51
CA GLN A 43 -4.67 -5.43 -4.82
C GLN A 43 -4.54 -6.90 -5.20
N ARG A 44 -5.59 -7.45 -5.78
CA ARG A 44 -5.59 -8.86 -6.18
C ARG A 44 -4.21 -9.29 -6.64
N LYS A 45 -3.52 -8.40 -7.36
CA LYS A 45 -2.18 -8.70 -7.86
C LYS A 45 -1.38 -7.42 -8.04
N VAL A 46 -0.49 -7.14 -7.08
CA VAL A 46 0.35 -5.95 -7.13
C VAL A 46 1.82 -6.31 -7.30
N THR A 47 2.38 -6.01 -8.46
CA THR A 47 3.77 -6.31 -8.73
C THR A 47 4.66 -5.09 -8.51
N CYS A 48 5.71 -5.26 -7.72
CA CYS A 48 6.61 -4.15 -7.43
C CYS A 48 7.35 -3.79 -8.73
N GLU A 49 7.61 -4.82 -9.53
CA GLU A 49 8.32 -4.64 -10.80
C GLU A 49 7.49 -3.77 -11.75
N GLY A 50 6.24 -4.16 -11.97
CA GLY A 50 5.38 -3.41 -12.86
C GLY A 50 6.11 -2.89 -14.08
N GLY A 51 5.86 -1.63 -14.44
CA GLY A 51 6.51 -1.04 -15.59
C GLY A 51 7.28 0.21 -15.24
N ASN A 52 7.95 0.21 -14.09
CA ASN A 52 8.72 1.35 -13.64
C ASN A 52 10.20 1.19 -13.98
N GLY A 53 10.75 0.03 -13.63
CA GLY A 53 12.15 -0.25 -13.90
C GLY A 53 12.65 -1.49 -13.19
N LEU A 54 12.86 -1.38 -11.89
CA LEU A 54 13.35 -2.51 -11.09
C LEU A 54 12.25 -3.55 -10.92
N GLY A 55 12.60 -4.67 -10.29
CA GLY A 55 11.65 -5.74 -10.07
C GLY A 55 12.03 -6.64 -8.92
N CYS A 56 11.24 -6.62 -7.86
CA CYS A 56 11.53 -7.45 -6.69
C CYS A 56 11.28 -8.91 -7.07
N GLY A 57 10.20 -9.12 -7.82
CA GLY A 57 9.84 -10.46 -8.25
C GLY A 57 8.84 -11.12 -7.33
N PHE A 58 8.36 -10.37 -6.35
CA PHE A 58 7.40 -10.88 -5.39
C PHE A 58 6.29 -9.86 -5.13
N ALA A 59 5.13 -10.08 -5.74
CA ALA A 59 4.00 -9.18 -5.57
C ALA A 59 3.60 -9.07 -4.10
N PHE A 60 2.79 -8.06 -3.79
CA PHE A 60 2.34 -7.85 -2.41
C PHE A 60 0.88 -7.40 -2.39
N CYS A 61 0.35 -7.18 -1.19
CA CYS A 61 -1.03 -6.75 -1.05
C CYS A 61 -1.03 -5.28 -0.63
N ARG A 62 -1.61 -4.45 -1.48
CA ARG A 62 -1.70 -3.02 -1.23
C ARG A 62 -2.64 -2.73 -0.07
N GLU A 63 -3.72 -3.50 0.02
CA GLU A 63 -4.70 -3.32 1.09
C GLU A 63 -4.02 -3.30 2.46
N CYS A 64 -3.03 -4.17 2.63
CA CYS A 64 -2.31 -4.23 3.89
C CYS A 64 -0.84 -3.89 3.63
N LYS A 65 -0.57 -3.56 2.37
CA LYS A 65 0.79 -3.20 1.95
C LYS A 65 1.81 -4.18 2.52
N GLU A 66 1.39 -5.43 2.68
CA GLU A 66 2.26 -6.47 3.21
C GLU A 66 2.47 -7.59 2.20
N ALA A 67 3.29 -8.57 2.57
CA ALA A 67 3.57 -9.70 1.69
C ALA A 67 2.27 -10.34 1.19
N TYR A 68 2.22 -10.64 -0.10
CA TYR A 68 1.05 -11.26 -0.70
C TYR A 68 0.63 -12.50 0.09
N HIS A 69 -0.42 -12.36 0.90
CA HIS A 69 -0.92 -13.47 1.69
C HIS A 69 -2.08 -14.16 1.00
N GLU A 70 -2.08 -15.49 1.05
CA GLU A 70 -3.14 -16.27 0.41
C GLU A 70 -4.43 -16.21 1.22
N GLY A 71 -5.38 -15.39 0.75
CA GLY A 71 -6.64 -15.26 1.45
C GLY A 71 -7.17 -13.83 1.42
N GLU A 72 -7.07 -13.15 2.55
CA GLU A 72 -7.53 -11.77 2.65
C GLU A 72 -7.02 -11.10 3.91
N CYS A 73 -6.96 -9.78 3.90
CA CYS A 73 -6.47 -9.03 5.05
C CYS A 73 -7.32 -9.42 6.26
N SER A 74 -8.63 -9.36 6.07
CA SER A 74 -9.58 -9.69 7.14
C SER A 74 -9.76 -11.20 7.24
N ALA A 75 -8.89 -11.95 6.55
CA ALA A 75 -8.95 -13.41 6.57
C ALA A 75 -7.60 -14.01 6.91
N VAL A 76 -7.44 -14.45 8.16
CA VAL A 76 -6.19 -15.05 8.60
C VAL A 76 -5.95 -16.39 7.91
N PHE A 77 -6.90 -16.81 7.09
CA PHE A 77 -6.79 -18.07 6.36
C PHE A 77 -5.48 -18.15 5.59
N GLU A 78 -4.62 -19.08 5.99
CA GLU A 78 -3.32 -19.26 5.34
C GLU A 78 -3.34 -20.46 4.42
N ALA A 79 -4.13 -21.47 4.78
CA ALA A 79 -4.24 -22.68 3.97
C ALA A 79 -5.65 -22.86 3.43
N SER A 80 -5.80 -23.76 2.47
CA SER A 80 -7.11 -24.03 1.86
C SER A 80 -8.15 -24.33 2.93
N GLY A 1 23.30 4.77 30.31
CA GLY A 1 22.09 5.48 29.99
C GLY A 1 20.84 4.66 30.32
N HIS A 2 19.67 5.28 30.15
CA HIS A 2 18.41 4.62 30.43
C HIS A 2 17.77 4.09 29.15
N MET A 3 17.37 2.82 29.17
CA MET A 3 16.74 2.21 28.01
C MET A 3 15.32 1.76 28.33
N GLY A 4 14.60 1.29 27.32
CA GLY A 4 13.24 0.84 27.51
C GLY A 4 13.13 -0.25 28.56
N GLU A 5 13.05 -1.50 28.11
CA GLU A 5 12.96 -2.63 29.01
C GLU A 5 12.11 -2.28 30.23
N GLU A 6 11.13 -1.39 30.03
CA GLU A 6 10.25 -0.97 31.11
C GLU A 6 8.83 -0.73 30.59
N GLN A 7 7.91 -0.42 31.52
CA GLN A 7 6.53 -0.16 31.15
C GLN A 7 6.40 1.17 30.42
N TYR A 8 6.04 1.10 29.13
CA TYR A 8 5.88 2.30 28.32
C TYR A 8 4.81 2.10 27.26
N ASN A 9 4.16 3.18 26.86
CA ASN A 9 3.11 3.13 25.85
C ASN A 9 3.69 2.69 24.50
N ARG A 10 2.96 1.80 23.82
CA ARG A 10 3.39 1.30 22.52
C ARG A 10 2.20 0.95 21.65
N TYR A 11 2.04 1.70 20.56
CA TYR A 11 0.93 1.47 19.63
C TYR A 11 1.34 1.79 18.20
N GLN A 12 0.77 1.05 17.26
CA GLN A 12 1.08 1.25 15.84
C GLN A 12 0.65 2.64 15.39
N GLN A 13 -0.56 3.04 15.77
CA GLN A 13 -1.09 4.34 15.40
C GLN A 13 -1.94 4.92 16.51
N TYR A 14 -2.22 6.22 16.44
CA TYR A 14 -3.02 6.90 17.45
C TYR A 14 -4.48 6.46 17.35
N GLY A 15 -5.04 6.03 18.49
CA GLY A 15 -6.42 5.58 18.51
C GLY A 15 -6.71 4.52 17.47
N ALA A 16 -7.84 4.67 16.78
CA ALA A 16 -8.22 3.71 15.74
C ALA A 16 -8.96 4.41 14.60
N GLU A 17 -8.26 4.60 13.49
CA GLU A 17 -8.85 5.25 12.33
C GLU A 17 -8.94 4.29 11.15
N GLU A 18 -7.93 3.44 11.01
CA GLU A 18 -7.90 2.46 9.92
C GLU A 18 -9.18 1.65 9.88
N CYS A 19 -9.96 1.83 8.82
CA CYS A 19 -11.22 1.12 8.66
C CYS A 19 -11.56 0.96 7.18
N VAL A 20 -11.41 -0.27 6.67
CA VAL A 20 -11.70 -0.56 5.28
C VAL A 20 -11.41 0.64 4.39
N LEU A 21 -10.38 1.41 4.77
CA LEU A 21 -9.99 2.59 4.00
C LEU A 21 -9.09 2.20 2.83
N GLN A 22 -8.94 3.12 1.88
CA GLN A 22 -8.11 2.88 0.71
C GLN A 22 -6.62 3.02 1.06
N MET A 23 -5.88 1.92 0.90
CA MET A 23 -4.45 1.93 1.20
C MET A 23 -3.65 2.38 -0.02
N GLY A 24 -4.31 2.50 -1.16
CA GLY A 24 -3.65 2.92 -2.37
C GLY A 24 -2.54 3.93 -2.11
N GLY A 25 -1.38 3.71 -2.70
CA GLY A 25 -0.26 4.61 -2.52
C GLY A 25 0.79 4.05 -1.57
N VAL A 26 1.46 2.99 -2.01
CA VAL A 26 2.49 2.35 -1.20
C VAL A 26 3.80 2.22 -1.97
N LEU A 27 4.91 2.27 -1.25
CA LEU A 27 6.23 2.15 -1.87
C LEU A 27 7.02 1.00 -1.25
N CYS A 28 7.91 0.42 -2.04
CA CYS A 28 8.74 -0.69 -1.55
C CYS A 28 9.53 -0.20 -0.33
N PRO A 29 9.30 -0.88 0.80
CA PRO A 29 9.97 -0.56 2.06
C PRO A 29 11.45 -0.90 2.04
N ARG A 30 11.89 -1.50 0.95
CA ARG A 30 13.29 -1.88 0.80
C ARG A 30 14.17 -0.66 0.54
N PRO A 31 15.37 -0.65 1.13
CA PRO A 31 16.32 0.45 0.98
C PRO A 31 16.90 0.53 -0.43
N GLY A 32 17.40 -0.60 -0.92
CA GLY A 32 17.97 -0.65 -2.26
C GLY A 32 16.93 -0.83 -3.34
N CYS A 33 15.71 -0.43 -3.05
CA CYS A 33 14.62 -0.58 -4.00
C CYS A 33 13.55 0.47 -3.68
N GLY A 34 13.46 1.46 -4.55
CA GLY A 34 12.48 2.52 -4.37
C GLY A 34 11.35 2.45 -5.36
N ALA A 35 10.60 1.36 -5.32
CA ALA A 35 9.47 1.17 -6.22
C ALA A 35 8.63 2.43 -6.34
N GLY A 36 8.05 2.85 -5.21
CA GLY A 36 7.23 4.05 -5.20
C GLY A 36 6.32 4.13 -6.41
N LEU A 37 5.69 3.01 -6.76
CA LEU A 37 4.78 2.97 -7.90
C LEU A 37 3.37 2.60 -7.45
N LEU A 38 2.38 3.08 -8.21
CA LEU A 38 0.98 2.80 -7.90
C LEU A 38 0.41 1.77 -8.86
N PRO A 39 0.29 0.52 -8.40
CA PRO A 39 -0.24 -0.58 -9.20
C PRO A 39 -1.74 -0.44 -9.44
N GLU A 40 -2.37 -1.53 -9.89
CA GLU A 40 -3.80 -1.51 -10.16
C GLU A 40 -4.61 -1.26 -8.89
N PRO A 41 -5.83 -0.73 -9.06
CA PRO A 41 -6.71 -0.43 -7.92
C PRO A 41 -7.25 -1.68 -7.26
N ASP A 42 -6.62 -2.81 -7.56
CA ASP A 42 -7.03 -4.09 -6.98
C ASP A 42 -5.83 -4.87 -6.46
N GLN A 43 -5.69 -4.94 -5.14
CA GLN A 43 -4.59 -5.64 -4.51
C GLN A 43 -4.46 -7.05 -5.08
N ARG A 44 -5.52 -7.53 -5.72
CA ARG A 44 -5.53 -8.86 -6.31
C ARG A 44 -4.14 -9.25 -6.80
N LYS A 45 -3.49 -8.34 -7.51
CA LYS A 45 -2.16 -8.58 -8.04
C LYS A 45 -1.35 -7.29 -8.09
N VAL A 46 -0.45 -7.12 -7.12
CA VAL A 46 0.39 -5.93 -7.06
C VAL A 46 1.87 -6.29 -7.10
N THR A 47 2.52 -5.96 -8.21
CA THR A 47 3.94 -6.25 -8.37
C THR A 47 4.78 -5.00 -8.21
N CYS A 48 5.72 -5.04 -7.27
CA CYS A 48 6.58 -3.90 -7.03
C CYS A 48 7.42 -3.65 -8.29
N GLU A 49 7.46 -4.66 -9.15
CA GLU A 49 8.21 -4.58 -10.39
C GLU A 49 7.33 -4.04 -11.51
N GLY A 50 7.80 -2.94 -12.14
CA GLY A 50 7.04 -2.34 -13.22
C GLY A 50 7.31 -0.86 -13.36
N GLY A 51 8.38 -0.52 -14.08
CA GLY A 51 8.73 0.88 -14.28
C GLY A 51 9.99 1.05 -15.10
N ASN A 52 10.92 1.86 -14.59
CA ASN A 52 12.18 2.11 -15.28
C ASN A 52 13.13 0.92 -15.12
N GLY A 53 13.19 0.39 -13.91
CA GLY A 53 14.07 -0.75 -13.64
C GLY A 53 13.76 -1.42 -12.32
N LEU A 54 13.27 -0.65 -11.37
CA LEU A 54 12.93 -1.17 -10.05
C LEU A 54 12.02 -2.39 -10.16
N GLY A 55 12.09 -3.27 -9.18
CA GLY A 55 11.27 -4.46 -9.18
C GLY A 55 11.88 -5.60 -8.39
N CYS A 56 11.21 -6.01 -7.33
CA CYS A 56 11.72 -7.10 -6.51
C CYS A 56 11.36 -8.43 -7.19
N GLY A 57 10.06 -8.61 -7.40
CA GLY A 57 9.58 -9.83 -8.03
C GLY A 57 8.49 -10.51 -7.22
N PHE A 58 8.32 -10.08 -5.99
CA PHE A 58 7.30 -10.66 -5.11
C PHE A 58 6.13 -9.70 -4.92
N ALA A 59 4.99 -10.07 -5.51
CA ALA A 59 3.79 -9.24 -5.42
C ALA A 59 3.22 -9.25 -4.00
N PHE A 60 2.73 -8.10 -3.56
CA PHE A 60 2.16 -7.98 -2.22
C PHE A 60 0.71 -7.50 -2.29
N CYS A 61 0.09 -7.35 -1.13
CA CYS A 61 -1.29 -6.91 -1.07
C CYS A 61 -1.30 -5.45 -0.61
N ARG A 62 -1.59 -4.56 -1.56
CA ARG A 62 -1.65 -3.13 -1.27
C ARG A 62 -2.63 -2.83 -0.13
N GLU A 63 -3.64 -3.67 0.00
CA GLU A 63 -4.65 -3.51 1.05
C GLU A 63 -3.98 -3.48 2.43
N CYS A 64 -3.14 -4.46 2.69
CA CYS A 64 -2.46 -4.53 3.98
C CYS A 64 -0.98 -4.18 3.75
N LYS A 65 -0.67 -3.83 2.51
CA LYS A 65 0.70 -3.46 2.14
C LYS A 65 1.69 -4.45 2.73
N GLU A 66 1.28 -5.70 2.87
CA GLU A 66 2.15 -6.74 3.41
C GLU A 66 2.28 -7.91 2.45
N ALA A 67 3.08 -8.91 2.83
CA ALA A 67 3.28 -10.09 2.00
C ALA A 67 1.94 -10.71 1.59
N TYR A 68 1.80 -11.02 0.32
CA TYR A 68 0.57 -11.61 -0.20
C TYR A 68 0.19 -12.84 0.61
N HIS A 69 -0.79 -12.67 1.50
CA HIS A 69 -1.26 -13.77 2.34
C HIS A 69 -1.94 -14.84 1.50
N GLU A 70 -2.14 -14.55 0.22
CA GLU A 70 -2.79 -15.49 -0.69
C GLU A 70 -4.22 -15.77 -0.26
N GLY A 71 -4.89 -14.74 0.26
CA GLY A 71 -6.26 -14.89 0.70
C GLY A 71 -6.94 -13.56 0.95
N GLU A 72 -7.10 -13.22 2.23
CA GLU A 72 -7.74 -11.96 2.61
C GLU A 72 -7.10 -11.37 3.85
N CYS A 73 -7.07 -10.05 3.92
CA CYS A 73 -6.47 -9.37 5.07
C CYS A 73 -7.20 -9.83 6.33
N SER A 74 -8.48 -10.16 6.15
CA SER A 74 -9.30 -10.62 7.26
C SER A 74 -8.96 -12.05 7.65
N ALA A 75 -7.92 -12.60 7.02
CA ALA A 75 -7.48 -13.95 7.30
C ALA A 75 -6.33 -13.96 8.31
N VAL A 76 -6.54 -14.65 9.42
CA VAL A 76 -5.52 -14.74 10.46
C VAL A 76 -4.24 -15.38 9.93
N PHE A 77 -4.32 -15.91 8.71
CA PHE A 77 -3.16 -16.55 8.09
C PHE A 77 -2.62 -17.66 8.97
N GLU A 78 -3.52 -18.38 9.63
CA GLU A 78 -3.12 -19.48 10.51
C GLU A 78 -4.12 -20.63 10.42
N ALA A 79 -3.72 -21.79 10.93
CA ALA A 79 -4.58 -22.98 10.91
C ALA A 79 -4.47 -23.75 12.22
N SER A 80 -5.58 -23.79 12.96
CA SER A 80 -5.61 -24.49 14.24
C SER A 80 -6.08 -25.93 14.05
N GLY A 1 -29.50 9.35 19.15
CA GLY A 1 -29.27 10.04 17.90
C GLY A 1 -28.27 9.31 17.02
N HIS A 2 -28.78 8.39 16.20
CA HIS A 2 -27.93 7.62 15.30
C HIS A 2 -26.89 8.52 14.62
N MET A 3 -27.36 9.58 13.99
CA MET A 3 -26.47 10.51 13.30
C MET A 3 -26.16 11.71 14.20
N GLY A 4 -24.88 12.05 14.31
CA GLY A 4 -24.48 13.17 15.14
C GLY A 4 -23.48 14.07 14.44
N GLU A 5 -23.60 15.38 14.64
CA GLU A 5 -22.71 16.34 14.03
C GLU A 5 -21.57 16.72 14.97
N GLU A 6 -20.46 17.18 14.41
CA GLU A 6 -19.31 17.57 15.21
C GLU A 6 -19.43 19.03 15.67
N GLN A 7 -18.69 19.38 16.72
CA GLN A 7 -18.70 20.73 17.25
C GLN A 7 -18.35 21.74 16.16
N TYR A 8 -18.78 22.99 16.35
CA TYR A 8 -18.50 24.05 15.39
C TYR A 8 -17.44 25.00 15.92
N ASN A 9 -16.68 24.54 16.92
CA ASN A 9 -15.62 25.35 17.52
C ASN A 9 -14.36 25.31 16.66
N ARG A 10 -13.48 26.29 16.85
CA ARG A 10 -12.24 26.36 16.11
C ARG A 10 -11.23 25.35 16.64
N TYR A 11 -10.99 24.29 15.87
CA TYR A 11 -10.04 23.25 16.27
C TYR A 11 -8.71 23.41 15.52
N GLN A 12 -7.63 23.61 16.27
CA GLN A 12 -6.31 23.77 15.67
C GLN A 12 -5.77 22.42 15.20
N GLN A 13 -5.59 21.49 16.12
CA GLN A 13 -5.08 20.17 15.81
C GLN A 13 -6.20 19.25 15.35
N TYR A 14 -5.83 18.18 14.66
CA TYR A 14 -6.81 17.21 14.16
C TYR A 14 -6.25 15.79 14.21
N GLY A 15 -7.14 14.82 14.42
CA GLY A 15 -6.71 13.43 14.49
C GLY A 15 -5.97 12.99 13.23
N ALA A 16 -6.62 12.12 12.46
CA ALA A 16 -6.02 11.62 11.22
C ALA A 16 -6.95 11.84 10.03
N GLU A 17 -6.57 12.77 9.16
CA GLU A 17 -7.37 13.08 7.99
C GLU A 17 -7.30 11.95 6.97
N GLU A 18 -6.10 11.40 6.78
CA GLU A 18 -5.89 10.31 5.83
C GLU A 18 -6.30 8.98 6.44
N CYS A 19 -7.47 8.49 6.08
CA CYS A 19 -7.97 7.22 6.59
C CYS A 19 -7.21 6.05 5.99
N VAL A 20 -7.70 4.84 6.22
CA VAL A 20 -7.07 3.63 5.70
C VAL A 20 -6.66 3.82 4.25
N LEU A 21 -7.28 4.78 3.58
CA LEU A 21 -6.98 5.07 2.18
C LEU A 21 -5.48 4.95 1.91
N GLN A 22 -4.68 5.19 2.94
CA GLN A 22 -3.23 5.11 2.82
C GLN A 22 -2.82 3.93 1.94
N MET A 23 -3.61 2.87 1.98
CA MET A 23 -3.33 1.67 1.19
C MET A 23 -2.76 2.05 -0.17
N GLY A 24 -3.19 3.21 -0.69
CA GLY A 24 -2.71 3.66 -1.98
C GLY A 24 -1.35 4.33 -1.90
N GLY A 25 -0.88 4.85 -3.03
CA GLY A 25 0.41 5.51 -3.06
C GLY A 25 1.41 4.87 -2.11
N VAL A 26 1.57 3.56 -2.20
CA VAL A 26 2.49 2.84 -1.33
C VAL A 26 3.85 2.64 -2.02
N LEU A 27 4.84 2.21 -1.24
CA LEU A 27 6.18 1.99 -1.77
C LEU A 27 6.81 0.77 -1.11
N CYS A 28 7.79 0.18 -1.79
CA CYS A 28 8.48 -0.99 -1.27
C CYS A 28 9.21 -0.58 0.01
N PRO A 29 9.08 -1.42 1.04
CA PRO A 29 9.71 -1.19 2.34
C PRO A 29 11.23 -1.36 2.28
N ARG A 30 11.72 -1.87 1.16
CA ARG A 30 13.15 -2.09 0.99
C ARG A 30 13.90 -0.76 0.98
N PRO A 31 15.13 -0.77 1.51
CA PRO A 31 15.97 0.42 1.58
C PRO A 31 16.47 0.87 0.20
N GLY A 32 17.00 -0.08 -0.56
CA GLY A 32 17.50 0.23 -1.89
C GLY A 32 16.40 0.25 -2.93
N CYS A 33 15.51 -0.72 -2.87
CA CYS A 33 14.42 -0.81 -3.82
C CYS A 33 13.37 0.24 -3.44
N GLY A 34 13.25 1.26 -4.28
CA GLY A 34 12.29 2.32 -4.04
C GLY A 34 11.13 2.30 -5.02
N ALA A 35 10.56 1.12 -5.22
CA ALA A 35 9.44 0.96 -6.15
C ALA A 35 8.56 2.21 -6.15
N GLY A 36 7.95 2.51 -5.00
CA GLY A 36 7.09 3.67 -4.90
C GLY A 36 6.27 3.89 -6.15
N LEU A 37 5.47 2.90 -6.52
CA LEU A 37 4.63 2.99 -7.71
C LEU A 37 3.16 2.76 -7.35
N LEU A 38 2.27 3.44 -8.07
CA LEU A 38 0.84 3.30 -7.83
C LEU A 38 0.33 1.95 -8.31
N PRO A 39 -0.06 1.10 -7.36
CA PRO A 39 -0.58 -0.25 -7.66
C PRO A 39 -1.95 -0.21 -8.34
N GLU A 40 -2.25 -1.24 -9.11
CA GLU A 40 -3.53 -1.32 -9.80
C GLU A 40 -4.70 -1.11 -8.84
N PRO A 41 -5.88 -0.81 -9.39
CA PRO A 41 -7.09 -0.58 -8.59
C PRO A 41 -7.61 -1.87 -7.94
N ASP A 42 -6.82 -2.93 -8.05
CA ASP A 42 -7.20 -4.22 -7.48
C ASP A 42 -6.01 -4.90 -6.83
N GLN A 43 -5.93 -4.83 -5.50
CA GLN A 43 -4.83 -5.43 -4.76
C GLN A 43 -4.65 -6.90 -5.17
N ARG A 44 -5.69 -7.47 -5.77
CA ARG A 44 -5.63 -8.87 -6.20
C ARG A 44 -4.24 -9.22 -6.72
N LYS A 45 -3.62 -8.29 -7.43
CA LYS A 45 -2.29 -8.50 -7.99
C LYS A 45 -1.53 -7.18 -8.09
N VAL A 46 -0.62 -6.96 -7.15
CA VAL A 46 0.18 -5.73 -7.14
C VAL A 46 1.67 -6.05 -7.21
N THR A 47 2.29 -5.69 -8.33
CA THR A 47 3.71 -5.94 -8.53
C THR A 47 4.55 -4.75 -8.07
N CYS A 48 5.78 -5.00 -7.69
CA CYS A 48 6.67 -3.95 -7.23
C CYS A 48 7.67 -3.65 -8.36
N GLU A 49 7.76 -4.58 -9.29
CA GLU A 49 8.67 -4.45 -10.43
C GLU A 49 7.95 -3.82 -11.63
N GLY A 50 8.66 -2.99 -12.37
CA GLY A 50 8.07 -2.34 -13.53
C GLY A 50 9.01 -1.34 -14.17
N GLY A 51 10.31 -1.63 -14.12
CA GLY A 51 11.29 -0.75 -14.71
C GLY A 51 12.53 -1.47 -15.17
N ASN A 52 13.70 -0.87 -14.94
CA ASN A 52 14.97 -1.47 -15.34
C ASN A 52 15.59 -2.24 -14.17
N GLY A 53 15.99 -1.51 -13.14
CA GLY A 53 16.60 -2.14 -11.98
C GLY A 53 15.58 -2.54 -10.94
N LEU A 54 14.63 -1.65 -10.66
CA LEU A 54 13.58 -1.93 -9.67
C LEU A 54 12.89 -3.26 -9.96
N GLY A 55 12.24 -3.82 -8.95
CA GLY A 55 11.55 -5.08 -9.12
C GLY A 55 12.10 -6.17 -8.21
N CYS A 56 11.45 -6.36 -7.07
CA CYS A 56 11.89 -7.38 -6.14
C CYS A 56 11.62 -8.76 -6.75
N GLY A 57 10.42 -8.90 -7.30
CA GLY A 57 10.02 -10.16 -7.91
C GLY A 57 8.99 -10.91 -7.10
N PHE A 58 8.35 -10.20 -6.18
CA PHE A 58 7.33 -10.81 -5.33
C PHE A 58 6.16 -9.85 -5.11
N ALA A 59 5.06 -10.09 -5.82
CA ALA A 59 3.88 -9.25 -5.69
C ALA A 59 3.39 -9.19 -4.26
N PHE A 60 2.81 -8.06 -3.87
CA PHE A 60 2.29 -7.89 -2.51
C PHE A 60 0.84 -7.41 -2.55
N CYS A 61 0.24 -7.30 -1.37
CA CYS A 61 -1.13 -6.84 -1.27
C CYS A 61 -1.13 -5.37 -0.89
N ARG A 62 -1.61 -4.54 -1.82
CA ARG A 62 -1.67 -3.10 -1.59
C ARG A 62 -2.65 -2.77 -0.48
N GLU A 63 -3.68 -3.58 -0.34
CA GLU A 63 -4.70 -3.37 0.68
C GLU A 63 -4.06 -3.28 2.06
N CYS A 64 -3.11 -4.17 2.33
CA CYS A 64 -2.44 -4.18 3.61
C CYS A 64 -0.96 -3.88 3.38
N LYS A 65 -0.64 -3.58 2.13
CA LYS A 65 0.74 -3.26 1.74
C LYS A 65 1.72 -4.23 2.38
N GLU A 66 1.27 -5.47 2.57
CA GLU A 66 2.12 -6.50 3.17
C GLU A 66 2.31 -7.68 2.22
N ALA A 67 3.11 -8.65 2.63
CA ALA A 67 3.38 -9.83 1.80
C ALA A 67 2.08 -10.47 1.34
N TYR A 68 2.01 -10.75 0.05
CA TYR A 68 0.81 -11.37 -0.53
C TYR A 68 0.42 -12.63 0.24
N HIS A 69 -0.82 -12.66 0.71
CA HIS A 69 -1.33 -13.81 1.46
C HIS A 69 -2.30 -14.62 0.62
N GLU A 70 -2.27 -15.94 0.81
CA GLU A 70 -3.16 -16.83 0.07
C GLU A 70 -4.55 -16.86 0.68
N GLY A 71 -4.82 -15.89 1.56
CA GLY A 71 -6.11 -15.81 2.20
C GLY A 71 -6.78 -14.46 2.03
N GLU A 72 -6.53 -13.56 2.97
CA GLU A 72 -7.11 -12.22 2.92
C GLU A 72 -6.61 -11.37 4.07
N CYS A 73 -6.65 -10.06 3.89
CA CYS A 73 -6.19 -9.14 4.93
C CYS A 73 -6.78 -9.60 6.26
N SER A 74 -8.11 -9.56 6.33
CA SER A 74 -8.82 -9.96 7.54
C SER A 74 -9.31 -11.41 7.43
N ALA A 75 -10.10 -11.68 6.39
CA ALA A 75 -10.64 -13.01 6.16
C ALA A 75 -11.09 -13.18 4.72
N VAL A 76 -11.25 -14.43 4.29
CA VAL A 76 -11.69 -14.73 2.93
C VAL A 76 -13.19 -14.58 2.80
N PHE A 77 -13.62 -13.94 1.71
CA PHE A 77 -15.04 -13.73 1.45
C PHE A 77 -15.38 -14.01 -0.01
N GLU A 78 -16.66 -13.91 -0.34
CA GLU A 78 -17.11 -14.15 -1.71
C GLU A 78 -18.02 -13.02 -2.19
N ALA A 79 -18.25 -12.97 -3.50
CA ALA A 79 -19.09 -11.95 -4.09
C ALA A 79 -20.16 -12.56 -4.98
N SER A 80 -21.38 -12.05 -4.88
CA SER A 80 -22.50 -12.56 -5.67
C SER A 80 -22.31 -12.22 -7.15
N GLY A 1 18.48 -8.90 7.74
CA GLY A 1 17.84 -7.61 7.67
C GLY A 1 18.63 -6.51 8.34
N HIS A 2 18.02 -5.35 8.52
CA HIS A 2 18.68 -4.22 9.16
C HIS A 2 18.46 -4.23 10.67
N MET A 3 19.55 -4.19 11.42
CA MET A 3 19.48 -4.20 12.88
C MET A 3 19.93 -2.87 13.46
N GLY A 4 18.98 -2.08 13.94
CA GLY A 4 19.30 -0.79 14.51
C GLY A 4 18.09 -0.07 15.08
N GLU A 5 18.17 0.33 16.34
CA GLU A 5 17.06 1.02 16.99
C GLU A 5 17.36 2.51 17.13
N GLU A 6 16.55 3.33 16.49
CA GLU A 6 16.73 4.77 16.55
C GLU A 6 15.81 5.40 17.60
N GLN A 7 14.53 5.05 17.54
CA GLN A 7 13.56 5.58 18.48
C GLN A 7 13.51 7.10 18.43
N TYR A 8 13.66 7.65 17.23
CA TYR A 8 13.64 9.09 17.05
C TYR A 8 13.24 9.46 15.63
N ASN A 9 12.08 10.09 15.49
CA ASN A 9 11.58 10.49 14.18
C ASN A 9 10.87 11.84 14.26
N ARG A 10 11.07 12.67 13.23
CA ARG A 10 10.45 14.00 13.19
C ARG A 10 8.94 13.89 13.27
N TYR A 11 8.30 14.93 13.81
CA TYR A 11 6.86 14.95 13.96
C TYR A 11 6.19 15.42 12.66
N GLN A 12 5.64 14.49 11.90
CA GLN A 12 4.97 14.81 10.65
C GLN A 12 3.67 14.03 10.51
N GLN A 13 2.55 14.71 10.74
CA GLN A 13 1.24 14.09 10.64
C GLN A 13 0.39 14.77 9.57
N TYR A 14 -0.82 14.26 9.37
CA TYR A 14 -1.73 14.82 8.38
C TYR A 14 -3.18 14.50 8.73
N GLY A 15 -3.98 15.55 8.93
CA GLY A 15 -5.37 15.37 9.27
C GLY A 15 -5.60 15.24 10.77
N ALA A 16 -6.32 14.20 11.16
CA ALA A 16 -6.61 13.98 12.58
C ALA A 16 -6.79 12.48 12.86
N GLU A 17 -5.80 11.88 13.50
CA GLU A 17 -5.86 10.46 13.83
C GLU A 17 -6.00 9.61 12.57
N GLU A 18 -5.23 9.97 11.54
CA GLU A 18 -5.27 9.24 10.27
C GLU A 18 -4.04 8.35 10.13
N CYS A 19 -4.25 7.05 10.24
CA CYS A 19 -3.16 6.08 10.12
C CYS A 19 -3.68 4.72 9.68
N VAL A 20 -3.20 4.24 8.53
CA VAL A 20 -3.62 2.96 8.01
C VAL A 20 -5.12 2.95 7.68
N LEU A 21 -5.59 4.04 7.07
CA LEU A 21 -6.99 4.15 6.71
C LEU A 21 -7.21 3.79 5.25
N GLN A 22 -6.30 4.24 4.38
CA GLN A 22 -6.39 3.95 2.95
C GLN A 22 -5.09 3.34 2.44
N MET A 23 -5.20 2.54 1.39
CA MET A 23 -4.03 1.90 0.79
C MET A 23 -3.25 2.89 -0.06
N GLY A 24 -3.96 3.72 -0.83
CA GLY A 24 -3.32 4.69 -1.68
C GLY A 24 -1.95 4.23 -2.16
N GLY A 25 -0.99 5.15 -2.17
CA GLY A 25 0.35 4.82 -2.61
C GLY A 25 1.04 3.86 -1.67
N VAL A 26 2.03 3.12 -2.19
CA VAL A 26 2.77 2.16 -1.39
C VAL A 26 4.19 1.98 -1.93
N LEU A 27 5.14 1.76 -1.02
CA LEU A 27 6.53 1.57 -1.41
C LEU A 27 7.06 0.25 -0.88
N CYS A 28 8.12 -0.26 -1.51
CA CYS A 28 8.71 -1.52 -1.09
C CYS A 28 9.36 -1.31 0.28
N PRO A 29 9.16 -2.31 1.15
CA PRO A 29 9.70 -2.29 2.51
C PRO A 29 11.22 -2.44 2.53
N ARG A 30 11.79 -2.76 1.37
CA ARG A 30 13.24 -2.95 1.25
C ARG A 30 13.94 -1.61 1.02
N PRO A 31 15.07 -1.40 1.71
CA PRO A 31 15.86 -0.18 1.60
C PRO A 31 16.55 -0.04 0.25
N GLY A 32 16.85 -1.18 -0.37
CA GLY A 32 17.50 -1.17 -1.67
C GLY A 32 16.51 -1.12 -2.81
N CYS A 33 15.23 -1.05 -2.49
CA CYS A 33 14.20 -1.00 -3.50
C CYS A 33 13.28 0.18 -3.19
N GLY A 34 13.30 1.16 -4.09
CA GLY A 34 12.47 2.34 -3.91
C GLY A 34 11.24 2.32 -4.80
N ALA A 35 10.58 1.17 -4.87
CA ALA A 35 9.38 1.02 -5.69
C ALA A 35 8.51 2.26 -5.60
N GLY A 36 7.99 2.54 -4.41
CA GLY A 36 7.14 3.70 -4.22
C GLY A 36 6.26 3.98 -5.41
N LEU A 37 5.46 2.98 -5.79
CA LEU A 37 4.55 3.12 -6.93
C LEU A 37 3.11 2.84 -6.51
N LEU A 38 2.16 3.45 -7.24
CA LEU A 38 0.75 3.27 -6.95
C LEU A 38 0.30 1.85 -7.28
N PRO A 39 -0.40 1.21 -6.33
CA PRO A 39 -0.91 -0.16 -6.50
C PRO A 39 -2.02 -0.24 -7.55
N GLU A 40 -2.09 -1.37 -8.24
CA GLU A 40 -3.12 -1.58 -9.26
C GLU A 40 -4.52 -1.53 -8.64
N PRO A 41 -5.53 -1.34 -9.50
CA PRO A 41 -6.93 -1.26 -9.06
C PRO A 41 -7.45 -2.62 -8.59
N ASP A 42 -6.55 -3.58 -8.47
CA ASP A 42 -6.93 -4.92 -8.02
C ASP A 42 -5.81 -5.56 -7.21
N GLN A 43 -5.97 -5.55 -5.88
CA GLN A 43 -4.97 -6.13 -5.00
C GLN A 43 -4.65 -7.57 -5.38
N ARG A 44 -5.60 -8.22 -6.06
CA ARG A 44 -5.42 -9.60 -6.49
C ARG A 44 -3.97 -9.87 -6.86
N LYS A 45 -3.42 -9.02 -7.72
CA LYS A 45 -2.04 -9.16 -8.16
C LYS A 45 -1.37 -7.81 -8.32
N VAL A 46 -0.54 -7.44 -7.34
CA VAL A 46 0.16 -6.16 -7.38
C VAL A 46 1.67 -6.37 -7.44
N THR A 47 2.26 -6.02 -8.59
CA THR A 47 3.70 -6.17 -8.77
C THR A 47 4.44 -4.89 -8.44
N CYS A 48 5.53 -5.00 -7.69
CA CYS A 48 6.31 -3.84 -7.32
C CYS A 48 7.17 -3.43 -8.51
N GLU A 49 7.35 -4.38 -9.43
CA GLU A 49 8.14 -4.14 -10.62
C GLU A 49 7.44 -3.19 -11.57
N GLY A 50 8.22 -2.36 -12.27
CA GLY A 50 7.63 -1.41 -13.20
C GLY A 50 7.97 -1.74 -14.65
N GLY A 51 8.77 -0.88 -15.28
CA GLY A 51 9.15 -1.10 -16.66
C GLY A 51 10.31 -0.24 -17.09
N ASN A 52 11.10 0.22 -16.11
CA ASN A 52 12.26 1.05 -16.39
C ASN A 52 13.55 0.35 -15.98
N GLY A 53 13.50 -0.37 -14.88
CA GLY A 53 14.68 -1.09 -14.39
C GLY A 53 14.43 -1.80 -13.09
N LEU A 54 13.68 -1.16 -12.20
CA LEU A 54 13.37 -1.75 -10.90
C LEU A 54 12.60 -3.06 -11.06
N GLY A 55 12.41 -3.76 -9.95
CA GLY A 55 11.70 -5.02 -9.98
C GLY A 55 12.16 -5.99 -8.90
N CYS A 56 11.23 -6.42 -8.07
CA CYS A 56 11.57 -7.35 -7.00
C CYS A 56 11.31 -8.77 -7.50
N GLY A 57 10.08 -8.99 -7.97
CA GLY A 57 9.71 -10.30 -8.48
C GLY A 57 8.60 -10.94 -7.66
N PHE A 58 8.27 -10.32 -6.53
CA PHE A 58 7.23 -10.84 -5.66
C PHE A 58 6.11 -9.81 -5.47
N ALA A 59 4.91 -10.16 -5.90
CA ALA A 59 3.76 -9.28 -5.78
C ALA A 59 3.30 -9.17 -4.33
N PHE A 60 2.60 -8.08 -4.01
CA PHE A 60 2.11 -7.86 -2.66
C PHE A 60 0.61 -7.56 -2.68
N CYS A 61 0.04 -7.35 -1.50
CA CYS A 61 -1.37 -7.06 -1.39
C CYS A 61 -1.53 -5.56 -1.12
N ARG A 62 -2.21 -4.90 -2.06
CA ARG A 62 -2.44 -3.46 -1.96
C ARG A 62 -3.33 -3.14 -0.76
N GLU A 63 -4.41 -3.91 -0.61
CA GLU A 63 -5.34 -3.70 0.49
C GLU A 63 -4.60 -3.33 1.77
N CYS A 64 -3.56 -4.08 2.08
CA CYS A 64 -2.78 -3.82 3.28
C CYS A 64 -1.37 -3.41 2.85
N LYS A 65 -1.18 -3.31 1.54
CA LYS A 65 0.10 -2.92 0.97
C LYS A 65 1.24 -3.68 1.64
N GLU A 66 1.00 -4.95 1.96
CA GLU A 66 2.02 -5.78 2.61
C GLU A 66 2.26 -7.05 1.81
N ALA A 67 3.19 -7.88 2.29
CA ALA A 67 3.51 -9.13 1.63
C ALA A 67 2.26 -9.96 1.36
N TYR A 68 2.15 -10.49 0.14
CA TYR A 68 1.00 -11.30 -0.25
C TYR A 68 0.75 -12.41 0.77
N HIS A 69 -0.48 -12.49 1.26
CA HIS A 69 -0.85 -13.51 2.23
C HIS A 69 -1.93 -14.43 1.68
N GLU A 70 -2.10 -14.41 0.36
CA GLU A 70 -3.10 -15.24 -0.30
C GLU A 70 -4.50 -14.76 0.05
N GLY A 71 -4.73 -13.46 -0.07
CA GLY A 71 -6.03 -12.90 0.24
C GLY A 71 -6.39 -13.04 1.71
N GLU A 72 -6.06 -12.03 2.49
CA GLU A 72 -6.35 -12.04 3.92
C GLU A 72 -5.44 -11.08 4.68
N CYS A 73 -6.00 -9.96 5.12
CA CYS A 73 -5.23 -8.98 5.85
C CYS A 73 -5.50 -9.16 7.34
N SER A 74 -6.77 -9.40 7.66
CA SER A 74 -7.18 -9.61 9.04
C SER A 74 -6.45 -10.79 9.66
N ALA A 75 -6.45 -11.92 8.97
CA ALA A 75 -5.78 -13.12 9.45
C ALA A 75 -4.42 -13.29 8.78
N VAL A 76 -3.47 -13.85 9.52
CA VAL A 76 -2.12 -14.08 9.00
C VAL A 76 -1.80 -15.56 8.95
N PHE A 77 -1.06 -15.96 7.92
CA PHE A 77 -0.68 -17.36 7.74
C PHE A 77 0.76 -17.59 8.18
N GLU A 78 1.01 -18.78 8.74
CA GLU A 78 2.36 -19.13 9.21
C GLU A 78 3.17 -19.76 8.08
N ALA A 79 2.73 -19.56 6.84
CA ALA A 79 3.42 -20.12 5.69
C ALA A 79 4.28 -19.06 5.02
N SER A 80 3.78 -17.84 4.97
CA SER A 80 4.50 -16.74 4.34
C SER A 80 4.91 -17.09 2.91
N GLY A 1 -8.09 -12.78 37.93
CA GLY A 1 -7.29 -13.48 36.93
C GLY A 1 -5.85 -13.00 36.90
N HIS A 2 -5.57 -11.99 36.07
CA HIS A 2 -4.23 -11.45 35.96
C HIS A 2 -4.27 -10.00 35.47
N MET A 3 -3.24 -9.23 35.81
CA MET A 3 -3.16 -7.83 35.42
C MET A 3 -1.80 -7.52 34.80
N GLY A 4 -1.81 -6.88 33.64
CA GLY A 4 -0.58 -6.53 32.97
C GLY A 4 -0.20 -5.07 33.15
N GLU A 5 0.86 -4.63 32.48
CA GLU A 5 1.32 -3.26 32.58
C GLU A 5 1.21 -2.55 31.23
N GLU A 6 0.68 -1.33 31.24
CA GLU A 6 0.52 -0.56 30.02
C GLU A 6 1.59 0.52 29.93
N GLN A 7 2.66 0.37 30.70
CA GLN A 7 3.75 1.33 30.70
C GLN A 7 4.58 1.21 29.43
N TYR A 8 4.46 2.21 28.55
CA TYR A 8 5.19 2.22 27.29
C TYR A 8 5.40 3.65 26.81
N ASN A 9 6.34 3.82 25.87
CA ASN A 9 6.65 5.12 25.31
C ASN A 9 5.41 5.75 24.67
N ARG A 10 4.98 6.89 25.21
CA ARG A 10 3.81 7.59 24.69
C ARG A 10 4.09 9.09 24.56
N TYR A 11 3.50 9.70 23.53
CA TYR A 11 3.68 11.12 23.29
C TYR A 11 2.52 11.69 22.49
N GLN A 12 2.52 13.01 22.30
CA GLN A 12 1.46 13.68 21.56
C GLN A 12 1.30 13.06 20.16
N GLN A 13 0.12 12.50 19.91
CA GLN A 13 -0.15 11.88 18.62
C GLN A 13 -1.63 11.98 18.28
N TYR A 14 -1.97 11.77 17.01
CA TYR A 14 -3.35 11.85 16.55
C TYR A 14 -3.85 10.48 16.10
N GLY A 15 -4.93 10.02 16.71
CA GLY A 15 -5.49 8.73 16.36
C GLY A 15 -6.66 8.85 15.40
N ALA A 16 -6.46 8.42 14.17
CA ALA A 16 -7.50 8.48 13.15
C ALA A 16 -7.47 7.25 12.26
N GLU A 17 -8.66 6.72 11.93
CA GLU A 17 -8.77 5.55 11.09
C GLU A 17 -9.33 5.91 9.71
N GLU A 18 -8.59 5.56 8.67
CA GLU A 18 -9.00 5.86 7.30
C GLU A 18 -10.35 5.19 6.99
N CYS A 19 -11.34 6.01 6.69
CA CYS A 19 -12.67 5.51 6.37
C CYS A 19 -12.81 5.25 4.87
N VAL A 20 -13.27 4.06 4.52
CA VAL A 20 -13.45 3.68 3.12
C VAL A 20 -12.37 4.31 2.25
N LEU A 21 -11.18 4.48 2.81
CA LEU A 21 -10.07 5.08 2.07
C LEU A 21 -9.13 4.00 1.55
N GLN A 22 -8.79 4.09 0.27
CA GLN A 22 -7.89 3.11 -0.35
C GLN A 22 -6.49 3.24 0.22
N MET A 23 -5.63 2.27 -0.11
CA MET A 23 -4.25 2.27 0.37
C MET A 23 -3.32 2.90 -0.67
N GLY A 24 -3.86 3.23 -1.83
CA GLY A 24 -3.06 3.83 -2.89
C GLY A 24 -1.93 4.66 -2.33
N GLY A 25 -0.70 4.32 -2.73
CA GLY A 25 0.46 5.04 -2.26
C GLY A 25 1.44 4.16 -1.50
N VAL A 26 1.81 3.04 -2.11
CA VAL A 26 2.74 2.10 -1.49
C VAL A 26 4.11 2.15 -2.16
N LEU A 27 5.15 1.91 -1.39
CA LEU A 27 6.51 1.92 -1.91
C LEU A 27 7.39 0.88 -1.22
N CYS A 28 8.36 0.36 -1.94
CA CYS A 28 9.25 -0.64 -1.38
C CYS A 28 10.10 0.02 -0.29
N PRO A 29 9.99 -0.54 0.92
CA PRO A 29 10.72 -0.04 2.10
C PRO A 29 12.22 -0.31 2.00
N ARG A 30 12.58 -1.28 1.16
CA ARG A 30 13.98 -1.64 0.98
C ARG A 30 14.83 -0.40 0.66
N PRO A 31 16.02 -0.33 1.27
CA PRO A 31 16.93 0.79 1.07
C PRO A 31 17.54 0.81 -0.32
N GLY A 32 16.80 1.35 -1.29
CA GLY A 32 17.29 1.41 -2.65
C GLY A 32 16.20 1.11 -3.66
N CYS A 33 15.41 0.08 -3.40
CA CYS A 33 14.34 -0.30 -4.30
C CYS A 33 13.36 0.86 -4.39
N GLY A 34 12.65 1.10 -3.28
CA GLY A 34 11.68 2.18 -3.24
C GLY A 34 10.40 1.84 -3.97
N ALA A 35 10.53 1.22 -5.14
CA ALA A 35 9.37 0.84 -5.93
C ALA A 35 8.19 1.78 -5.68
N GLY A 36 8.47 3.07 -5.63
CA GLY A 36 7.43 4.05 -5.39
C GLY A 36 6.47 4.17 -6.56
N LEU A 37 5.70 3.12 -6.81
CA LEU A 37 4.75 3.12 -7.90
C LEU A 37 3.32 2.99 -7.38
N LEU A 38 2.35 3.32 -8.24
CA LEU A 38 0.94 3.24 -7.86
C LEU A 38 0.35 1.88 -8.22
N PRO A 39 -0.05 1.12 -7.20
CA PRO A 39 -0.63 -0.22 -7.38
C PRO A 39 -2.02 -0.15 -8.01
N GLU A 40 -2.37 -1.17 -8.78
CA GLU A 40 -3.67 -1.24 -9.43
C GLU A 40 -4.80 -1.07 -8.41
N PRO A 41 -6.02 -0.80 -8.91
CA PRO A 41 -7.19 -0.61 -8.06
C PRO A 41 -7.64 -1.91 -7.40
N ASP A 42 -6.92 -2.99 -7.67
CA ASP A 42 -7.25 -4.29 -7.10
C ASP A 42 -5.98 -5.00 -6.61
N GLN A 43 -5.92 -5.24 -5.31
CA GLN A 43 -4.77 -5.92 -4.71
C GLN A 43 -4.63 -7.34 -5.26
N ARG A 44 -5.62 -7.77 -6.02
CA ARG A 44 -5.62 -9.12 -6.59
C ARG A 44 -4.19 -9.54 -6.94
N LYS A 45 -3.45 -8.65 -7.59
CA LYS A 45 -2.08 -8.94 -7.98
C LYS A 45 -1.29 -7.65 -8.17
N VAL A 46 -0.42 -7.35 -7.20
CA VAL A 46 0.40 -6.15 -7.25
C VAL A 46 1.89 -6.50 -7.27
N THR A 47 2.56 -6.12 -8.36
CA THR A 47 3.98 -6.40 -8.50
C THR A 47 4.81 -5.14 -8.25
N CYS A 48 5.74 -5.23 -7.30
CA CYS A 48 6.59 -4.10 -6.98
C CYS A 48 7.46 -3.79 -8.20
N GLU A 49 7.59 -4.79 -9.07
CA GLU A 49 8.38 -4.65 -10.29
C GLU A 49 7.57 -4.00 -11.40
N GLY A 50 8.24 -3.15 -12.18
CA GLY A 50 7.57 -2.47 -13.28
C GLY A 50 8.53 -1.75 -14.20
N GLY A 51 9.21 -0.74 -13.68
CA GLY A 51 10.16 0.00 -14.48
C GLY A 51 11.59 -0.48 -14.29
N ASN A 52 12.55 0.33 -14.73
CA ASN A 52 13.96 -0.01 -14.60
C ASN A 52 14.46 0.24 -13.19
N GLY A 53 15.46 -0.53 -12.77
CA GLY A 53 16.02 -0.37 -11.44
C GLY A 53 15.13 -0.96 -10.36
N LEU A 54 13.83 -0.72 -10.47
CA LEU A 54 12.87 -1.23 -9.50
C LEU A 54 12.36 -2.60 -9.91
N GLY A 55 12.40 -3.56 -8.99
CA GLY A 55 11.93 -4.90 -9.28
C GLY A 55 12.35 -5.90 -8.22
N CYS A 56 11.36 -6.41 -7.48
CA CYS A 56 11.65 -7.37 -6.43
C CYS A 56 11.36 -8.77 -6.98
N GLY A 57 10.17 -8.91 -7.55
CA GLY A 57 9.77 -10.19 -8.11
C GLY A 57 8.61 -10.82 -7.36
N PHE A 58 8.42 -10.41 -6.11
CA PHE A 58 7.34 -10.93 -5.29
C PHE A 58 6.24 -9.89 -5.09
N ALA A 59 5.06 -10.19 -5.61
CA ALA A 59 3.93 -9.27 -5.50
C ALA A 59 3.45 -9.17 -4.05
N PHE A 60 2.74 -8.09 -3.75
CA PHE A 60 2.22 -7.87 -2.40
C PHE A 60 0.77 -7.41 -2.43
N CYS A 61 0.17 -7.29 -1.26
CA CYS A 61 -1.23 -6.87 -1.18
C CYS A 61 -1.26 -5.37 -0.89
N ARG A 62 -1.80 -4.63 -1.84
CA ARG A 62 -1.90 -3.18 -1.71
C ARG A 62 -2.90 -2.79 -0.61
N GLU A 63 -3.90 -3.64 -0.40
CA GLU A 63 -4.91 -3.39 0.62
C GLU A 63 -4.27 -3.27 2.00
N CYS A 64 -3.32 -4.15 2.29
CA CYS A 64 -2.65 -4.13 3.58
C CYS A 64 -1.17 -3.80 3.33
N LYS A 65 -0.87 -3.51 2.08
CA LYS A 65 0.50 -3.17 1.68
C LYS A 65 1.51 -4.11 2.33
N GLU A 66 1.08 -5.36 2.53
CA GLU A 66 1.95 -6.37 3.14
C GLU A 66 2.15 -7.55 2.20
N ALA A 67 3.02 -8.47 2.60
CA ALA A 67 3.30 -9.66 1.79
C ALA A 67 2.02 -10.38 1.41
N TYR A 68 1.90 -10.75 0.14
CA TYR A 68 0.72 -11.45 -0.35
C TYR A 68 0.41 -12.67 0.51
N HIS A 69 -0.59 -12.52 1.37
CA HIS A 69 -0.99 -13.61 2.27
C HIS A 69 -1.65 -14.74 1.47
N GLU A 70 -2.18 -14.41 0.30
CA GLU A 70 -2.84 -15.39 -0.55
C GLU A 70 -4.13 -15.88 0.09
N GLY A 71 -4.94 -14.95 0.58
CA GLY A 71 -6.20 -15.32 1.22
C GLY A 71 -7.10 -14.11 1.45
N GLU A 72 -6.71 -13.26 2.40
CA GLU A 72 -7.49 -12.08 2.71
C GLU A 72 -6.86 -11.30 3.87
N CYS A 73 -6.81 -9.98 3.74
CA CYS A 73 -6.23 -9.15 4.77
C CYS A 73 -6.69 -9.68 6.14
N SER A 74 -8.01 -9.67 6.32
CA SER A 74 -8.60 -10.14 7.58
C SER A 74 -8.95 -11.62 7.49
N ALA A 75 -9.60 -12.01 6.40
CA ALA A 75 -9.98 -13.40 6.19
C ALA A 75 -10.96 -13.87 7.26
N VAL A 76 -11.99 -13.06 7.51
CA VAL A 76 -12.99 -13.39 8.51
C VAL A 76 -13.64 -14.74 8.21
N PHE A 77 -14.56 -15.15 9.08
CA PHE A 77 -15.25 -16.42 8.92
C PHE A 77 -16.67 -16.21 8.38
N GLU A 78 -17.26 -17.27 7.85
CA GLU A 78 -18.61 -17.19 7.30
C GLU A 78 -19.42 -18.42 7.70
N ALA A 79 -20.71 -18.20 7.96
CA ALA A 79 -21.60 -19.29 8.37
C ALA A 79 -22.08 -20.08 7.14
N SER A 80 -21.70 -21.35 7.08
CA SER A 80 -22.09 -22.20 5.97
C SER A 80 -23.26 -23.12 6.37
N GLY A 1 9.05 17.36 32.04
CA GLY A 1 8.88 17.73 30.64
C GLY A 1 7.42 17.65 30.20
N HIS A 2 6.78 18.81 30.08
CA HIS A 2 5.38 18.87 29.67
C HIS A 2 5.23 19.58 28.33
N MET A 3 6.35 19.68 27.60
CA MET A 3 6.35 20.34 26.31
C MET A 3 5.74 19.44 25.24
N GLY A 4 5.40 20.02 24.09
CA GLY A 4 4.82 19.26 23.01
C GLY A 4 3.37 19.65 22.74
N GLU A 5 2.84 19.16 21.63
CA GLU A 5 1.46 19.45 21.25
C GLU A 5 0.62 18.19 21.22
N GLU A 6 -0.29 18.04 22.18
CA GLU A 6 -1.16 16.87 22.24
C GLU A 6 -2.40 17.06 21.38
N GLN A 7 -2.33 18.01 20.46
CA GLN A 7 -3.46 18.29 19.56
C GLN A 7 -3.44 17.35 18.37
N TYR A 8 -4.53 16.59 18.21
CA TYR A 8 -4.64 15.65 17.10
C TYR A 8 -6.10 15.47 16.70
N ASN A 9 -6.49 16.11 15.59
CA ASN A 9 -7.85 16.02 15.10
C ASN A 9 -7.88 16.08 13.57
N ARG A 10 -8.94 15.53 12.98
CA ARG A 10 -9.08 15.53 11.52
C ARG A 10 -10.25 16.42 11.10
N TYR A 11 -10.16 16.95 9.89
CA TYR A 11 -11.21 17.82 9.36
C TYR A 11 -12.17 17.04 8.48
N GLN A 12 -13.43 17.47 8.45
CA GLN A 12 -14.45 16.81 7.65
C GLN A 12 -15.45 17.82 7.11
N GLN A 13 -15.87 17.62 5.86
CA GLN A 13 -16.83 18.51 5.22
C GLN A 13 -17.79 17.73 4.33
N TYR A 14 -18.98 18.30 4.11
CA TYR A 14 -19.99 17.66 3.28
C TYR A 14 -20.31 16.26 3.79
N GLY A 15 -20.36 16.13 5.13
CA GLY A 15 -20.65 14.84 5.73
C GLY A 15 -19.64 13.77 5.35
N ALA A 16 -18.37 14.13 5.42
CA ALA A 16 -17.30 13.19 5.08
C ALA A 16 -17.25 12.03 6.08
N GLU A 17 -17.65 10.86 5.61
CA GLU A 17 -17.67 9.67 6.46
C GLU A 17 -16.47 8.76 6.14
N GLU A 18 -16.13 8.68 4.87
CA GLU A 18 -15.01 7.85 4.43
C GLU A 18 -13.68 8.56 4.67
N CYS A 19 -12.73 7.83 5.23
CA CYS A 19 -11.40 8.39 5.52
C CYS A 19 -10.36 7.29 5.64
N VAL A 20 -9.36 7.34 4.76
CA VAL A 20 -8.29 6.34 4.75
C VAL A 20 -8.86 4.94 4.92
N LEU A 21 -10.06 4.71 4.39
CA LEU A 21 -10.72 3.42 4.48
C LEU A 21 -10.15 2.46 3.44
N GLN A 22 -9.61 3.01 2.36
CA GLN A 22 -9.03 2.19 1.28
C GLN A 22 -7.56 2.54 1.08
N MET A 23 -6.75 1.54 0.80
CA MET A 23 -5.33 1.73 0.58
C MET A 23 -5.05 2.13 -0.87
N GLY A 24 -4.23 3.15 -1.06
CA GLY A 24 -3.89 3.60 -2.39
C GLY A 24 -2.55 4.30 -2.45
N GLY A 25 -1.68 3.81 -3.33
CA GLY A 25 -0.35 4.39 -3.46
C GLY A 25 0.59 3.95 -2.36
N VAL A 26 1.37 2.91 -2.64
CA VAL A 26 2.33 2.39 -1.67
C VAL A 26 3.63 1.97 -2.35
N LEU A 27 4.73 2.04 -1.60
CA LEU A 27 6.04 1.67 -2.12
C LEU A 27 6.52 0.37 -1.48
N CYS A 28 7.53 -0.23 -2.09
CA CYS A 28 8.09 -1.47 -1.57
C CYS A 28 8.44 -1.26 -0.09
N PRO A 29 7.76 -2.04 0.76
CA PRO A 29 7.95 -1.97 2.21
C PRO A 29 9.30 -2.52 2.64
N ARG A 30 9.95 -3.25 1.74
CA ARG A 30 11.25 -3.84 2.03
C ARG A 30 12.33 -2.77 2.06
N PRO A 31 13.42 -3.04 2.82
CA PRO A 31 14.53 -2.11 2.96
C PRO A 31 15.35 -1.99 1.67
N GLY A 32 15.83 -0.78 1.40
CA GLY A 32 16.62 -0.55 0.20
C GLY A 32 15.76 -0.26 -1.01
N CYS A 33 14.94 -1.22 -1.40
CA CYS A 33 14.07 -1.05 -2.55
C CYS A 33 13.24 0.22 -2.34
N GLY A 34 13.63 1.28 -3.04
CA GLY A 34 12.93 2.54 -2.93
C GLY A 34 11.83 2.69 -3.95
N ALA A 35 11.15 1.58 -4.25
CA ALA A 35 10.06 1.58 -5.21
C ALA A 35 9.00 2.62 -4.85
N GLY A 36 7.98 2.73 -5.68
CA GLY A 36 6.91 3.69 -5.43
C GLY A 36 5.97 3.83 -6.60
N LEU A 37 5.58 2.70 -7.19
CA LEU A 37 4.67 2.70 -8.33
C LEU A 37 3.24 2.47 -7.89
N LEU A 38 2.33 3.31 -8.36
CA LEU A 38 0.92 3.20 -8.01
C LEU A 38 0.33 1.91 -8.58
N PRO A 39 -0.02 0.97 -7.69
CA PRO A 39 -0.60 -0.31 -8.07
C PRO A 39 -2.02 -0.17 -8.60
N GLU A 40 -2.61 -1.28 -9.02
CA GLU A 40 -3.98 -1.28 -9.53
C GLU A 40 -4.99 -1.14 -8.41
N PRO A 41 -6.24 -0.80 -8.77
CA PRO A 41 -7.32 -0.64 -7.81
C PRO A 41 -7.76 -1.96 -7.18
N ASP A 42 -6.96 -3.01 -7.40
CA ASP A 42 -7.26 -4.32 -6.85
C ASP A 42 -5.99 -5.00 -6.35
N GLN A 43 -5.88 -5.14 -5.03
CA GLN A 43 -4.72 -5.77 -4.42
C GLN A 43 -4.49 -7.16 -5.00
N ARG A 44 -5.48 -7.66 -5.73
CA ARG A 44 -5.38 -8.99 -6.34
C ARG A 44 -3.94 -9.31 -6.71
N LYS A 45 -3.30 -8.38 -7.41
CA LYS A 45 -1.91 -8.56 -7.84
C LYS A 45 -1.20 -7.22 -7.96
N VAL A 46 -0.22 -7.00 -7.10
CA VAL A 46 0.55 -5.75 -7.12
C VAL A 46 2.05 -6.03 -7.28
N THR A 47 2.58 -5.69 -8.45
CA THR A 47 3.99 -5.91 -8.73
C THR A 47 4.79 -4.62 -8.53
N CYS A 48 5.84 -4.71 -7.72
CA CYS A 48 6.67 -3.54 -7.46
C CYS A 48 7.60 -3.34 -8.65
N GLU A 49 7.74 -4.39 -9.45
CA GLU A 49 8.59 -4.34 -10.63
C GLU A 49 8.17 -3.22 -11.57
N GLY A 50 9.05 -2.85 -12.50
CA GLY A 50 8.75 -1.79 -13.43
C GLY A 50 9.82 -0.72 -13.46
N GLY A 51 10.47 -0.56 -14.61
CA GLY A 51 11.51 0.43 -14.73
C GLY A 51 12.46 0.14 -15.88
N ASN A 52 13.71 0.60 -15.75
CA ASN A 52 14.72 0.38 -16.78
C ASN A 52 15.47 -0.92 -16.52
N GLY A 53 14.91 -1.78 -15.68
CA GLY A 53 15.54 -3.04 -15.37
C GLY A 53 15.14 -3.58 -14.01
N LEU A 54 14.81 -2.67 -13.10
CA LEU A 54 14.41 -3.06 -11.75
C LEU A 54 13.29 -4.10 -11.79
N GLY A 55 13.12 -4.82 -10.69
CA GLY A 55 12.08 -5.84 -10.62
C GLY A 55 12.26 -6.76 -9.42
N CYS A 56 11.43 -6.56 -8.41
CA CYS A 56 11.50 -7.38 -7.21
C CYS A 56 11.17 -8.81 -7.60
N GLY A 57 10.04 -8.97 -8.27
CA GLY A 57 9.59 -10.29 -8.70
C GLY A 57 8.54 -10.88 -7.78
N PHE A 58 8.46 -10.34 -6.57
CA PHE A 58 7.48 -10.81 -5.60
C PHE A 58 6.42 -9.76 -5.32
N ALA A 59 5.25 -9.95 -5.91
CA ALA A 59 4.15 -9.01 -5.73
C ALA A 59 3.72 -8.93 -4.27
N PHE A 60 2.99 -7.87 -3.92
CA PHE A 60 2.54 -7.68 -2.55
C PHE A 60 1.04 -7.33 -2.52
N CYS A 61 0.51 -7.13 -1.33
CA CYS A 61 -0.88 -6.78 -1.18
C CYS A 61 -0.98 -5.29 -0.83
N ARG A 62 -1.60 -4.54 -1.72
CA ARG A 62 -1.77 -3.10 -1.53
C ARG A 62 -2.76 -2.82 -0.40
N GLU A 63 -3.68 -3.75 -0.18
CA GLU A 63 -4.68 -3.60 0.87
C GLU A 63 -4.02 -3.50 2.24
N CYS A 64 -2.99 -4.31 2.45
CA CYS A 64 -2.29 -4.31 3.73
C CYS A 64 -0.84 -3.89 3.47
N LYS A 65 -0.58 -3.52 2.22
CA LYS A 65 0.76 -3.09 1.81
C LYS A 65 1.83 -4.03 2.38
N GLU A 66 1.47 -5.30 2.53
CA GLU A 66 2.40 -6.30 3.06
C GLU A 66 2.58 -7.45 2.07
N ALA A 67 3.44 -8.40 2.44
CA ALA A 67 3.70 -9.55 1.59
C ALA A 67 2.41 -10.25 1.19
N TYR A 68 2.32 -10.67 -0.07
CA TYR A 68 1.13 -11.33 -0.56
C TYR A 68 0.74 -12.51 0.33
N HIS A 69 -0.49 -12.49 0.81
CA HIS A 69 -0.98 -13.55 1.69
C HIS A 69 -2.20 -14.24 1.08
N GLU A 70 -2.14 -15.55 0.95
CA GLU A 70 -3.23 -16.33 0.38
C GLU A 70 -4.46 -16.28 1.29
N GLY A 71 -5.43 -15.46 0.91
CA GLY A 71 -6.65 -15.34 1.71
C GLY A 71 -7.22 -13.94 1.68
N GLU A 72 -6.91 -13.15 2.70
CA GLU A 72 -7.42 -11.78 2.79
C GLU A 72 -6.88 -11.09 4.04
N CYS A 73 -6.96 -9.76 4.05
CA CYS A 73 -6.49 -9.00 5.19
C CYS A 73 -7.56 -9.04 6.27
N SER A 74 -7.31 -9.88 7.28
CA SER A 74 -8.23 -10.04 8.39
C SER A 74 -8.17 -8.84 9.33
N ALA A 75 -6.98 -8.28 9.47
CA ALA A 75 -6.77 -7.13 10.34
C ALA A 75 -7.13 -5.83 9.63
N VAL A 76 -7.89 -5.95 8.55
CA VAL A 76 -8.31 -4.79 7.77
C VAL A 76 -9.65 -5.04 7.09
N PHE A 77 -10.36 -3.96 6.79
CA PHE A 77 -11.67 -4.06 6.13
C PHE A 77 -12.66 -4.81 7.02
N GLU A 78 -12.64 -4.51 8.31
CA GLU A 78 -13.53 -5.16 9.26
C GLU A 78 -14.42 -4.13 9.95
N ALA A 79 -15.64 -4.53 10.28
CA ALA A 79 -16.59 -3.65 10.94
C ALA A 79 -16.01 -3.11 12.24
N SER A 80 -15.57 -1.86 12.20
CA SER A 80 -14.99 -1.22 13.38
C SER A 80 -16.00 -1.16 14.51
N GLY A 1 -7.92 17.70 18.05
CA GLY A 1 -9.22 17.09 17.88
C GLY A 1 -10.19 17.97 17.14
N HIS A 2 -11.08 17.36 16.36
CA HIS A 2 -12.08 18.12 15.59
C HIS A 2 -13.44 18.08 16.29
N MET A 3 -14.36 18.90 15.81
CA MET A 3 -15.70 18.97 16.37
C MET A 3 -16.75 19.03 15.28
N GLY A 4 -17.57 17.99 15.19
CA GLY A 4 -18.61 17.94 14.17
C GLY A 4 -19.76 17.03 14.56
N GLU A 5 -20.59 16.68 13.58
CA GLU A 5 -21.73 15.80 13.84
C GLU A 5 -21.29 14.36 14.04
N GLU A 6 -22.16 13.55 14.62
CA GLU A 6 -21.86 12.15 14.87
C GLU A 6 -23.10 11.28 14.64
N GLN A 7 -22.87 9.97 14.48
CA GLN A 7 -23.96 9.04 14.26
C GLN A 7 -24.48 8.49 15.58
N TYR A 8 -25.68 7.90 15.55
CA TYR A 8 -26.30 7.33 16.74
C TYR A 8 -25.71 5.96 17.05
N ASN A 9 -25.92 5.01 16.14
CA ASN A 9 -25.41 3.66 16.31
C ASN A 9 -25.23 2.97 14.97
N ARG A 10 -24.09 2.31 14.79
CA ARG A 10 -23.79 1.61 13.56
C ARG A 10 -22.70 0.57 13.77
N TYR A 11 -22.48 -0.26 12.76
CA TYR A 11 -21.47 -1.31 12.84
C TYR A 11 -21.78 -2.28 13.97
N GLN A 12 -23.05 -2.63 14.11
CA GLN A 12 -23.48 -3.55 15.15
C GLN A 12 -22.73 -4.87 15.05
N GLN A 13 -22.56 -5.36 13.83
CA GLN A 13 -21.85 -6.62 13.60
C GLN A 13 -20.49 -6.61 14.28
N TYR A 14 -19.82 -7.75 14.26
CA TYR A 14 -18.50 -7.88 14.88
C TYR A 14 -17.43 -7.16 14.04
N GLY A 15 -17.25 -7.63 12.81
CA GLY A 15 -16.27 -7.03 11.93
C GLY A 15 -16.82 -5.83 11.19
N ALA A 16 -15.94 -4.87 10.88
CA ALA A 16 -16.35 -3.67 10.17
C ALA A 16 -16.71 -3.98 8.72
N GLU A 17 -17.63 -3.20 8.16
CA GLU A 17 -18.06 -3.40 6.78
C GLU A 17 -17.17 -2.62 5.81
N GLU A 18 -16.34 -3.33 5.07
CA GLU A 18 -15.45 -2.70 4.10
C GLU A 18 -15.93 -2.94 2.67
N CYS A 19 -16.34 -1.87 2.01
CA CYS A 19 -16.83 -1.95 0.64
C CYS A 19 -16.16 -0.90 -0.25
N VAL A 20 -15.62 -1.34 -1.37
CA VAL A 20 -14.96 -0.44 -2.31
C VAL A 20 -13.84 0.34 -1.62
N LEU A 21 -13.06 -0.35 -0.80
CA LEU A 21 -11.97 0.28 -0.07
C LEU A 21 -10.62 -0.22 -0.57
N GLN A 22 -9.68 0.69 -0.77
CA GLN A 22 -8.35 0.34 -1.25
C GLN A 22 -7.29 1.20 -0.58
N MET A 23 -6.09 0.64 -0.41
CA MET A 23 -4.98 1.35 0.21
C MET A 23 -4.64 2.61 -0.58
N GLY A 24 -4.13 2.44 -1.79
CA GLY A 24 -3.77 3.57 -2.61
C GLY A 24 -2.27 3.85 -2.60
N GLY A 25 -1.91 5.10 -2.83
CA GLY A 25 -0.51 5.48 -2.83
C GLY A 25 0.32 4.66 -1.86
N VAL A 26 1.05 3.69 -2.38
CA VAL A 26 1.89 2.83 -1.55
C VAL A 26 3.22 2.54 -2.23
N LEU A 27 4.28 2.45 -1.43
CA LEU A 27 5.61 2.17 -1.95
C LEU A 27 6.33 1.14 -1.09
N CYS A 28 7.26 0.41 -1.69
CA CYS A 28 8.02 -0.60 -0.96
C CYS A 28 8.88 0.11 0.08
N PRO A 29 8.58 -0.17 1.36
CA PRO A 29 9.30 0.42 2.49
C PRO A 29 10.72 -0.12 2.61
N ARG A 30 10.87 -1.42 2.41
CA ARG A 30 12.18 -2.06 2.50
C ARG A 30 13.20 -1.34 1.63
N PRO A 31 14.49 -1.49 1.96
CA PRO A 31 15.58 -0.87 1.20
C PRO A 31 15.76 -1.48 -0.18
N GLY A 32 15.74 -2.81 -0.23
CA GLY A 32 15.91 -3.50 -1.50
C GLY A 32 14.58 -3.73 -2.21
N CYS A 33 13.52 -3.18 -1.66
CA CYS A 33 12.20 -3.34 -2.26
C CYS A 33 11.75 -1.98 -2.80
N GLY A 34 12.27 -0.93 -2.17
CA GLY A 34 11.93 0.42 -2.58
C GLY A 34 11.60 0.52 -4.05
N ALA A 35 10.33 0.37 -4.39
CA ALA A 35 9.89 0.44 -5.78
C ALA A 35 9.13 1.74 -6.05
N GLY A 36 8.35 2.18 -5.07
CA GLY A 36 7.59 3.40 -5.23
C GLY A 36 6.70 3.37 -6.45
N LEU A 37 6.20 2.19 -6.79
CA LEU A 37 5.34 2.03 -7.95
C LEU A 37 3.89 1.77 -7.52
N LEU A 38 3.03 2.76 -7.75
CA LEU A 38 1.62 2.65 -7.38
C LEU A 38 1.00 1.39 -7.99
N PRO A 39 0.41 0.55 -7.14
CA PRO A 39 -0.22 -0.70 -7.57
C PRO A 39 -1.51 -0.45 -8.35
N GLU A 40 -1.94 -1.45 -9.11
CA GLU A 40 -3.16 -1.33 -9.90
C GLU A 40 -4.37 -1.05 -9.01
N PRO A 41 -5.50 -0.70 -9.64
CA PRO A 41 -6.74 -0.41 -8.93
C PRO A 41 -7.36 -1.64 -8.30
N ASP A 42 -6.67 -2.77 -8.42
CA ASP A 42 -7.15 -4.03 -7.85
C ASP A 42 -6.11 -4.63 -6.90
N GLN A 43 -6.34 -4.47 -5.60
CA GLN A 43 -5.43 -4.99 -4.59
C GLN A 43 -5.22 -6.50 -4.79
N ARG A 44 -6.10 -7.12 -5.55
CA ARG A 44 -6.02 -8.55 -5.81
C ARG A 44 -4.55 -9.00 -5.87
N LYS A 45 -3.80 -8.40 -6.78
CA LYS A 45 -2.38 -8.74 -6.94
C LYS A 45 -1.63 -7.59 -7.62
N VAL A 46 -0.69 -7.00 -6.88
CA VAL A 46 0.10 -5.90 -7.41
C VAL A 46 1.56 -6.32 -7.61
N THR A 47 2.13 -5.95 -8.75
CA THR A 47 3.51 -6.28 -9.06
C THR A 47 4.47 -5.26 -8.46
N CYS A 48 5.67 -5.73 -8.10
CA CYS A 48 6.66 -4.84 -7.53
C CYS A 48 7.41 -4.15 -8.66
N GLU A 49 6.83 -4.24 -9.85
CA GLU A 49 7.43 -3.63 -11.04
C GLU A 49 6.36 -3.01 -11.93
N GLY A 50 6.72 -1.96 -12.64
CA GLY A 50 5.78 -1.29 -13.52
C GLY A 50 5.55 0.16 -13.14
N GLY A 51 4.41 0.71 -13.56
CA GLY A 51 4.10 2.09 -13.25
C GLY A 51 5.18 3.05 -13.71
N ASN A 52 6.20 3.23 -12.88
CA ASN A 52 7.29 4.13 -13.21
C ASN A 52 8.38 3.40 -14.00
N GLY A 53 8.94 2.36 -13.41
CA GLY A 53 9.98 1.60 -14.08
C GLY A 53 10.63 0.58 -13.16
N LEU A 54 10.56 0.84 -11.85
CA LEU A 54 11.15 -0.06 -10.87
C LEU A 54 10.68 -1.50 -11.07
N GLY A 55 11.19 -2.41 -10.26
CA GLY A 55 10.79 -3.80 -10.37
C GLY A 55 11.55 -4.70 -9.41
N CYS A 56 10.99 -4.90 -8.23
CA CYS A 56 11.64 -5.74 -7.23
C CYS A 56 11.64 -7.19 -7.74
N GLY A 57 10.44 -7.71 -7.98
CA GLY A 57 10.30 -9.06 -8.47
C GLY A 57 9.34 -9.88 -7.65
N PHE A 58 8.57 -9.21 -6.80
CA PHE A 58 7.60 -9.89 -5.94
C PHE A 58 6.35 -9.03 -5.75
N ALA A 59 5.20 -9.61 -6.06
CA ALA A 59 3.92 -8.90 -5.93
C ALA A 59 3.47 -8.86 -4.48
N PHE A 60 2.79 -7.78 -4.10
CA PHE A 60 2.30 -7.62 -2.74
C PHE A 60 0.80 -7.33 -2.73
N CYS A 61 0.25 -7.16 -1.54
CA CYS A 61 -1.18 -6.87 -1.41
C CYS A 61 -1.34 -5.40 -1.04
N ARG A 62 -2.01 -4.66 -1.92
CA ARG A 62 -2.25 -3.24 -1.71
C ARG A 62 -3.17 -3.01 -0.51
N GLU A 63 -4.12 -3.92 -0.33
CA GLU A 63 -5.06 -3.81 0.78
C GLU A 63 -4.33 -3.63 2.10
N CYS A 64 -3.31 -4.45 2.32
CA CYS A 64 -2.53 -4.37 3.55
C CYS A 64 -1.13 -3.87 3.20
N LYS A 65 -0.96 -3.53 1.92
CA LYS A 65 0.32 -3.04 1.43
C LYS A 65 1.48 -3.84 2.01
N GLU A 66 1.24 -5.12 2.25
CA GLU A 66 2.26 -6.00 2.80
C GLU A 66 2.52 -7.18 1.88
N ALA A 67 3.49 -8.01 2.25
CA ALA A 67 3.84 -9.18 1.46
C ALA A 67 2.60 -10.02 1.14
N TYR A 68 2.50 -10.47 -0.09
CA TYR A 68 1.36 -11.29 -0.52
C TYR A 68 1.16 -12.47 0.41
N HIS A 69 0.10 -12.40 1.21
CA HIS A 69 -0.21 -13.47 2.15
C HIS A 69 -1.00 -14.58 1.48
N GLU A 70 -1.58 -14.28 0.32
CA GLU A 70 -2.36 -15.25 -0.42
C GLU A 70 -3.53 -15.76 0.41
N GLY A 71 -4.22 -14.84 1.07
CA GLY A 71 -5.36 -15.21 1.90
C GLY A 71 -6.31 -14.05 2.13
N GLU A 72 -6.37 -13.60 3.38
CA GLU A 72 -7.26 -12.48 3.74
C GLU A 72 -6.58 -11.55 4.72
N CYS A 73 -6.51 -10.27 4.36
CA CYS A 73 -5.88 -9.28 5.23
C CYS A 73 -6.35 -9.53 6.67
N SER A 74 -7.65 -9.76 6.80
CA SER A 74 -8.26 -10.01 8.10
C SER A 74 -7.33 -10.84 8.99
N ALA A 75 -6.83 -11.94 8.43
CA ALA A 75 -5.93 -12.82 9.16
C ALA A 75 -4.65 -12.09 9.55
N VAL A 76 -4.45 -11.91 10.86
CA VAL A 76 -3.27 -11.22 11.36
C VAL A 76 -2.00 -12.02 11.07
N PHE A 77 -2.18 -13.22 10.51
CA PHE A 77 -1.05 -14.08 10.17
C PHE A 77 -0.24 -14.43 11.42
N GLU A 78 -0.95 -14.70 12.52
CA GLU A 78 -0.29 -15.04 13.78
C GLU A 78 -1.21 -15.88 14.66
N ALA A 79 -0.64 -16.48 15.70
CA ALA A 79 -1.40 -17.32 16.61
C ALA A 79 -2.74 -16.67 16.95
N SER A 80 -2.70 -15.45 17.48
CA SER A 80 -3.91 -14.73 17.85
C SER A 80 -4.91 -14.74 16.70
N GLY A 1 29.75 47.21 0.96
CA GLY A 1 29.03 46.75 -0.20
C GLY A 1 27.72 46.08 0.15
N HIS A 2 26.75 46.14 -0.77
CA HIS A 2 25.45 45.54 -0.55
C HIS A 2 25.27 44.27 -1.38
N MET A 3 24.67 43.25 -0.78
CA MET A 3 24.45 41.98 -1.47
C MET A 3 23.04 41.47 -1.22
N GLY A 4 22.59 40.55 -2.06
CA GLY A 4 21.26 39.98 -1.91
C GLY A 4 20.83 39.18 -3.12
N GLU A 5 21.71 38.31 -3.59
CA GLU A 5 21.40 37.48 -4.76
C GLU A 5 20.73 36.17 -4.34
N GLU A 6 20.21 36.15 -3.11
CA GLU A 6 19.55 34.96 -2.60
C GLU A 6 18.16 34.79 -3.23
N GLN A 7 17.69 33.55 -3.27
CA GLN A 7 16.38 33.25 -3.85
C GLN A 7 15.26 33.66 -2.90
N TYR A 8 14.05 33.78 -3.44
CA TYR A 8 12.89 34.16 -2.64
C TYR A 8 12.51 33.05 -1.67
N ASN A 9 12.03 33.45 -0.49
CA ASN A 9 11.62 32.49 0.53
C ASN A 9 10.62 31.49 -0.03
N ARG A 10 10.22 30.53 0.80
CA ARG A 10 9.26 29.52 0.38
C ARG A 10 8.56 28.90 1.60
N TYR A 11 7.33 28.44 1.39
CA TYR A 11 6.55 27.84 2.46
C TYR A 11 6.83 26.34 2.57
N GLN A 12 6.33 25.72 3.63
CA GLN A 12 6.51 24.30 3.85
C GLN A 12 5.59 23.48 2.96
N GLN A 13 4.29 23.73 3.09
CA GLN A 13 3.29 23.01 2.30
C GLN A 13 3.28 21.53 2.65
N TYR A 14 3.37 21.23 3.95
CA TYR A 14 3.38 19.85 4.42
C TYR A 14 1.96 19.40 4.78
N GLY A 15 1.80 18.09 4.94
CA GLY A 15 0.49 17.54 5.28
C GLY A 15 0.02 16.51 4.28
N ALA A 16 -1.04 15.79 4.63
CA ALA A 16 -1.60 14.77 3.76
C ALA A 16 -3.07 15.04 3.45
N GLU A 17 -3.50 14.66 2.26
CA GLU A 17 -4.88 14.86 1.84
C GLU A 17 -5.76 13.70 2.27
N GLU A 18 -5.40 12.50 1.85
CA GLU A 18 -6.16 11.30 2.19
C GLU A 18 -6.21 11.11 3.71
N CYS A 19 -7.39 10.73 4.20
CA CYS A 19 -7.59 10.52 5.63
C CYS A 19 -8.60 9.40 5.88
N VAL A 20 -8.09 8.26 6.35
CA VAL A 20 -8.95 7.12 6.63
C VAL A 20 -9.54 6.54 5.35
N LEU A 21 -8.68 6.38 4.34
CA LEU A 21 -9.11 5.83 3.06
C LEU A 21 -8.33 4.57 2.72
N GLN A 22 -8.86 3.78 1.79
CA GLN A 22 -8.21 2.55 1.37
C GLN A 22 -6.76 2.80 0.98
N MET A 23 -5.98 1.73 0.90
CA MET A 23 -4.58 1.82 0.54
C MET A 23 -4.41 1.94 -0.97
N GLY A 24 -3.22 2.35 -1.41
CA GLY A 24 -2.96 2.49 -2.83
C GLY A 24 -1.64 3.20 -3.11
N GLY A 25 -1.24 4.07 -2.19
CA GLY A 25 0.00 4.80 -2.36
C GLY A 25 1.09 4.34 -1.41
N VAL A 26 1.61 3.13 -1.66
CA VAL A 26 2.66 2.57 -0.82
C VAL A 26 3.92 2.29 -1.62
N LEU A 27 5.02 2.01 -0.92
CA LEU A 27 6.28 1.71 -1.58
C LEU A 27 6.91 0.45 -1.02
N CYS A 28 7.88 -0.11 -1.74
CA CYS A 28 8.54 -1.32 -1.29
C CYS A 28 9.19 -1.05 0.07
N PRO A 29 9.02 -2.01 0.98
CA PRO A 29 9.56 -1.92 2.34
C PRO A 29 11.08 -2.03 2.36
N ARG A 30 11.66 -2.42 1.23
CA ARG A 30 13.11 -2.56 1.12
C ARG A 30 13.80 -1.20 1.17
N PRO A 31 14.85 -1.09 1.98
CA PRO A 31 15.61 0.15 2.14
C PRO A 31 16.43 0.48 0.90
N GLY A 32 16.52 -0.47 -0.01
CA GLY A 32 17.28 -0.26 -1.23
C GLY A 32 16.39 -0.15 -2.46
N CYS A 33 15.28 -0.89 -2.46
CA CYS A 33 14.36 -0.86 -3.57
C CYS A 33 13.28 0.18 -3.27
N GLY A 34 13.26 1.23 -4.08
CA GLY A 34 12.28 2.30 -3.92
C GLY A 34 11.20 2.26 -4.97
N ALA A 35 10.45 1.16 -5.02
CA ALA A 35 9.38 1.01 -5.99
C ALA A 35 8.48 2.25 -6.01
N GLY A 36 7.85 2.54 -4.88
CA GLY A 36 6.98 3.71 -4.80
C GLY A 36 6.12 3.87 -6.03
N LEU A 37 5.59 2.76 -6.53
CA LEU A 37 4.74 2.79 -7.73
C LEU A 37 3.28 2.53 -7.36
N LEU A 38 2.38 3.17 -8.09
CA LEU A 38 0.95 3.01 -7.85
C LEU A 38 0.35 1.95 -8.77
N PRO A 39 0.10 0.76 -8.21
CA PRO A 39 -0.48 -0.36 -8.97
C PRO A 39 -1.94 -0.12 -9.35
N GLU A 40 -2.59 -1.15 -9.88
CA GLU A 40 -3.99 -1.04 -10.28
C GLU A 40 -4.90 -0.94 -9.07
N PRO A 41 -6.16 -0.53 -9.30
CA PRO A 41 -7.15 -0.38 -8.25
C PRO A 41 -7.59 -1.72 -7.67
N ASP A 42 -6.95 -2.80 -8.11
CA ASP A 42 -7.28 -4.14 -7.64
C ASP A 42 -6.08 -4.77 -6.93
N GLN A 43 -6.13 -4.77 -5.60
CA GLN A 43 -5.05 -5.33 -4.80
C GLN A 43 -4.87 -6.82 -5.11
N ARG A 44 -5.87 -7.41 -5.74
CA ARG A 44 -5.81 -8.82 -6.10
C ARG A 44 -4.38 -9.26 -6.40
N LYS A 45 -3.64 -8.38 -7.08
CA LYS A 45 -2.25 -8.68 -7.43
C LYS A 45 -1.48 -7.39 -7.69
N VAL A 46 -0.56 -7.07 -6.80
CA VAL A 46 0.26 -5.86 -6.93
C VAL A 46 1.72 -6.21 -7.11
N THR A 47 2.25 -5.95 -8.30
CA THR A 47 3.64 -6.24 -8.60
C THR A 47 4.53 -5.03 -8.34
N CYS A 48 5.77 -5.26 -7.94
CA CYS A 48 6.68 -4.18 -7.66
C CYS A 48 7.54 -3.95 -8.91
N GLU A 49 7.63 -4.98 -9.73
CA GLU A 49 8.41 -4.91 -10.96
C GLU A 49 7.98 -3.71 -11.81
N GLY A 50 6.70 -3.37 -11.73
CA GLY A 50 6.19 -2.24 -12.49
C GLY A 50 7.04 -1.00 -12.32
N GLY A 51 6.80 -0.01 -13.18
CA GLY A 51 7.56 1.23 -13.11
C GLY A 51 8.95 1.03 -12.54
N ASN A 52 9.41 1.98 -11.74
CA ASN A 52 10.73 1.90 -11.13
C ASN A 52 10.92 0.57 -10.41
N GLY A 53 10.19 0.38 -9.32
CA GLY A 53 10.30 -0.85 -8.56
C GLY A 53 10.97 -1.96 -9.34
N LEU A 54 12.30 -2.02 -9.26
CA LEU A 54 13.06 -3.04 -9.96
C LEU A 54 12.52 -4.43 -9.67
N GLY A 55 12.11 -5.14 -10.72
CA GLY A 55 11.57 -6.47 -10.56
C GLY A 55 12.03 -7.12 -9.26
N CYS A 56 11.25 -6.95 -8.21
CA CYS A 56 11.58 -7.52 -6.92
C CYS A 56 11.45 -9.04 -7.03
N GLY A 57 10.41 -9.48 -7.73
CA GLY A 57 10.18 -10.90 -7.91
C GLY A 57 9.08 -11.42 -7.00
N PHE A 58 8.42 -10.52 -6.28
CA PHE A 58 7.36 -10.90 -5.36
C PHE A 58 6.33 -9.78 -5.25
N ALA A 59 5.06 -10.12 -5.51
CA ALA A 59 3.98 -9.16 -5.43
C ALA A 59 3.41 -9.08 -4.02
N PHE A 60 2.89 -7.90 -3.66
CA PHE A 60 2.32 -7.70 -2.33
C PHE A 60 0.84 -7.34 -2.42
N CYS A 61 0.22 -7.11 -1.29
CA CYS A 61 -1.19 -6.76 -1.25
C CYS A 61 -1.31 -5.30 -0.81
N ARG A 62 -1.82 -4.48 -1.74
CA ARG A 62 -1.99 -3.05 -1.47
C ARG A 62 -2.87 -2.83 -0.25
N GLU A 63 -3.99 -3.54 -0.20
CA GLU A 63 -4.92 -3.40 0.93
C GLU A 63 -4.16 -3.30 2.25
N CYS A 64 -3.43 -4.35 2.59
CA CYS A 64 -2.67 -4.36 3.82
C CYS A 64 -1.26 -3.86 3.52
N LYS A 65 -1.04 -3.55 2.25
CA LYS A 65 0.26 -3.05 1.80
C LYS A 65 1.39 -3.89 2.39
N GLU A 66 1.13 -5.18 2.58
CA GLU A 66 2.13 -6.08 3.13
C GLU A 66 2.34 -7.28 2.22
N ALA A 67 3.24 -8.18 2.61
CA ALA A 67 3.53 -9.37 1.82
C ALA A 67 2.25 -10.12 1.49
N TYR A 68 2.13 -10.53 0.23
CA TYR A 68 0.95 -11.26 -0.23
C TYR A 68 0.68 -12.46 0.67
N HIS A 69 -0.34 -12.34 1.52
CA HIS A 69 -0.71 -13.41 2.43
C HIS A 69 -1.33 -14.57 1.68
N GLU A 70 -1.43 -14.44 0.37
CA GLU A 70 -2.03 -15.48 -0.47
C GLU A 70 -3.40 -15.89 0.05
N GLY A 71 -4.19 -14.90 0.46
CA GLY A 71 -5.52 -15.18 0.97
C GLY A 71 -6.37 -13.93 1.07
N GLU A 72 -6.49 -13.39 2.29
CA GLU A 72 -7.28 -12.19 2.51
C GLU A 72 -6.82 -11.46 3.77
N CYS A 73 -6.79 -10.13 3.71
CA CYS A 73 -6.37 -9.34 4.83
C CYS A 73 -7.09 -9.85 6.08
N SER A 74 -8.41 -9.89 5.99
CA SER A 74 -9.25 -10.35 7.09
C SER A 74 -9.18 -11.87 7.22
N ALA A 75 -9.59 -12.56 6.16
CA ALA A 75 -9.58 -14.02 6.16
C ALA A 75 -8.20 -14.56 6.52
N VAL A 76 -8.13 -15.38 7.56
CA VAL A 76 -6.87 -15.96 8.00
C VAL A 76 -6.60 -17.29 7.30
N PHE A 77 -5.46 -17.40 6.63
CA PHE A 77 -5.09 -18.62 5.92
C PHE A 77 -3.75 -19.15 6.43
N GLU A 78 -3.82 -20.23 7.20
CA GLU A 78 -2.61 -20.85 7.75
C GLU A 78 -2.90 -22.25 8.27
N ALA A 79 -1.88 -23.09 8.31
CA ALA A 79 -2.02 -24.46 8.79
C ALA A 79 -2.27 -24.49 10.29
N SER A 80 -2.82 -25.60 10.77
CA SER A 80 -3.11 -25.76 12.19
C SER A 80 -1.83 -25.76 13.01
#